data_6PUF
#
_entry.id   6PUF
#
_cell.length_a   216.033
_cell.length_b   69.815
_cell.length_c   142.942
_cell.angle_alpha   90.000
_cell.angle_beta   104.260
_cell.angle_gamma   90.000
#
_symmetry.space_group_name_H-M   'C 1 2 1'
#
loop_
_entity.id
_entity.type
_entity.pdbx_description
1 polymer 'Major histocompatibility complex class I-related gene protein'
2 polymer Beta-2-microglobulin
3 polymer 'Human TCR alpha chain'
4 polymer 'Human TCR beta chain'
5 non-polymer 1-deoxy-1-({2,6-dioxo-5-[(E)-propylideneamino]-1,2,3,6-tetrahydropyrimidin-4-yl}amino)-D-ribitol
6 non-polymer GLYCEROL
7 non-polymer 'SODIUM ION'
8 water water
#
loop_
_entity_poly.entity_id
_entity_poly.type
_entity_poly.pdbx_seq_one_letter_code
_entity_poly.pdbx_strand_id
1 'polypeptide(L)'
;MRTHSLRYFRLGVSDPIHGVPEFISVGYVDSHPITTYDSVTRQKEPRAPWMAENLAPDHWERYTQLLRGWQQMFKVELKR
LQRHYNHSGSHTYQRMIGCELLEDGSTTGFLQYAYDGQDFLIFNKDTLSWLAVDNVAHTIKQAWEANQHELLYQKNWLEE
ECIAWLKRFLEYGKDTLQRTEPPLVRVNRKETFPGVTALFCKAHGFYPPEIYMTWMKNGEEIVQEIDYGDILPSGDGTYQ
AWASIELDPQSSNLYSCHVEHSGVHMVLQVP
;
A,C
2 'polypeptide(L)'
;MIQRTPKIQVYSRHPAENGKSNFLNCYVSGFHPSDIEVDLLKNGERIEKVEHSDLSFSKDWSFYLLYYTEFTPTEKDEYA
CRVNHVTLSQPKIVKWDRDM
;
B,F
3 'polypeptide(L)'
;MGQNIDQPTEMTATEGAIVQINCTYQTSGFNGLFWYQQHAGEAPTFLSYNVLDGLEEKGRFSSFLSRSKGYSYLLLKELQ
MKDSASYLCAVKDSNYQLIWGAGTKLIIKPDIQNPDPAVYQLRDSKSSDKSVCLFTDFDSQTNVSQSKDSDVYITDKCVL
DMRSMDFKSNSAVAWSNKSDFACANAFNNSIIPEDTFFPSPESS
;
D,G
4 'polypeptide(L)'
;MNAGVTQTPKFQVLKTGQSMTLQCAQDMNHNSMYWYRQDPGMGLRLIYYSASEGTTDKGEVPNGYNVSRLNKREFSLRLE
SAAPSQTSVYFCASSVWTGEGSGELFFGEGSRLTVLEDLKNVFPPEVAVFEPSEAEISHTQKATLVCLATGFYPDHVELS
WWVNGKEVHSGVCTDPQPLKEQPALNDSRYALSSRLRVSATFWQNPRNHFRCQVQFYGLSENDEWTQDRAKPVTQIVSAE
AWGRAD
;
E,H
#
loop_
_chem_comp.id
_chem_comp.type
_chem_comp.name
_chem_comp.formula
2LJ non-polymer 1-deoxy-1-({2,6-dioxo-5-[(E)-propylideneamino]-1,2,3,6-tetrahydropyrimidin-4-yl}amino)-D-ribitol 'C12 H20 N4 O6'
GOL non-polymer GLYCEROL 'C3 H8 O3'
NA non-polymer 'SODIUM ION' 'Na 1'
#
# COMPACT_ATOMS: atom_id res chain seq x y z
N MET A 1 -60.41 -10.46 25.43
CA MET A 1 -59.80 -11.72 25.03
C MET A 1 -59.66 -12.64 26.22
N ARG A 2 -59.63 -13.94 25.98
CA ARG A 2 -59.24 -14.87 27.04
C ARG A 2 -57.75 -14.71 27.33
N THR A 3 -57.27 -15.42 28.35
CA THR A 3 -55.84 -15.47 28.60
C THR A 3 -55.12 -16.12 27.43
N HIS A 4 -53.95 -15.57 27.07
CA HIS A 4 -53.10 -16.15 26.05
C HIS A 4 -51.65 -16.06 26.50
N SER A 5 -50.83 -16.96 25.95
CA SER A 5 -49.42 -17.03 26.31
C SER A 5 -48.58 -17.29 25.07
N LEU A 6 -47.33 -16.81 25.11
CA LEU A 6 -46.33 -17.14 24.11
C LEU A 6 -45.12 -17.73 24.82
N ARG A 7 -44.57 -18.82 24.28
CA ARG A 7 -43.41 -19.41 24.92
C ARG A 7 -42.54 -20.12 23.90
N TYR A 8 -41.23 -20.11 24.16
CA TYR A 8 -40.24 -20.82 23.36
C TYR A 8 -39.48 -21.81 24.23
N PHE A 9 -39.28 -23.01 23.70
CA PHE A 9 -38.49 -24.03 24.36
C PHE A 9 -37.22 -24.27 23.56
N ARG A 10 -36.16 -24.66 24.25
CA ARG A 10 -34.95 -25.18 23.64
C ARG A 10 -34.62 -26.51 24.29
N LEU A 11 -34.12 -27.46 23.49
CA LEU A 11 -33.72 -28.78 23.97
C LEU A 11 -32.37 -29.12 23.39
N GLY A 12 -31.42 -29.47 24.26
CA GLY A 12 -30.11 -29.96 23.82
C GLY A 12 -29.83 -31.33 24.42
N VAL A 13 -29.23 -32.20 23.61
CA VAL A 13 -28.90 -33.57 23.99
C VAL A 13 -27.40 -33.77 23.78
N SER A 14 -26.72 -34.31 24.80
CA SER A 14 -25.26 -34.29 24.75
C SER A 14 -24.68 -35.39 23.89
N ASP A 15 -25.34 -36.54 23.77
CA ASP A 15 -24.83 -37.65 22.98
C ASP A 15 -25.99 -38.39 22.31
N PRO A 16 -26.67 -37.75 21.36
CA PRO A 16 -27.88 -38.33 20.81
C PRO A 16 -27.57 -39.50 19.87
N ILE A 17 -28.56 -40.37 19.69
CA ILE A 17 -28.42 -41.53 18.82
C ILE A 17 -28.43 -41.09 17.36
N HIS A 18 -28.54 -42.07 16.45
CA HIS A 18 -28.18 -41.88 15.05
C HIS A 18 -28.84 -40.65 14.42
N GLY A 19 -30.17 -40.60 14.42
CA GLY A 19 -30.85 -39.54 13.69
C GLY A 19 -31.28 -38.34 14.52
N VAL A 20 -31.27 -38.48 15.84
CA VAL A 20 -31.91 -37.48 16.70
C VAL A 20 -31.12 -36.18 16.66
N PRO A 21 -31.78 -35.02 16.60
CA PRO A 21 -31.03 -33.75 16.59
C PRO A 21 -30.39 -33.45 17.93
N GLU A 22 -29.22 -32.82 17.87
CA GLU A 22 -28.55 -32.31 19.07
C GLU A 22 -29.34 -31.16 19.69
N PHE A 23 -30.09 -30.40 18.89
CA PHE A 23 -30.73 -29.18 19.34
C PHE A 23 -32.07 -29.00 18.63
N ILE A 24 -33.09 -28.62 19.39
CA ILE A 24 -34.44 -28.36 18.89
C ILE A 24 -34.97 -27.13 19.59
N SER A 25 -35.60 -26.22 18.83
CA SER A 25 -36.28 -25.08 19.44
C SER A 25 -37.64 -24.86 18.80
N VAL A 26 -38.69 -24.82 19.64
CA VAL A 26 -40.08 -24.67 19.19
C VAL A 26 -40.75 -23.56 20.00
N GLY A 27 -41.49 -22.71 19.31
CA GLY A 27 -42.35 -21.73 19.95
C GLY A 27 -43.81 -22.13 19.91
N TYR A 28 -44.56 -21.65 20.90
CA TYR A 28 -46.00 -21.88 21.01
C TYR A 28 -46.73 -20.59 21.31
N VAL A 29 -47.94 -20.47 20.75
CA VAL A 29 -48.95 -19.55 21.24
C VAL A 29 -50.10 -20.41 21.75
N ASP A 30 -50.38 -20.30 23.05
CA ASP A 30 -51.30 -21.22 23.75
C ASP A 30 -50.79 -22.63 23.48
N SER A 31 -51.62 -23.55 22.99
CA SER A 31 -51.23 -24.92 22.70
CA SER A 31 -51.17 -24.91 22.71
C SER A 31 -50.75 -25.11 21.26
N HIS A 32 -50.69 -24.05 20.46
CA HIS A 32 -50.39 -24.15 19.05
C HIS A 32 -48.91 -23.92 18.78
N PRO A 33 -48.18 -24.91 18.25
CA PRO A 33 -46.82 -24.63 17.75
C PRO A 33 -46.87 -23.57 16.65
N ILE A 34 -45.87 -22.68 16.66
CA ILE A 34 -45.83 -21.58 15.71
C ILE A 34 -44.52 -21.55 14.93
N THR A 35 -43.42 -21.97 15.56
CA THR A 35 -42.10 -21.93 14.95
C THR A 35 -41.34 -23.20 15.32
N THR A 36 -40.41 -23.59 14.45
CA THR A 36 -39.54 -24.72 14.76
C THR A 36 -38.18 -24.50 14.13
N TYR A 37 -37.18 -25.16 14.73
CA TYR A 37 -35.80 -25.11 14.31
C TYR A 37 -35.12 -26.33 14.92
N ASP A 38 -34.22 -26.96 14.19
CA ASP A 38 -33.36 -27.96 14.82
C ASP A 38 -32.00 -28.00 14.15
N SER A 39 -31.10 -28.77 14.74
CA SER A 39 -29.71 -28.81 14.30
C SER A 39 -29.53 -29.58 13.01
N VAL A 40 -30.57 -30.23 12.49
CA VAL A 40 -30.48 -30.93 11.21
C VAL A 40 -30.91 -30.04 10.06
N THR A 41 -32.08 -29.41 10.18
CA THR A 41 -32.53 -28.48 9.15
C THR A 41 -31.73 -27.18 9.18
N ARG A 42 -31.33 -26.74 10.38
CA ARG A 42 -30.63 -25.47 10.57
C ARG A 42 -31.41 -24.29 9.98
N GLN A 43 -32.74 -24.41 9.92
CA GLN A 43 -33.61 -23.36 9.42
C GLN A 43 -34.77 -23.15 10.39
N LYS A 44 -35.15 -21.90 10.60
CA LYS A 44 -36.35 -21.58 11.35
C LYS A 44 -37.54 -21.62 10.41
N GLU A 45 -38.57 -22.38 10.78
CA GLU A 45 -39.70 -22.62 9.91
C GLU A 45 -41.01 -22.39 10.64
N PRO A 46 -42.05 -21.93 9.95
CA PRO A 46 -43.36 -21.82 10.58
C PRO A 46 -43.95 -23.18 10.88
N ARG A 47 -44.72 -23.24 11.96
CA ARG A 47 -45.51 -24.42 12.29
C ARG A 47 -47.00 -24.13 12.29
N ALA A 48 -47.39 -22.90 11.97
CA ALA A 48 -48.78 -22.55 11.81
C ALA A 48 -48.93 -21.75 10.53
N PRO A 49 -49.99 -21.98 9.76
CA PRO A 49 -50.12 -21.28 8.48
C PRO A 49 -50.20 -19.78 8.63
N TRP A 50 -50.83 -19.28 9.70
CA TRP A 50 -50.96 -17.83 9.89
C TRP A 50 -49.65 -17.17 10.32
N MET A 51 -48.64 -17.95 10.67
CA MET A 51 -47.31 -17.40 10.86
C MET A 51 -46.60 -17.26 9.52
N ALA A 52 -46.74 -18.26 8.65
CA ALA A 52 -46.12 -18.18 7.33
C ALA A 52 -46.65 -16.99 6.53
N GLU A 53 -47.94 -16.72 6.65
CA GLU A 53 -48.58 -15.72 5.79
C GLU A 53 -48.34 -14.30 6.26
N ASN A 54 -47.86 -14.11 7.48
CA ASN A 54 -47.78 -12.78 8.06
C ASN A 54 -46.37 -12.33 8.36
N LEU A 55 -45.37 -13.20 8.26
CA LEU A 55 -43.98 -12.85 8.54
C LEU A 55 -43.16 -13.03 7.27
N ALA A 56 -42.56 -11.93 6.80
CA ALA A 56 -41.82 -11.93 5.55
C ALA A 56 -40.57 -12.81 5.67
N PRO A 57 -40.00 -13.24 4.54
CA PRO A 57 -38.75 -14.04 4.59
C PRO A 57 -37.65 -13.40 5.41
N ASP A 58 -37.60 -12.07 5.47
CA ASP A 58 -36.60 -11.39 6.28
C ASP A 58 -36.66 -11.83 7.73
N HIS A 59 -37.86 -12.12 8.25
CA HIS A 59 -37.98 -12.59 9.63
C HIS A 59 -37.32 -13.94 9.81
N TRP A 60 -37.70 -14.91 8.98
CA TRP A 60 -37.17 -16.27 9.12
C TRP A 60 -35.67 -16.32 8.86
N GLU A 61 -35.16 -15.46 7.97
CA GLU A 61 -33.74 -15.48 7.69
C GLU A 61 -32.94 -14.95 8.87
N ARG A 62 -33.43 -13.87 9.49
CA ARG A 62 -32.72 -13.31 10.64
CA ARG A 62 -32.74 -13.30 10.65
C ARG A 62 -32.70 -14.28 11.81
N TYR A 63 -33.87 -14.79 12.20
CA TYR A 63 -33.92 -15.67 13.36
C TYR A 63 -33.26 -17.01 13.10
N THR A 64 -33.20 -17.44 11.84
CA THR A 64 -32.39 -18.61 11.50
C THR A 64 -30.93 -18.41 11.90
N GLN A 65 -30.37 -17.22 11.64
CA GLN A 65 -29.00 -16.95 12.05
C GLN A 65 -28.87 -16.91 13.57
N LEU A 66 -29.82 -16.26 14.24
CA LEU A 66 -29.77 -16.22 15.71
C LEU A 66 -29.85 -17.62 16.29
N LEU A 67 -30.72 -18.47 15.73
CA LEU A 67 -30.88 -19.81 16.25
C LEU A 67 -29.63 -20.66 16.03
N ARG A 68 -28.90 -20.43 14.93
CA ARG A 68 -27.63 -21.13 14.74
C ARG A 68 -26.62 -20.72 15.80
N GLY A 69 -26.63 -19.46 16.21
CA GLY A 69 -25.79 -19.05 17.32
C GLY A 69 -26.29 -19.59 18.65
N TRP A 70 -27.60 -19.52 18.87
CA TRP A 70 -28.18 -20.09 20.08
C TRP A 70 -27.93 -21.58 20.18
N GLN A 71 -27.96 -22.29 19.05
CA GLN A 71 -27.65 -23.72 19.06
C GLN A 71 -26.26 -23.98 19.61
N GLN A 72 -25.26 -23.22 19.13
CA GLN A 72 -23.89 -23.41 19.58
C GLN A 72 -23.72 -23.07 21.06
N MET A 73 -24.38 -22.00 21.52
CA MET A 73 -24.29 -21.64 22.94
C MET A 73 -24.89 -22.72 23.83
N PHE A 74 -26.01 -23.31 23.39
CA PHE A 74 -26.64 -24.37 24.16
C PHE A 74 -25.70 -25.57 24.29
N LYS A 75 -24.99 -25.91 23.22
CA LYS A 75 -24.02 -27.00 23.28
C LYS A 75 -22.90 -26.69 24.25
N VAL A 76 -22.38 -25.46 24.22
CA VAL A 76 -21.31 -25.08 25.15
C VAL A 76 -21.82 -25.12 26.59
N GLU A 77 -23.04 -24.62 26.82
CA GLU A 77 -23.59 -24.62 28.17
C GLU A 77 -23.78 -26.03 28.70
N LEU A 78 -24.32 -26.92 27.85
CA LEU A 78 -24.57 -28.30 28.29
C LEU A 78 -23.26 -29.03 28.58
N LYS A 79 -22.27 -28.87 27.70
CA LYS A 79 -20.93 -29.41 27.95
C LYS A 79 -20.41 -28.97 29.31
N ARG A 80 -20.59 -27.69 29.64
CA ARG A 80 -20.10 -27.20 30.93
C ARG A 80 -20.85 -27.86 32.09
N LEU A 81 -22.18 -28.00 31.96
CA LEU A 81 -22.97 -28.62 33.02
C LEU A 81 -22.55 -30.06 33.24
N GLN A 82 -22.47 -30.84 32.16
CA GLN A 82 -22.15 -32.25 32.29
C GLN A 82 -20.73 -32.44 32.80
N ARG A 83 -19.82 -31.52 32.46
CA ARG A 83 -18.49 -31.57 33.04
C ARG A 83 -18.54 -31.34 34.55
N HIS A 84 -19.34 -30.37 35.00
CA HIS A 84 -19.36 -30.04 36.42
C HIS A 84 -20.17 -31.06 37.23
N TYR A 85 -21.16 -31.70 36.63
CA TYR A 85 -21.84 -32.80 37.31
C TYR A 85 -21.00 -34.07 37.32
N ASN A 86 -19.93 -34.13 36.52
CA ASN A 86 -19.11 -35.33 36.37
C ASN A 86 -19.95 -36.49 35.84
N HIS A 87 -20.78 -36.21 34.84
CA HIS A 87 -21.72 -37.18 34.29
C HIS A 87 -21.21 -37.70 32.96
N SER A 88 -21.28 -39.01 32.78
CA SER A 88 -21.02 -39.63 31.49
C SER A 88 -22.33 -39.92 30.78
N GLY A 89 -22.23 -40.33 29.51
CA GLY A 89 -23.41 -40.64 28.73
C GLY A 89 -24.09 -39.40 28.19
N SER A 90 -25.34 -39.59 27.78
CA SER A 90 -26.14 -38.54 27.15
C SER A 90 -27.07 -37.90 28.18
N HIS A 91 -27.08 -36.58 28.24
CA HIS A 91 -27.91 -35.84 29.17
C HIS A 91 -28.59 -34.70 28.43
N THR A 92 -29.69 -34.22 28.99
CA THR A 92 -30.51 -33.19 28.34
C THR A 92 -30.40 -31.85 29.06
N TYR A 93 -30.53 -30.79 28.27
CA TYR A 93 -30.55 -29.41 28.76
C TYR A 93 -31.75 -28.73 28.14
N GLN A 94 -32.50 -27.99 28.94
CA GLN A 94 -33.75 -27.43 28.43
C GLN A 94 -33.91 -26.01 28.91
N ARG A 95 -34.61 -25.22 28.11
CA ARG A 95 -34.92 -23.83 28.44
C ARG A 95 -36.36 -23.55 28.06
N MET A 96 -37.02 -22.71 28.86
CA MET A 96 -38.34 -22.22 28.53
CA MET A 96 -38.35 -22.23 28.55
C MET A 96 -38.43 -20.76 28.91
N ILE A 97 -38.88 -19.94 27.96
CA ILE A 97 -39.09 -18.50 28.15
C ILE A 97 -40.48 -18.17 27.62
N GLY A 98 -41.12 -17.17 28.20
CA GLY A 98 -42.42 -16.81 27.70
C GLY A 98 -43.16 -15.83 28.59
N CYS A 99 -44.38 -15.51 28.17
CA CYS A 99 -45.18 -14.54 28.88
C CYS A 99 -46.67 -14.86 28.68
N GLU A 100 -47.48 -14.37 29.61
CA GLU A 100 -48.93 -14.51 29.55
C GLU A 100 -49.58 -13.12 29.57
N LEU A 101 -50.58 -12.94 28.71
CA LEU A 101 -51.46 -11.78 28.73
C LEU A 101 -52.82 -12.25 29.27
N LEU A 102 -53.11 -11.90 30.53
CA LEU A 102 -54.32 -12.40 31.18
C LEU A 102 -55.55 -11.60 30.74
N GLU A 103 -56.71 -12.18 31.01
CA GLU A 103 -57.99 -11.57 30.61
C GLU A 103 -58.11 -10.14 31.12
N ASP A 104 -57.70 -9.90 32.37
CA ASP A 104 -57.84 -8.59 33.00
C ASP A 104 -56.80 -7.58 32.54
N GLY A 105 -55.87 -7.95 31.67
CA GLY A 105 -54.85 -7.05 31.18
C GLY A 105 -53.51 -7.18 31.87
N SER A 106 -53.45 -7.82 33.03
CA SER A 106 -52.18 -8.04 33.69
C SER A 106 -51.33 -9.04 32.90
N THR A 107 -50.03 -9.04 33.20
CA THR A 107 -49.09 -9.87 32.47
C THR A 107 -48.25 -10.66 33.46
N THR A 108 -47.73 -11.79 32.97
CA THR A 108 -46.69 -12.54 33.65
C THR A 108 -45.58 -12.83 32.65
N GLY A 109 -44.42 -13.20 33.18
CA GLY A 109 -43.25 -13.50 32.38
C GLY A 109 -42.36 -14.49 33.11
N PHE A 110 -41.72 -15.40 32.38
CA PHE A 110 -40.99 -16.47 33.04
C PHE A 110 -39.83 -16.92 32.16
N LEU A 111 -38.77 -17.41 32.82
CA LEU A 111 -37.58 -17.94 32.18
C LEU A 111 -36.97 -18.95 33.12
N GLN A 112 -36.75 -20.17 32.66
CA GLN A 112 -36.17 -21.20 33.51
C GLN A 112 -35.44 -22.22 32.65
N TYR A 113 -34.61 -23.02 33.31
CA TYR A 113 -33.75 -24.00 32.66
C TYR A 113 -33.87 -25.33 33.39
N ALA A 114 -33.60 -26.41 32.68
CA ALA A 114 -33.66 -27.72 33.28
C ALA A 114 -32.51 -28.58 32.78
N TYR A 115 -32.02 -29.45 33.65
CA TYR A 115 -31.03 -30.47 33.33
C TYR A 115 -31.62 -31.83 33.64
N ASP A 116 -31.58 -32.72 32.65
CA ASP A 116 -32.21 -34.05 32.74
C ASP A 116 -33.68 -33.96 33.15
N GLY A 117 -34.36 -32.94 32.66
CA GLY A 117 -35.79 -32.80 32.89
C GLY A 117 -36.20 -32.31 34.26
N GLN A 118 -35.26 -31.80 35.04
CA GLN A 118 -35.56 -31.27 36.36
C GLN A 118 -35.12 -29.81 36.41
N ASP A 119 -35.89 -29.01 37.16
CA ASP A 119 -35.55 -27.61 37.36
C ASP A 119 -34.09 -27.44 37.70
N PHE A 120 -33.47 -26.42 37.11
CA PHE A 120 -32.06 -26.17 37.29
C PHE A 120 -31.86 -24.73 37.74
N LEU A 121 -32.34 -23.78 36.93
CA LEU A 121 -32.26 -22.36 37.26
C LEU A 121 -33.59 -21.72 36.90
N ILE A 122 -34.09 -20.87 37.78
CA ILE A 122 -35.37 -20.19 37.59
C ILE A 122 -35.16 -18.71 37.80
N PHE A 123 -35.56 -17.91 36.81
CA PHE A 123 -35.36 -16.47 36.86
C PHE A 123 -36.47 -15.79 37.65
N ASN A 124 -36.11 -14.89 38.55
CA ASN A 124 -37.05 -13.98 39.20
C ASN A 124 -36.82 -12.59 38.62
N LYS A 125 -37.73 -12.13 37.78
CA LYS A 125 -37.58 -10.83 37.13
C LYS A 125 -38.00 -9.67 38.02
N ASP A 126 -38.48 -9.93 39.23
CA ASP A 126 -38.78 -8.85 40.16
C ASP A 126 -37.56 -8.51 41.01
N THR A 127 -36.97 -9.54 41.62
CA THR A 127 -35.73 -9.36 42.37
C THR A 127 -34.49 -9.40 41.49
N LEU A 128 -34.65 -9.68 40.19
CA LEU A 128 -33.54 -9.78 39.24
C LEU A 128 -32.45 -10.71 39.77
N SER A 129 -32.81 -11.98 39.91
CA SER A 129 -31.89 -12.98 40.44
C SER A 129 -32.30 -14.35 39.91
N TRP A 130 -31.39 -15.31 40.08
CA TRP A 130 -31.57 -16.68 39.61
C TRP A 130 -31.62 -17.63 40.80
N LEU A 131 -32.63 -18.50 40.81
CA LEU A 131 -32.76 -19.50 41.85
C LEU A 131 -32.04 -20.77 41.42
N ALA A 132 -31.03 -21.18 42.20
CA ALA A 132 -30.23 -22.36 41.91
C ALA A 132 -30.73 -23.54 42.75
N VAL A 133 -30.88 -24.71 42.11
CA VAL A 133 -31.34 -25.89 42.82
C VAL A 133 -30.21 -26.71 43.43
N ASP A 134 -28.99 -26.56 42.94
CA ASP A 134 -27.84 -27.28 43.49
C ASP A 134 -26.58 -26.46 43.23
N ASN A 135 -25.43 -27.03 43.52
CA ASN A 135 -24.20 -26.25 43.48
C ASN A 135 -23.62 -26.12 42.08
N VAL A 136 -23.98 -26.99 41.15
CA VAL A 136 -23.65 -26.73 39.76
C VAL A 136 -24.43 -25.51 39.27
N ALA A 137 -25.74 -25.49 39.55
CA ALA A 137 -26.55 -24.32 39.24
C ALA A 137 -26.06 -23.09 39.97
N HIS A 138 -25.56 -23.25 41.21
CA HIS A 138 -25.07 -22.11 41.98
C HIS A 138 -23.90 -21.44 41.29
N THR A 139 -22.98 -22.24 40.73
CA THR A 139 -21.86 -21.67 40.00
C THR A 139 -22.34 -20.86 38.80
N ILE A 140 -23.32 -21.36 38.07
CA ILE A 140 -23.87 -20.63 36.93
C ILE A 140 -24.60 -19.37 37.39
N LYS A 141 -25.39 -19.50 38.47
CA LYS A 141 -26.08 -18.36 39.05
C LYS A 141 -25.12 -17.20 39.32
N GLN A 142 -23.95 -17.49 39.89
CA GLN A 142 -23.01 -16.43 40.20
CA GLN A 142 -22.99 -16.43 40.20
C GLN A 142 -22.48 -15.76 38.93
N ALA A 143 -22.14 -16.57 37.93
CA ALA A 143 -21.65 -16.01 36.66
C ALA A 143 -22.72 -15.20 35.95
N TRP A 144 -23.97 -15.68 35.96
CA TRP A 144 -25.02 -14.95 35.28
C TRP A 144 -25.38 -13.66 36.01
N GLU A 145 -25.40 -13.71 37.35
CA GLU A 145 -25.78 -12.53 38.11
C GLU A 145 -24.67 -11.48 38.14
N ALA A 146 -23.44 -11.85 37.79
CA ALA A 146 -22.39 -10.86 37.66
C ALA A 146 -22.57 -10.01 36.41
N ASN A 147 -23.35 -10.48 35.44
CA ASN A 147 -23.63 -9.72 34.22
C ASN A 147 -25.01 -9.06 34.37
N GLN A 148 -25.04 -8.02 35.20
CA GLN A 148 -26.32 -7.44 35.59
C GLN A 148 -27.09 -6.87 34.40
N HIS A 149 -26.38 -6.41 33.36
CA HIS A 149 -27.07 -5.87 32.19
C HIS A 149 -27.91 -6.92 31.49
N GLU A 150 -27.43 -8.16 31.47
CA GLU A 150 -28.19 -9.21 30.80
C GLU A 150 -29.45 -9.55 31.57
N LEU A 151 -29.38 -9.50 32.91
CA LEU A 151 -30.57 -9.66 33.73
C LEU A 151 -31.61 -8.59 33.41
N LEU A 152 -31.17 -7.34 33.29
CA LEU A 152 -32.11 -6.27 32.95
C LEU A 152 -32.67 -6.46 31.55
N TYR A 153 -31.83 -6.89 30.60
CA TYR A 153 -32.32 -7.18 29.26
C TYR A 153 -33.38 -8.28 29.28
N GLN A 154 -33.16 -9.32 30.09
CA GLN A 154 -34.15 -10.40 30.15
C GLN A 154 -35.45 -9.91 30.78
N LYS A 155 -35.37 -9.03 31.77
CA LYS A 155 -36.60 -8.47 32.36
C LYS A 155 -37.37 -7.65 31.33
N ASN A 156 -36.67 -6.78 30.60
CA ASN A 156 -37.32 -6.01 29.54
C ASN A 156 -37.93 -6.93 28.49
N TRP A 157 -37.22 -7.98 28.09
CA TRP A 157 -37.77 -8.81 27.03
C TRP A 157 -39.03 -9.53 27.50
N LEU A 158 -39.01 -10.05 28.73
CA LEU A 158 -40.18 -10.76 29.24
C LEU A 158 -41.38 -9.84 29.40
N GLU A 159 -41.15 -8.62 29.88
CA GLU A 159 -42.25 -7.72 30.23
C GLU A 159 -42.75 -6.90 29.05
N GLU A 160 -41.88 -6.51 28.13
CA GLU A 160 -42.27 -5.63 27.02
C GLU A 160 -42.27 -6.35 25.68
N GLU A 161 -41.15 -6.96 25.29
CA GLU A 161 -41.02 -7.54 23.96
C GLU A 161 -41.92 -8.76 23.80
N CYS A 162 -41.85 -9.68 24.76
CA CYS A 162 -42.63 -10.90 24.66
C CYS A 162 -44.11 -10.58 24.51
N ILE A 163 -44.61 -9.64 25.31
CA ILE A 163 -46.03 -9.28 25.25
C ILE A 163 -46.37 -8.67 23.90
N ALA A 164 -45.45 -7.87 23.35
CA ALA A 164 -45.71 -7.26 22.06
C ALA A 164 -45.71 -8.30 20.94
N TRP A 165 -44.79 -9.27 20.99
CA TRP A 165 -44.83 -10.38 20.05
C TRP A 165 -46.16 -11.13 20.15
N LEU A 166 -46.59 -11.42 21.39
CA LEU A 166 -47.80 -12.21 21.59
C LEU A 166 -49.01 -11.52 20.98
N LYS A 167 -49.16 -10.22 21.26
CA LYS A 167 -50.29 -9.49 20.70
C LYS A 167 -50.24 -9.50 19.17
N ARG A 168 -49.02 -9.43 18.61
CA ARG A 168 -48.86 -9.48 17.17
C ARG A 168 -49.29 -10.84 16.61
N PHE A 169 -48.81 -11.92 17.23
CA PHE A 169 -49.18 -13.26 16.77
C PHE A 169 -50.67 -13.54 17.00
N LEU A 170 -51.24 -13.00 18.07
CA LEU A 170 -52.65 -13.21 18.36
CA LEU A 170 -52.65 -13.23 18.35
C LEU A 170 -53.52 -12.61 17.27
N GLU A 171 -53.14 -11.44 16.75
CA GLU A 171 -53.89 -10.86 15.65
C GLU A 171 -53.72 -11.68 14.38
N TYR A 172 -52.47 -12.12 14.12
CA TYR A 172 -52.21 -13.00 12.98
C TYR A 172 -53.14 -14.21 12.98
N GLY A 173 -53.20 -14.91 14.11
CA GLY A 173 -53.98 -16.14 14.14
C GLY A 173 -55.34 -16.02 14.80
N LYS A 174 -55.94 -14.83 14.79
CA LYS A 174 -57.14 -14.62 15.60
C LYS A 174 -58.29 -15.53 15.17
N ASP A 175 -58.34 -15.91 13.89
CA ASP A 175 -59.39 -16.82 13.43
C ASP A 175 -59.28 -18.17 14.10
N THR A 176 -58.07 -18.58 14.46
CA THR A 176 -57.88 -19.83 15.21
C THR A 176 -57.92 -19.57 16.70
N LEU A 177 -57.10 -18.63 17.18
CA LEU A 177 -56.84 -18.50 18.61
C LEU A 177 -58.02 -17.91 19.37
N GLN A 178 -58.84 -17.10 18.70
CA GLN A 178 -59.88 -16.37 19.41
C GLN A 178 -61.27 -16.91 19.13
N ARG A 179 -61.38 -18.04 18.43
CA ARG A 179 -62.68 -18.63 18.16
C ARG A 179 -63.16 -19.45 19.36
N THR A 180 -64.45 -19.78 19.36
CA THR A 180 -65.03 -20.64 20.39
C THR A 180 -65.84 -21.73 19.72
N GLU A 181 -65.55 -22.97 20.05
CA GLU A 181 -66.39 -24.10 19.66
C GLU A 181 -66.87 -24.76 20.95
N PRO A 182 -68.15 -24.64 21.31
CA PRO A 182 -68.59 -25.15 22.60
C PRO A 182 -68.57 -26.67 22.62
N PRO A 183 -68.44 -27.28 23.80
CA PRO A 183 -68.38 -28.74 23.86
C PRO A 183 -69.74 -29.39 23.65
N LEU A 184 -69.70 -30.63 23.16
CA LEU A 184 -70.83 -31.55 23.20
C LEU A 184 -70.61 -32.50 24.38
N VAL A 185 -71.54 -32.49 25.33
CA VAL A 185 -71.35 -33.20 26.59
C VAL A 185 -72.46 -34.23 26.76
N ARG A 186 -72.10 -35.40 27.29
CA ARG A 186 -73.03 -36.50 27.52
C ARG A 186 -72.60 -37.23 28.79
N VAL A 187 -73.53 -38.00 29.36
CA VAL A 187 -73.27 -38.85 30.50
C VAL A 187 -73.58 -40.29 30.11
N ASN A 188 -72.76 -41.24 30.59
CA ASN A 188 -73.05 -42.65 30.41
C ASN A 188 -72.50 -43.42 31.60
N ARG A 189 -72.93 -44.68 31.71
CA ARG A 189 -72.59 -45.55 32.83
C ARG A 189 -71.65 -46.65 32.37
N LYS A 190 -70.55 -46.82 33.10
CA LYS A 190 -69.55 -47.84 32.78
C LYS A 190 -68.77 -48.25 34.03
N THR A 197 -69.70 -49.59 39.41
CA THR A 197 -70.17 -48.81 38.27
C THR A 197 -70.04 -47.31 38.52
N ALA A 198 -69.50 -46.59 37.53
CA ALA A 198 -69.25 -45.17 37.64
C ALA A 198 -69.98 -44.42 36.54
N LEU A 199 -70.28 -43.14 36.81
CA LEU A 199 -70.85 -42.26 35.81
C LEU A 199 -69.73 -41.47 35.15
N PHE A 200 -69.64 -41.58 33.83
CA PHE A 200 -68.65 -40.85 33.03
C PHE A 200 -69.34 -39.67 32.36
N CYS A 201 -68.84 -38.47 32.66
CA CYS A 201 -69.27 -37.26 31.97
C CYS A 201 -68.23 -36.94 30.91
N LYS A 202 -68.62 -37.00 29.64
CA LYS A 202 -67.71 -36.88 28.51
C LYS A 202 -68.04 -35.64 27.68
N ALA A 203 -67.01 -34.87 27.33
CA ALA A 203 -67.15 -33.73 26.44
C ALA A 203 -66.19 -33.88 25.28
N HIS A 204 -66.62 -33.39 24.10
CA HIS A 204 -65.75 -33.40 22.92
C HIS A 204 -66.14 -32.27 21.97
N GLY A 205 -65.26 -32.04 21.00
CA GLY A 205 -65.48 -31.05 19.96
C GLY A 205 -65.23 -29.62 20.35
N PHE A 206 -64.57 -29.35 21.48
CA PHE A 206 -64.51 -27.99 21.98
C PHE A 206 -63.15 -27.33 21.74
N TYR A 207 -63.18 -26.00 21.68
CA TYR A 207 -62.01 -25.13 21.56
C TYR A 207 -62.40 -23.82 22.23
N PRO A 208 -61.51 -23.20 23.04
CA PRO A 208 -60.14 -23.59 23.41
C PRO A 208 -60.09 -24.83 24.29
N PRO A 209 -58.90 -25.42 24.50
CA PRO A 209 -58.83 -26.65 25.31
C PRO A 209 -59.14 -26.43 26.79
N GLU A 210 -59.04 -25.20 27.29
CA GLU A 210 -59.33 -24.97 28.70
C GLU A 210 -60.79 -25.24 29.00
N ILE A 211 -61.04 -26.16 29.93
CA ILE A 211 -62.40 -26.57 30.28
C ILE A 211 -62.37 -27.06 31.72
N TYR A 212 -63.48 -26.88 32.42
CA TYR A 212 -63.62 -27.35 33.79
C TYR A 212 -64.84 -28.27 33.87
N MET A 213 -64.59 -29.53 34.20
CA MET A 213 -65.64 -30.52 34.39
C MET A 213 -65.51 -31.07 35.81
N THR A 214 -66.64 -31.18 36.50
CA THR A 214 -66.65 -31.74 37.83
C THR A 214 -68.02 -32.34 38.10
N TRP A 215 -68.10 -33.14 39.16
CA TRP A 215 -69.33 -33.79 39.55
C TRP A 215 -69.82 -33.21 40.86
N MET A 216 -71.13 -33.04 40.97
CA MET A 216 -71.78 -32.67 42.21
C MET A 216 -72.64 -33.82 42.69
N LYS A 217 -72.79 -33.93 44.00
CA LYS A 217 -73.66 -34.92 44.63
C LYS A 217 -74.58 -34.19 45.59
N ASN A 218 -75.87 -34.10 45.25
CA ASN A 218 -76.87 -33.39 46.02
C ASN A 218 -76.50 -31.93 46.22
N GLY A 219 -75.69 -31.36 45.34
CA GLY A 219 -75.29 -29.97 45.42
C GLY A 219 -73.89 -29.71 45.94
N GLU A 220 -73.21 -30.73 46.46
CA GLU A 220 -71.86 -30.59 46.98
C GLU A 220 -70.85 -31.21 46.01
N GLU A 221 -69.73 -30.51 45.81
CA GLU A 221 -68.67 -31.08 45.00
C GLU A 221 -67.86 -32.07 45.82
N ILE A 222 -67.38 -33.12 45.15
CA ILE A 222 -66.77 -34.26 45.82
C ILE A 222 -65.37 -34.51 45.26
N VAL A 223 -64.44 -33.58 45.52
CA VAL A 223 -63.17 -33.54 44.79
C VAL A 223 -62.39 -34.84 44.94
N GLN A 224 -62.29 -35.36 46.17
CA GLN A 224 -61.54 -36.58 46.41
C GLN A 224 -62.18 -37.79 45.76
N GLU A 225 -63.48 -37.72 45.46
CA GLU A 225 -64.21 -38.85 44.90
C GLU A 225 -64.27 -38.84 43.37
N ILE A 226 -63.78 -37.79 42.72
CA ILE A 226 -63.90 -37.64 41.27
C ILE A 226 -62.59 -38.00 40.60
N ASP A 227 -62.68 -38.73 39.48
CA ASP A 227 -61.55 -39.02 38.63
C ASP A 227 -61.58 -38.06 37.44
N TYR A 228 -60.51 -37.29 37.28
CA TYR A 228 -60.43 -36.28 36.21
C TYR A 228 -59.58 -36.82 35.06
N GLY A 229 -60.18 -36.91 33.88
CA GLY A 229 -59.42 -37.25 32.70
C GLY A 229 -58.66 -36.07 32.12
N ASP A 230 -57.61 -36.38 31.37
CA ASP A 230 -56.83 -35.34 30.73
C ASP A 230 -57.60 -34.67 29.60
N ILE A 231 -57.28 -33.42 29.33
CA ILE A 231 -57.78 -32.73 28.16
C ILE A 231 -56.91 -33.15 26.98
N LEU A 232 -57.49 -33.90 26.04
CA LEU A 232 -56.73 -34.52 24.97
C LEU A 232 -57.10 -33.98 23.60
N PRO A 233 -56.13 -33.86 22.68
CA PRO A 233 -56.44 -33.40 21.32
C PRO A 233 -57.10 -34.52 20.52
N SER A 234 -58.11 -34.15 19.74
CA SER A 234 -58.77 -35.11 18.87
C SER A 234 -58.18 -35.16 17.46
N GLY A 235 -57.31 -34.21 17.11
CA GLY A 235 -56.63 -34.23 15.83
C GLY A 235 -57.20 -33.29 14.79
N ASP A 236 -58.34 -32.66 15.05
CA ASP A 236 -58.99 -31.77 14.10
C ASP A 236 -59.00 -30.33 14.57
N GLY A 237 -58.22 -30.00 15.61
CA GLY A 237 -58.20 -28.67 16.17
C GLY A 237 -59.03 -28.52 17.43
N THR A 238 -59.86 -29.50 17.76
CA THR A 238 -60.69 -29.50 18.95
C THR A 238 -60.20 -30.54 19.93
N TYR A 239 -60.77 -30.51 21.12
CA TYR A 239 -60.29 -31.30 22.24
C TYR A 239 -61.44 -32.09 22.85
N GLN A 240 -61.09 -33.07 23.68
CA GLN A 240 -62.06 -33.88 24.40
C GLN A 240 -61.53 -34.14 25.80
N ALA A 241 -62.45 -34.40 26.73
CA ALA A 241 -62.12 -34.62 28.13
C ALA A 241 -63.27 -35.34 28.81
N TRP A 242 -63.03 -35.75 30.06
CA TRP A 242 -64.04 -36.50 30.78
C TRP A 242 -63.76 -36.45 32.28
N ALA A 243 -64.77 -36.83 33.05
CA ALA A 243 -64.66 -36.95 34.50
C ALA A 243 -65.62 -38.05 34.96
N SER A 244 -65.13 -38.89 35.86
CA SER A 244 -65.88 -40.03 36.39
C SER A 244 -66.16 -39.85 37.87
N ILE A 245 -67.17 -40.59 38.35
CA ILE A 245 -67.49 -40.62 39.77
C ILE A 245 -68.19 -41.94 40.07
N GLU A 246 -67.88 -42.52 41.24
CA GLU A 246 -68.33 -43.87 41.59
C GLU A 246 -69.71 -43.81 42.23
N LEU A 247 -70.60 -44.68 41.77
CA LEU A 247 -71.98 -44.69 42.25
C LEU A 247 -72.09 -45.48 43.54
N ASP A 248 -72.85 -44.94 44.49
CA ASP A 248 -73.17 -45.64 45.74
C ASP A 248 -74.28 -46.65 45.49
N PRO A 249 -73.99 -47.95 45.59
CA PRO A 249 -75.02 -48.96 45.35
C PRO A 249 -76.01 -49.12 46.49
N GLN A 250 -75.72 -48.57 47.67
CA GLN A 250 -76.59 -48.72 48.83
C GLN A 250 -77.58 -47.57 48.99
N SER A 251 -77.33 -46.41 48.38
CA SER A 251 -78.16 -45.24 48.56
C SER A 251 -78.20 -44.43 47.27
N SER A 252 -79.39 -43.96 46.90
CA SER A 252 -79.52 -43.08 45.74
C SER A 252 -79.05 -41.67 46.08
N ASN A 253 -78.53 -40.97 45.07
CA ASN A 253 -78.04 -39.61 45.23
C ASN A 253 -78.33 -38.81 43.97
N LEU A 254 -78.27 -37.49 44.10
CA LEU A 254 -78.55 -36.57 43.00
C LEU A 254 -77.22 -36.14 42.38
N TYR A 255 -76.78 -36.89 41.37
CA TYR A 255 -75.50 -36.61 40.70
C TYR A 255 -75.70 -35.71 39.49
N SER A 256 -74.81 -34.73 39.33
CA SER A 256 -74.90 -33.84 38.19
C SER A 256 -73.51 -33.46 37.73
N CYS A 257 -73.31 -33.47 36.41
CA CYS A 257 -72.07 -33.04 35.79
C CYS A 257 -72.13 -31.54 35.51
N HIS A 258 -71.04 -30.86 35.83
CA HIS A 258 -70.93 -29.41 35.64
C HIS A 258 -69.76 -29.14 34.72
N VAL A 259 -70.04 -28.47 33.61
CA VAL A 259 -69.03 -28.12 32.61
C VAL A 259 -68.97 -26.61 32.49
N GLU A 260 -67.78 -26.05 32.65
CA GLU A 260 -67.51 -24.64 32.44
C GLU A 260 -66.56 -24.52 31.25
N HIS A 261 -66.96 -23.72 30.26
CA HIS A 261 -66.11 -23.51 29.08
C HIS A 261 -66.37 -22.14 28.50
N SER A 262 -65.32 -21.32 28.44
CA SER A 262 -65.34 -20.03 27.76
CA SER A 262 -65.34 -20.03 27.76
C SER A 262 -66.54 -19.19 28.17
N GLY A 263 -66.77 -19.11 29.48
CA GLY A 263 -67.82 -18.25 30.01
C GLY A 263 -69.22 -18.78 29.90
N VAL A 264 -69.40 -20.08 29.70
CA VAL A 264 -70.72 -20.70 29.65
C VAL A 264 -70.70 -21.91 30.57
N HIS A 265 -71.70 -21.99 31.46
CA HIS A 265 -71.81 -23.09 32.41
C HIS A 265 -72.93 -24.00 31.98
N MET A 266 -72.74 -25.30 32.20
CA MET A 266 -73.64 -26.33 31.72
C MET A 266 -73.79 -27.39 32.80
N VAL A 267 -75.02 -27.89 32.99
CA VAL A 267 -75.33 -28.84 34.04
C VAL A 267 -76.14 -29.98 33.44
N LEU A 268 -75.67 -31.21 33.62
CA LEU A 268 -76.36 -32.41 33.17
C LEU A 268 -76.74 -33.17 34.42
N GLN A 269 -78.00 -33.08 34.83
CA GLN A 269 -78.49 -33.84 35.97
C GLN A 269 -78.81 -35.26 35.53
N VAL A 270 -78.29 -36.23 36.27
CA VAL A 270 -78.50 -37.64 35.98
C VAL A 270 -79.78 -38.08 36.70
N PRO A 271 -80.82 -38.51 35.98
CA PRO A 271 -82.10 -38.90 36.58
C PRO A 271 -81.98 -40.05 37.58
N MET B 1 -30.60 -39.76 38.20
CA MET B 1 -31.28 -39.29 36.98
C MET B 1 -32.73 -39.78 36.94
N ILE B 2 -33.66 -38.84 36.99
CA ILE B 2 -35.08 -39.17 36.95
C ILE B 2 -35.51 -39.30 35.49
N GLN B 3 -35.91 -40.50 35.11
CA GLN B 3 -36.54 -40.76 33.82
C GLN B 3 -38.02 -41.01 34.06
N ARG B 4 -38.87 -40.41 33.24
CA ARG B 4 -40.31 -40.46 33.43
C ARG B 4 -40.95 -41.30 32.33
N THR B 5 -41.73 -42.30 32.75
CA THR B 5 -42.31 -43.25 31.81
C THR B 5 -43.48 -42.60 31.07
N PRO B 6 -43.72 -42.99 29.81
CA PRO B 6 -44.80 -42.38 29.04
C PRO B 6 -46.17 -42.79 29.56
N LYS B 7 -47.08 -41.82 29.58
CA LYS B 7 -48.51 -42.09 29.73
C LYS B 7 -49.11 -42.26 28.34
N ILE B 8 -49.90 -43.32 28.18
CA ILE B 8 -50.42 -43.71 26.86
C ILE B 8 -51.93 -43.76 26.94
N GLN B 9 -52.59 -43.04 26.03
CA GLN B 9 -54.05 -42.99 25.98
C GLN B 9 -54.51 -43.17 24.53
N VAL B 10 -55.43 -44.11 24.33
CA VAL B 10 -55.95 -44.45 23.02
C VAL B 10 -57.43 -44.12 22.99
N TYR B 11 -57.89 -43.44 21.93
CA TYR B 11 -59.25 -42.94 21.87
C TYR B 11 -59.54 -42.58 20.42
N SER B 12 -60.83 -42.37 20.14
CA SER B 12 -61.27 -41.94 18.81
C SER B 12 -61.50 -40.44 18.81
N ARG B 13 -61.41 -39.85 17.61
CA ARG B 13 -61.62 -38.41 17.47
C ARG B 13 -63.03 -38.01 17.87
N HIS B 14 -64.04 -38.61 17.24
CA HIS B 14 -65.45 -38.49 17.60
C HIS B 14 -65.92 -39.77 18.27
N PRO B 15 -67.05 -39.74 18.96
CA PRO B 15 -67.64 -40.98 19.47
C PRO B 15 -67.78 -42.00 18.35
N ALA B 16 -67.30 -43.21 18.61
CA ALA B 16 -67.17 -44.21 17.56
C ALA B 16 -68.50 -44.91 17.31
N GLU B 17 -68.67 -45.39 16.08
CA GLU B 17 -69.83 -46.17 15.68
C GLU B 17 -69.41 -47.03 14.51
N ASN B 18 -69.81 -48.31 14.54
CA ASN B 18 -69.41 -49.25 13.50
C ASN B 18 -69.86 -48.75 12.13
N GLY B 19 -68.96 -48.85 11.16
CA GLY B 19 -69.24 -48.43 9.80
C GLY B 19 -69.06 -46.95 9.53
N LYS B 20 -68.66 -46.16 10.53
CA LYS B 20 -68.49 -44.73 10.38
C LYS B 20 -67.01 -44.39 10.38
N SER B 21 -66.57 -43.67 9.35
CA SER B 21 -65.16 -43.33 9.24
C SER B 21 -64.72 -42.49 10.43
N ASN B 22 -63.53 -42.78 10.95
CA ASN B 22 -63.08 -42.21 12.21
C ASN B 22 -61.56 -42.05 12.16
N PHE B 23 -61.02 -41.50 13.24
CA PHE B 23 -59.58 -41.36 13.44
C PHE B 23 -59.21 -41.94 14.79
N LEU B 24 -58.30 -42.92 14.78
CA LEU B 24 -57.81 -43.52 16.01
C LEU B 24 -56.58 -42.76 16.50
N ASN B 25 -56.63 -42.28 17.74
CA ASN B 25 -55.58 -41.45 18.31
C ASN B 25 -54.81 -42.20 19.39
N CYS B 26 -53.49 -42.03 19.41
CA CYS B 26 -52.67 -42.48 20.53
C CYS B 26 -51.84 -41.30 21.00
N TYR B 27 -52.18 -40.78 22.18
CA TYR B 27 -51.53 -39.63 22.77
C TYR B 27 -50.56 -40.13 23.83
N VAL B 28 -49.27 -39.90 23.59
CA VAL B 28 -48.22 -40.34 24.50
CA VAL B 28 -48.21 -40.34 24.49
C VAL B 28 -47.59 -39.10 25.11
N SER B 29 -47.59 -39.01 26.44
CA SER B 29 -47.26 -37.77 27.11
C SER B 29 -46.47 -38.03 28.39
N GLY B 30 -45.89 -36.94 28.91
CA GLY B 30 -45.26 -36.95 30.21
C GLY B 30 -43.97 -37.73 30.29
N PHE B 31 -43.35 -38.07 29.17
CA PHE B 31 -42.14 -38.88 29.20
C PHE B 31 -40.89 -38.00 29.09
N HIS B 32 -39.77 -38.58 29.53
CA HIS B 32 -38.45 -37.95 29.51
C HIS B 32 -37.41 -39.06 29.68
N PRO B 33 -36.37 -39.11 28.82
CA PRO B 33 -36.04 -38.20 27.73
C PRO B 33 -36.91 -38.38 26.48
N SER B 34 -36.53 -37.73 25.38
CA SER B 34 -37.44 -37.48 24.27
C SER B 34 -37.55 -38.63 23.26
N ASP B 35 -36.59 -39.55 23.22
CA ASP B 35 -36.63 -40.63 22.23
C ASP B 35 -37.76 -41.60 22.55
N ILE B 36 -38.53 -41.99 21.54
CA ILE B 36 -39.69 -42.85 21.77
C ILE B 36 -40.07 -43.53 20.45
N GLU B 37 -40.67 -44.71 20.57
CA GLU B 37 -41.19 -45.48 19.46
C GLU B 37 -42.67 -45.75 19.69
N VAL B 38 -43.51 -45.40 18.71
CA VAL B 38 -44.96 -45.53 18.84
C VAL B 38 -45.51 -46.20 17.58
N ASP B 39 -46.24 -47.30 17.77
CA ASP B 39 -46.92 -48.00 16.68
C ASP B 39 -48.40 -48.14 16.98
N LEU B 40 -49.22 -48.02 15.93
CA LEU B 40 -50.64 -48.33 16.02
C LEU B 40 -50.87 -49.74 15.49
N LEU B 41 -51.65 -50.53 16.22
CA LEU B 41 -51.88 -51.93 15.90
C LEU B 41 -53.34 -52.15 15.55
N LYS B 42 -53.57 -52.92 14.48
CA LYS B 42 -54.89 -53.41 14.12
C LYS B 42 -54.85 -54.93 14.19
N ASN B 43 -55.59 -55.50 15.15
CA ASN B 43 -55.61 -56.94 15.39
C ASN B 43 -54.22 -57.49 15.69
N GLY B 44 -53.35 -56.65 16.28
CA GLY B 44 -52.01 -57.06 16.64
C GLY B 44 -50.95 -56.81 15.60
N GLU B 45 -51.32 -56.32 14.42
CA GLU B 45 -50.37 -56.00 13.36
C GLU B 45 -50.18 -54.49 13.27
N ARG B 46 -48.96 -54.06 12.97
CA ARG B 46 -48.66 -52.63 12.94
C ARG B 46 -49.24 -52.00 11.69
N ILE B 47 -50.05 -50.96 11.87
CA ILE B 47 -50.62 -50.23 10.74
C ILE B 47 -49.51 -49.46 10.03
N GLU B 48 -49.59 -49.41 8.70
CA GLU B 48 -48.50 -48.82 7.91
C GLU B 48 -48.61 -47.30 7.89
N LYS B 49 -49.64 -46.76 7.24
CA LYS B 49 -49.81 -45.32 7.11
C LYS B 49 -50.34 -44.76 8.41
N VAL B 50 -49.43 -44.30 9.26
CA VAL B 50 -49.77 -43.71 10.57
C VAL B 50 -49.04 -42.39 10.70
N GLU B 51 -49.78 -41.33 11.01
CA GLU B 51 -49.24 -39.99 11.13
C GLU B 51 -48.85 -39.68 12.58
N HIS B 52 -48.12 -38.59 12.76
CA HIS B 52 -47.83 -38.14 14.11
C HIS B 52 -47.48 -36.65 14.11
N SER B 53 -47.83 -36.00 15.21
CA SER B 53 -47.44 -34.62 15.46
C SER B 53 -45.92 -34.53 15.61
N ASP B 54 -45.40 -33.31 15.57
CA ASP B 54 -44.01 -33.11 15.96
C ASP B 54 -43.87 -33.26 17.46
N LEU B 55 -42.69 -33.70 17.89
CA LEU B 55 -42.37 -33.71 19.32
C LEU B 55 -42.74 -32.39 19.96
N SER B 56 -43.48 -32.46 21.07
CA SER B 56 -43.96 -31.26 21.74
C SER B 56 -43.43 -31.21 23.16
N PHE B 57 -43.45 -30.00 23.73
CA PHE B 57 -42.78 -29.71 25.00
C PHE B 57 -43.80 -29.20 26.01
N SER B 58 -43.74 -29.74 27.23
CA SER B 58 -44.60 -29.33 28.32
C SER B 58 -43.85 -28.44 29.31
N LYS B 59 -44.63 -27.67 30.07
CA LYS B 59 -44.08 -26.78 31.09
C LYS B 59 -43.23 -27.53 32.11
N ASP B 60 -43.59 -28.78 32.41
CA ASP B 60 -42.88 -29.53 33.45
C ASP B 60 -41.66 -30.26 32.89
N TRP B 61 -41.25 -29.92 31.67
CA TRP B 61 -40.04 -30.39 30.97
C TRP B 61 -40.24 -31.73 30.30
N SER B 62 -41.42 -32.36 30.41
CA SER B 62 -41.66 -33.61 29.71
C SER B 62 -42.14 -33.33 28.28
N PHE B 63 -42.27 -34.39 27.50
CA PHE B 63 -42.60 -34.30 26.09
C PHE B 63 -43.92 -35.03 25.82
N TYR B 64 -44.53 -34.72 24.66
CA TYR B 64 -45.72 -35.41 24.25
C TYR B 64 -45.84 -35.43 22.73
N LEU B 65 -46.63 -36.39 22.24
CA LEU B 65 -46.80 -36.66 20.82
C LEU B 65 -48.19 -37.23 20.60
N LEU B 66 -48.75 -36.97 19.41
CA LEU B 66 -50.03 -37.54 19.02
C LEU B 66 -49.83 -38.38 17.76
N TYR B 67 -50.03 -39.69 17.87
CA TYR B 67 -50.04 -40.58 16.72
C TYR B 67 -51.49 -40.90 16.35
N TYR B 68 -51.79 -40.84 15.05
CA TYR B 68 -53.17 -41.01 14.62
C TYR B 68 -53.23 -41.72 13.27
N THR B 69 -54.40 -42.31 13.00
CA THR B 69 -54.65 -43.01 11.76
C THR B 69 -56.15 -42.94 11.46
N GLU B 70 -56.47 -42.90 10.17
CA GLU B 70 -57.88 -42.94 9.76
C GLU B 70 -58.34 -44.39 9.71
N PHE B 71 -59.56 -44.63 10.20
CA PHE B 71 -60.03 -46.00 10.25
C PHE B 71 -61.55 -46.03 10.37
N THR B 72 -62.11 -47.19 10.03
CA THR B 72 -63.52 -47.46 10.23
CA THR B 72 -63.52 -47.46 10.23
C THR B 72 -63.68 -48.54 11.27
N PRO B 73 -64.19 -48.25 12.45
CA PRO B 73 -64.30 -49.29 13.49
C PRO B 73 -65.33 -50.35 13.09
N THR B 74 -64.92 -51.62 13.19
CA THR B 74 -65.80 -52.76 12.99
C THR B 74 -65.67 -53.68 14.20
N GLU B 75 -66.80 -54.27 14.61
CA GLU B 75 -66.85 -55.03 15.86
C GLU B 75 -65.82 -56.15 15.91
N LYS B 76 -65.32 -56.62 14.76
CA LYS B 76 -64.34 -57.70 14.73
C LYS B 76 -62.90 -57.22 14.88
N ASP B 77 -62.62 -55.94 14.62
CA ASP B 77 -61.25 -55.46 14.57
C ASP B 77 -60.85 -54.86 15.92
N GLU B 78 -59.76 -55.38 16.48
CA GLU B 78 -59.18 -54.86 17.72
C GLU B 78 -58.05 -53.89 17.40
N TYR B 79 -57.95 -52.82 18.19
CA TYR B 79 -56.98 -51.77 17.95
C TYR B 79 -56.14 -51.51 19.19
N ALA B 80 -54.87 -51.18 18.98
CA ALA B 80 -53.97 -50.96 20.10
C ALA B 80 -52.86 -49.99 19.70
N CYS B 81 -52.18 -49.47 20.72
CA CYS B 81 -51.03 -48.60 20.56
C CYS B 81 -49.86 -49.24 21.31
N ARG B 82 -48.72 -49.37 20.63
CA ARG B 82 -47.54 -50.01 21.21
C ARG B 82 -46.44 -48.98 21.37
N VAL B 83 -45.98 -48.77 22.59
CA VAL B 83 -44.98 -47.74 22.91
C VAL B 83 -43.76 -48.38 23.56
N ASN B 84 -42.58 -47.96 23.13
CA ASN B 84 -41.35 -48.31 23.82
C ASN B 84 -40.55 -47.05 24.14
N HIS B 85 -39.83 -47.11 25.27
CA HIS B 85 -39.12 -45.98 25.84
C HIS B 85 -37.99 -46.55 26.68
N VAL B 86 -37.01 -45.69 26.99
CA VAL B 86 -35.88 -46.15 27.79
C VAL B 86 -36.36 -46.65 29.16
N THR B 87 -37.49 -46.12 29.64
CA THR B 87 -38.06 -46.51 30.92
C THR B 87 -38.86 -47.80 30.85
N LEU B 88 -38.98 -48.43 29.68
CA LEU B 88 -39.75 -49.65 29.51
C LEU B 88 -38.82 -50.77 29.08
N SER B 89 -38.79 -51.85 29.86
CA SER B 89 -37.90 -52.97 29.54
C SER B 89 -38.33 -53.72 28.28
N GLN B 90 -39.57 -53.50 27.82
CA GLN B 90 -40.02 -53.96 26.52
C GLN B 90 -41.39 -53.33 26.27
N PRO B 91 -41.83 -53.28 25.00
CA PRO B 91 -42.97 -52.41 24.64
C PRO B 91 -44.18 -52.61 25.53
N LYS B 92 -44.92 -51.52 25.74
CA LYS B 92 -46.20 -51.53 26.44
C LYS B 92 -47.31 -51.36 25.43
N ILE B 93 -48.25 -52.30 25.43
CA ILE B 93 -49.36 -52.33 24.49
C ILE B 93 -50.60 -51.87 25.24
N VAL B 94 -51.21 -50.77 24.77
CA VAL B 94 -52.45 -50.25 25.33
C VAL B 94 -53.54 -50.42 24.28
N LYS B 95 -54.58 -51.17 24.63
CA LYS B 95 -55.66 -51.48 23.71
C LYS B 95 -56.71 -50.38 23.70
N TRP B 96 -57.30 -50.16 22.53
CA TRP B 96 -58.38 -49.19 22.40
C TRP B 96 -59.65 -49.74 23.05
N ASP B 97 -60.33 -48.89 23.81
CA ASP B 97 -61.58 -49.28 24.45
C ASP B 97 -62.74 -48.45 23.88
N MET C 1 21.42 0.47 13.90
CA MET C 1 22.43 1.37 13.39
C MET C 1 22.02 2.82 13.65
N ARG C 2 22.98 3.69 13.95
CA ARG C 2 22.69 5.10 14.05
C ARG C 2 22.43 5.69 12.68
N THR C 3 22.04 6.96 12.65
CA THR C 3 21.87 7.65 11.38
C THR C 3 23.22 7.90 10.74
N HIS C 4 23.31 7.71 9.43
CA HIS C 4 24.52 7.95 8.67
C HIS C 4 24.16 8.65 7.38
N SER C 5 25.16 9.26 6.76
CA SER C 5 24.96 10.08 5.58
C SER C 5 26.16 9.95 4.63
N LEU C 6 25.86 10.03 3.34
CA LEU C 6 26.85 10.12 2.28
C LEU C 6 26.58 11.40 1.52
N ARG C 7 27.63 12.19 1.25
CA ARG C 7 27.40 13.38 0.45
C ARG C 7 28.67 13.74 -0.31
N TYR C 8 28.49 14.46 -1.41
CA TYR C 8 29.57 14.88 -2.30
C TYR C 8 29.41 16.36 -2.57
N PHE C 9 30.49 17.11 -2.39
CA PHE C 9 30.54 18.52 -2.72
C PHE C 9 31.39 18.73 -3.97
N ARG C 10 31.02 19.73 -4.75
CA ARG C 10 31.85 20.26 -5.83
C ARG C 10 32.06 21.74 -5.57
N LEU C 11 33.25 22.23 -5.89
CA LEU C 11 33.60 23.65 -5.74
C LEU C 11 34.33 24.11 -7.00
N GLY C 12 33.76 25.09 -7.68
CA GLY C 12 34.40 25.72 -8.83
C GLY C 12 34.73 27.16 -8.48
N VAL C 13 35.92 27.59 -8.88
CA VAL C 13 36.40 28.94 -8.62
C VAL C 13 36.89 29.54 -9.93
N SER C 14 36.33 30.68 -10.32
CA SER C 14 36.75 31.36 -11.54
C SER C 14 37.99 32.18 -11.27
N ASP C 15 38.89 32.19 -12.25
CA ASP C 15 40.20 32.86 -12.21
C ASP C 15 40.82 32.77 -10.83
N PRO C 16 41.16 31.57 -10.36
CA PRO C 16 41.69 31.43 -9.00
C PRO C 16 43.09 31.99 -8.88
N ILE C 17 43.35 32.63 -7.73
CA ILE C 17 44.70 33.03 -7.35
C ILE C 17 45.60 31.80 -7.22
N HIS C 18 46.91 32.06 -7.13
CA HIS C 18 47.89 30.99 -7.01
C HIS C 18 47.68 30.20 -5.72
N GLY C 19 47.53 28.88 -5.85
CA GLY C 19 47.34 28.01 -4.71
C GLY C 19 45.92 27.53 -4.52
N VAL C 20 44.98 28.01 -5.32
CA VAL C 20 43.57 27.61 -5.23
C VAL C 20 43.23 26.87 -6.52
N PRO C 21 42.89 25.58 -6.45
CA PRO C 21 42.49 24.86 -7.67
C PRO C 21 41.24 25.47 -8.27
N GLU C 22 41.09 25.28 -9.58
CA GLU C 22 39.88 25.73 -10.25
C GLU C 22 38.67 24.88 -9.85
N PHE C 23 38.90 23.62 -9.46
CA PHE C 23 37.82 22.70 -9.17
C PHE C 23 38.29 21.71 -8.13
N ILE C 24 37.42 21.45 -7.14
CA ILE C 24 37.62 20.43 -6.09
C ILE C 24 36.30 19.68 -5.92
N SER C 25 36.38 18.37 -5.71
CA SER C 25 35.21 17.57 -5.32
C SER C 25 35.64 16.58 -4.24
N VAL C 26 34.95 16.60 -3.10
CA VAL C 26 35.24 15.75 -1.96
C VAL C 26 33.97 15.02 -1.54
N GLY C 27 34.10 13.72 -1.25
CA GLY C 27 33.02 12.96 -0.67
C GLY C 27 33.23 12.71 0.81
N TYR C 28 32.12 12.56 1.54
CA TYR C 28 32.10 12.29 2.97
C TYR C 28 31.10 11.19 3.29
N VAL C 29 31.45 10.34 4.25
CA VAL C 29 30.49 9.53 4.98
C VAL C 29 30.49 10.06 6.40
N ASP C 30 29.35 10.56 6.88
CA ASP C 30 29.26 11.31 8.14
C ASP C 30 30.28 12.43 8.07
N SER C 31 31.15 12.61 9.06
CA SER C 31 32.16 13.67 9.06
CA SER C 31 32.14 13.68 9.01
C SER C 31 33.49 13.22 8.49
N HIS C 32 33.56 12.03 7.88
CA HIS C 32 34.83 11.47 7.42
C HIS C 32 35.00 11.69 5.93
N PRO C 33 36.07 12.35 5.48
CA PRO C 33 36.34 12.40 4.04
C PRO C 33 36.62 11.01 3.52
N ILE C 34 36.09 10.69 2.34
CA ILE C 34 36.30 9.37 1.77
C ILE C 34 36.98 9.45 0.41
N THR C 35 36.71 10.51 -0.35
CA THR C 35 37.23 10.66 -1.71
C THR C 35 37.60 12.11 -1.97
N THR C 36 38.56 12.31 -2.87
CA THR C 36 38.93 13.67 -3.26
C THR C 36 39.38 13.69 -4.71
N TYR C 37 39.19 14.85 -5.32
CA TYR C 37 39.59 15.11 -6.70
C TYR C 37 39.77 16.61 -6.85
N ASP C 38 40.78 17.03 -7.61
CA ASP C 38 40.88 18.43 -7.96
C ASP C 38 41.52 18.60 -9.33
N SER C 39 41.40 19.81 -9.87
CA SER C 39 41.89 20.17 -11.19
C SER C 39 43.40 20.20 -11.28
N VAL C 40 44.11 20.00 -10.18
CA VAL C 40 45.57 19.91 -10.21
C VAL C 40 46.02 18.46 -10.33
N THR C 41 45.53 17.59 -9.45
CA THR C 41 45.89 16.17 -9.54
C THR C 41 45.20 15.50 -10.73
N ARG C 42 43.98 15.94 -11.04
CA ARG C 42 43.15 15.35 -12.10
C ARG C 42 42.93 13.85 -11.85
N GLN C 43 42.99 13.43 -10.58
CA GLN C 43 42.79 12.04 -10.20
C GLN C 43 41.83 11.94 -9.02
N LYS C 44 40.92 10.97 -9.08
CA LYS C 44 40.12 10.65 -7.91
C LYS C 44 40.92 9.74 -7.00
N GLU C 45 41.04 10.13 -5.72
CA GLU C 45 41.87 9.42 -4.77
C GLU C 45 41.13 9.19 -3.46
N PRO C 46 41.42 8.09 -2.77
CA PRO C 46 40.79 7.83 -1.48
C PRO C 46 41.31 8.74 -0.39
N ARG C 47 40.42 9.07 0.56
CA ARG C 47 40.79 9.83 1.75
CA ARG C 47 40.81 9.82 1.75
C ARG C 47 40.64 9.02 3.04
N ALA C 48 40.32 7.74 2.94
CA ALA C 48 40.19 6.85 4.07
C ALA C 48 40.80 5.53 3.67
N PRO C 49 41.60 4.91 4.54
CA PRO C 49 42.21 3.62 4.18
C PRO C 49 41.20 2.53 3.85
N TRP C 50 40.03 2.52 4.49
CA TRP C 50 39.03 1.50 4.20
C TRP C 50 38.32 1.75 2.88
N MET C 51 38.51 2.92 2.27
CA MET C 51 38.10 3.11 0.88
C MET C 51 39.11 2.50 -0.08
N ALA C 52 40.39 2.82 0.10
CA ALA C 52 41.42 2.30 -0.79
C ALA C 52 41.45 0.77 -0.79
N GLU C 53 41.25 0.16 0.39
CA GLU C 53 41.38 -1.29 0.49
C GLU C 53 40.22 -2.03 -0.16
N ASN C 54 39.05 -1.40 -0.29
CA ASN C 54 37.85 -2.14 -0.68
C ASN C 54 37.31 -1.78 -2.06
N LEU C 55 37.89 -0.79 -2.73
CA LEU C 55 37.45 -0.43 -4.08
C LEU C 55 38.57 -0.73 -5.05
N ALA C 56 38.27 -1.53 -6.08
CA ALA C 56 39.27 -1.90 -7.07
C ALA C 56 39.73 -0.68 -7.86
N PRO C 57 40.90 -0.74 -8.51
CA PRO C 57 41.37 0.41 -9.29
C PRO C 57 40.44 0.80 -10.41
N ASP C 58 39.67 -0.17 -10.94
CA ASP C 58 38.65 0.14 -11.93
C ASP C 58 37.71 1.24 -11.44
N HIS C 59 37.39 1.26 -10.14
CA HIS C 59 36.54 2.31 -9.59
C HIS C 59 37.20 3.67 -9.74
N TRP C 60 38.39 3.84 -9.14
CA TRP C 60 39.06 5.14 -9.19
C TRP C 60 39.30 5.58 -10.63
N GLU C 61 39.62 4.63 -11.51
CA GLU C 61 39.88 4.98 -12.92
C GLU C 61 38.64 5.54 -13.60
N ARG C 62 37.50 4.88 -13.44
CA ARG C 62 36.28 5.32 -14.10
C ARG C 62 35.83 6.69 -13.60
N TYR C 63 35.77 6.85 -12.28
CA TYR C 63 35.27 8.11 -11.75
C TYR C 63 36.26 9.25 -11.98
N THR C 64 37.53 8.93 -12.20
CA THR C 64 38.47 9.98 -12.60
C THR C 64 38.02 10.61 -13.91
N GLN C 65 37.64 9.79 -14.88
CA GLN C 65 37.15 10.33 -16.16
C GLN C 65 35.88 11.12 -15.96
N LEU C 66 34.94 10.58 -15.18
CA LEU C 66 33.69 11.30 -14.89
C LEU C 66 33.98 12.65 -14.25
N LEU C 67 34.90 12.69 -13.28
CA LEU C 67 35.19 13.94 -12.58
C LEU C 67 35.84 14.98 -13.52
N ARG C 68 36.66 14.51 -14.47
CA ARG C 68 37.22 15.44 -15.43
C ARG C 68 36.11 16.06 -16.29
N GLY C 69 35.14 15.25 -16.72
CA GLY C 69 33.98 15.81 -17.37
C GLY C 69 33.18 16.73 -16.46
N TRP C 70 32.96 16.31 -15.20
CA TRP C 70 32.23 17.17 -14.27
C TRP C 70 32.98 18.47 -14.00
N GLN C 71 34.31 18.42 -13.94
CA GLN C 71 35.09 19.63 -13.80
C GLN C 71 34.82 20.57 -14.97
N GLN C 72 34.84 20.05 -16.20
CA GLN C 72 34.60 20.90 -17.37
C GLN C 72 33.19 21.48 -17.33
N MET C 73 32.20 20.68 -16.94
CA MET C 73 30.82 21.17 -16.85
C MET C 73 30.70 22.30 -15.83
N PHE C 74 31.33 22.13 -14.66
CA PHE C 74 31.32 23.19 -13.65
CA PHE C 74 31.32 23.19 -13.66
C PHE C 74 31.97 24.46 -14.19
N LYS C 75 33.03 24.32 -14.99
CA LYS C 75 33.73 25.48 -15.51
C LYS C 75 32.83 26.33 -16.39
N VAL C 76 32.04 25.70 -17.25
CA VAL C 76 31.20 26.48 -18.17
C VAL C 76 29.94 26.97 -17.49
N GLU C 77 29.36 26.16 -16.57
CA GLU C 77 28.18 26.61 -15.84
C GLU C 77 28.49 27.87 -15.05
N LEU C 78 29.67 27.93 -14.44
CA LEU C 78 30.09 29.14 -13.74
C LEU C 78 30.26 30.31 -14.71
N LYS C 79 30.79 30.04 -15.91
CA LYS C 79 30.90 31.10 -16.91
C LYS C 79 29.53 31.65 -17.27
N ARG C 80 28.55 30.77 -17.46
CA ARG C 80 27.21 31.25 -17.81
C ARG C 80 26.57 31.98 -16.64
N LEU C 81 26.77 31.48 -15.42
CA LEU C 81 26.24 32.18 -14.26
C LEU C 81 26.77 33.60 -14.18
N GLN C 82 28.08 33.78 -14.37
CA GLN C 82 28.64 35.13 -14.27
C GLN C 82 28.08 36.03 -15.36
N ARG C 83 27.83 35.49 -16.55
CA ARG C 83 27.23 36.27 -17.62
C ARG C 83 25.82 36.69 -17.26
N HIS C 84 25.03 35.78 -16.67
CA HIS C 84 23.67 36.12 -16.27
C HIS C 84 23.66 37.27 -15.28
N TYR C 85 24.62 37.29 -14.36
CA TYR C 85 24.70 38.31 -13.33
C TYR C 85 25.50 39.54 -13.76
N ASN C 86 26.17 39.49 -14.91
CA ASN C 86 27.09 40.55 -15.31
C ASN C 86 28.20 40.73 -14.25
N HIS C 87 28.81 39.61 -13.87
CA HIS C 87 29.84 39.58 -12.84
C HIS C 87 31.21 39.38 -13.46
N SER C 88 32.20 40.06 -12.89
CA SER C 88 33.59 39.94 -13.29
CA SER C 88 33.58 39.92 -13.30
C SER C 88 34.41 39.47 -12.10
N GLY C 89 35.65 39.10 -12.37
CA GLY C 89 36.52 38.64 -11.31
C GLY C 89 36.17 37.25 -10.83
N SER C 90 36.64 36.94 -9.63
CA SER C 90 36.60 35.58 -9.09
C SER C 90 35.28 35.33 -8.39
N HIS C 91 34.57 34.28 -8.80
CA HIS C 91 33.34 33.87 -8.15
C HIS C 91 33.36 32.37 -7.96
N THR C 92 32.46 31.88 -7.10
CA THR C 92 32.41 30.47 -6.75
C THR C 92 31.05 29.86 -7.06
N TYR C 93 31.09 28.56 -7.31
CA TYR C 93 29.96 27.73 -7.70
C TYR C 93 30.10 26.47 -6.88
N GLN C 94 29.01 26.03 -6.24
CA GLN C 94 29.07 24.89 -5.34
C GLN C 94 27.86 24.00 -5.54
N ARG C 95 28.08 22.71 -5.34
CA ARG C 95 27.07 21.68 -5.45
C ARG C 95 27.20 20.74 -4.26
N MET C 96 26.08 20.32 -3.71
CA MET C 96 26.06 19.32 -2.64
C MET C 96 24.95 18.35 -2.95
N ILE C 97 25.30 17.07 -3.07
CA ILE C 97 24.36 15.99 -3.25
C ILE C 97 24.60 14.98 -2.14
N GLY C 98 23.55 14.28 -1.72
CA GLY C 98 23.76 13.24 -0.73
C GLY C 98 22.45 12.64 -0.24
N CYS C 99 22.60 11.72 0.71
CA CYS C 99 21.46 10.98 1.26
C CYS C 99 21.77 10.66 2.72
N GLU C 100 20.70 10.40 3.46
CA GLU C 100 20.79 9.93 4.84
C GLU C 100 20.01 8.63 4.98
N LEU C 101 20.61 7.67 5.67
CA LEU C 101 19.90 6.48 6.13
C LEU C 101 19.65 6.66 7.61
N LEU C 102 18.39 6.93 7.96
CA LEU C 102 18.03 7.21 9.35
C LEU C 102 18.00 5.92 10.16
N GLU C 103 18.20 6.07 11.48
CA GLU C 103 18.25 4.90 12.33
C GLU C 103 16.92 4.15 12.32
N ASP C 104 15.80 4.84 12.11
CA ASP C 104 14.50 4.18 12.01
C ASP C 104 14.27 3.52 10.65
N GLY C 105 15.29 3.51 9.77
CA GLY C 105 15.17 2.88 8.47
C GLY C 105 14.73 3.80 7.34
N SER C 106 14.15 4.96 7.65
CA SER C 106 13.75 5.89 6.60
C SER C 106 14.98 6.54 5.96
N THR C 107 14.76 7.25 4.86
CA THR C 107 15.82 7.89 4.12
C THR C 107 15.47 9.33 3.78
N THR C 108 16.51 10.13 3.51
CA THR C 108 16.37 11.46 2.95
C THR C 108 17.33 11.60 1.79
N GLY C 109 17.11 12.63 0.97
CA GLY C 109 17.98 12.90 -0.15
C GLY C 109 17.96 14.39 -0.46
N PHE C 110 19.08 14.91 -0.92
CA PHE C 110 19.17 16.34 -1.19
C PHE C 110 20.17 16.60 -2.31
N LEU C 111 19.91 17.65 -3.07
CA LEU C 111 20.76 18.06 -4.17
C LEU C 111 20.59 19.57 -4.31
N GLN C 112 21.66 20.32 -4.07
CA GLN C 112 21.58 21.76 -3.96
C GLN C 112 22.79 22.40 -4.63
N TYR C 113 22.60 23.63 -5.10
CA TYR C 113 23.67 24.42 -5.72
C TYR C 113 23.75 25.78 -5.02
N ALA C 114 24.96 26.32 -5.00
CA ALA C 114 25.20 27.65 -4.45
C ALA C 114 26.05 28.47 -5.40
N TYR C 115 25.85 29.78 -5.37
CA TYR C 115 26.66 30.72 -6.14
C TYR C 115 27.19 31.79 -5.18
N ASP C 116 28.51 31.99 -5.19
CA ASP C 116 29.17 32.85 -4.21
C ASP C 116 28.75 32.52 -2.78
N GLY C 117 28.61 31.22 -2.50
CA GLY C 117 28.38 30.75 -1.15
C GLY C 117 26.97 30.89 -0.63
N GLN C 118 26.02 31.28 -1.47
CA GLN C 118 24.64 31.47 -1.06
C GLN C 118 23.74 30.55 -1.87
N ASP C 119 22.66 30.08 -1.23
CA ASP C 119 21.70 29.20 -1.90
C ASP C 119 21.34 29.74 -3.27
N PHE C 120 21.28 28.84 -4.25
CA PHE C 120 20.97 29.21 -5.62
C PHE C 120 19.84 28.36 -6.17
N LEU C 121 19.98 27.03 -6.12
CA LEU C 121 18.97 26.11 -6.63
C LEU C 121 18.86 24.91 -5.70
N ILE C 122 17.63 24.54 -5.34
CA ILE C 122 17.36 23.43 -4.41
C ILE C 122 16.41 22.46 -5.10
N PHE C 123 16.84 21.20 -5.19
CA PHE C 123 16.05 20.20 -5.88
C PHE C 123 14.92 19.69 -5.01
N ASN C 124 13.75 19.54 -5.61
CA ASN C 124 12.57 18.96 -4.94
C ASN C 124 12.32 17.62 -5.60
N LYS C 125 12.82 16.54 -5.00
CA LYS C 125 12.68 15.23 -5.62
C LYS C 125 11.26 14.69 -5.51
N ASP C 126 10.40 15.36 -4.73
CA ASP C 126 9.01 14.92 -4.58
C ASP C 126 8.10 15.49 -5.64
N THR C 127 8.39 16.66 -6.19
CA THR C 127 7.65 17.18 -7.32
C THR C 127 8.48 17.27 -8.58
N LEU C 128 9.73 16.80 -8.53
CA LEU C 128 10.65 16.86 -9.66
C LEU C 128 10.77 18.29 -10.17
N SER C 129 11.02 19.22 -9.25
CA SER C 129 11.16 20.62 -9.61
C SER C 129 12.33 21.23 -8.84
N TRP C 130 12.74 22.39 -9.32
CA TRP C 130 13.86 23.14 -8.76
C TRP C 130 13.36 24.43 -8.15
N LEU C 131 13.78 24.71 -6.92
CA LEU C 131 13.44 25.96 -6.25
C LEU C 131 14.56 26.95 -6.49
N ALA C 132 14.20 28.09 -7.08
CA ALA C 132 15.15 29.12 -7.49
C ALA C 132 15.07 30.31 -6.55
N VAL C 133 16.22 30.90 -6.20
CA VAL C 133 16.23 32.03 -5.27
C VAL C 133 16.01 33.38 -5.97
N ASP C 134 16.39 33.51 -7.24
CA ASP C 134 16.22 34.79 -7.93
C ASP C 134 15.92 34.48 -9.40
N ASN C 135 15.86 35.55 -10.22
CA ASN C 135 15.52 35.38 -11.64
CA ASN C 135 15.49 35.29 -11.61
C ASN C 135 16.61 34.65 -12.41
N VAL C 136 17.86 34.81 -12.01
CA VAL C 136 18.93 34.10 -12.70
C VAL C 136 18.79 32.60 -12.47
N ALA C 137 18.63 32.19 -11.22
CA ALA C 137 18.36 30.78 -10.92
C ALA C 137 17.09 30.32 -11.62
N HIS C 138 16.07 31.19 -11.68
CA HIS C 138 14.84 30.83 -12.37
C HIS C 138 15.09 30.46 -13.82
N THR C 139 15.96 31.22 -14.49
CA THR C 139 16.34 30.88 -15.86
C THR C 139 16.98 29.49 -15.94
N ILE C 140 17.88 29.18 -15.00
CA ILE C 140 18.49 27.84 -14.99
C ILE C 140 17.46 26.78 -14.72
N LYS C 141 16.59 27.02 -13.73
CA LYS C 141 15.51 26.08 -13.40
C LYS C 141 14.69 25.69 -14.64
N GLN C 142 14.28 26.67 -15.43
CA GLN C 142 13.45 26.38 -16.60
CA GLN C 142 13.45 26.38 -16.60
C GLN C 142 14.14 25.40 -17.54
N ALA C 143 15.45 25.56 -17.74
CA ALA C 143 16.17 24.64 -18.61
C ALA C 143 16.27 23.25 -17.99
N TRP C 144 16.58 23.18 -16.69
CA TRP C 144 16.71 21.87 -16.05
C TRP C 144 15.37 21.15 -15.96
N GLU C 145 14.29 21.89 -15.70
CA GLU C 145 12.98 21.25 -15.55
C GLU C 145 12.41 20.76 -16.86
N ALA C 146 12.94 21.22 -17.99
CA ALA C 146 12.50 20.75 -19.29
C ALA C 146 12.96 19.34 -19.59
N ASN C 147 13.98 18.85 -18.89
CA ASN C 147 14.54 17.51 -19.14
C ASN C 147 13.93 16.55 -18.13
N GLN C 148 12.77 15.98 -18.48
CA GLN C 148 12.05 15.14 -17.53
C GLN C 148 12.86 13.90 -17.16
N HIS C 149 13.56 13.31 -18.13
CA HIS C 149 14.28 12.07 -17.85
C HIS C 149 15.44 12.30 -16.89
N GLU C 150 16.12 13.46 -16.99
CA GLU C 150 17.21 13.75 -16.07
C GLU C 150 16.70 13.99 -14.66
N LEU C 151 15.53 14.62 -14.53
CA LEU C 151 14.90 14.75 -13.20
C LEU C 151 14.65 13.38 -12.59
N LEU C 152 14.09 12.46 -13.37
CA LEU C 152 13.84 11.11 -12.88
C LEU C 152 15.14 10.41 -12.49
N TYR C 153 16.19 10.56 -13.32
CA TYR C 153 17.46 9.93 -12.99
C TYR C 153 18.02 10.45 -11.67
N GLN C 154 17.82 11.75 -11.40
CA GLN C 154 18.33 12.32 -10.16
C GLN C 154 17.54 11.83 -8.95
N LYS C 155 16.23 11.64 -9.11
CA LYS C 155 15.44 11.05 -8.02
C LYS C 155 15.92 9.64 -7.73
N ASN C 156 16.12 8.84 -8.78
CA ASN C 156 16.61 7.48 -8.58
C ASN C 156 17.98 7.47 -7.91
N TRP C 157 18.89 8.36 -8.32
CA TRP C 157 20.21 8.36 -7.71
C TRP C 157 20.11 8.68 -6.22
N LEU C 158 19.34 9.71 -5.88
CA LEU C 158 19.19 10.10 -4.48
C LEU C 158 18.52 9.02 -3.64
N GLU C 159 17.48 8.37 -4.17
CA GLU C 159 16.67 7.49 -3.34
C GLU C 159 17.18 6.05 -3.31
N GLU C 160 17.86 5.60 -4.36
CA GLU C 160 18.30 4.21 -4.46
C GLU C 160 19.82 4.09 -4.52
N GLU C 161 20.46 4.65 -5.56
CA GLU C 161 21.90 4.54 -5.73
C GLU C 161 22.66 5.09 -4.53
N CYS C 162 22.31 6.31 -4.11
CA CYS C 162 23.05 6.92 -3.01
C CYS C 162 22.97 6.07 -1.75
N ILE C 163 21.78 5.57 -1.42
CA ILE C 163 21.62 4.74 -0.22
C ILE C 163 22.42 3.45 -0.36
N ALA C 164 22.43 2.85 -1.55
CA ALA C 164 23.20 1.63 -1.75
C ALA C 164 24.69 1.90 -1.57
N TRP C 165 25.20 3.00 -2.12
CA TRP C 165 26.61 3.36 -1.91
C TRP C 165 26.88 3.53 -0.42
N LEU C 166 26.01 4.24 0.28
CA LEU C 166 26.23 4.51 1.70
C LEU C 166 26.29 3.21 2.51
N LYS C 167 25.38 2.27 2.24
CA LYS C 167 25.45 0.98 2.91
C LYS C 167 26.76 0.28 2.62
N ARG C 168 27.22 0.35 1.37
CA ARG C 168 28.51 -0.24 0.99
C ARG C 168 29.64 0.36 1.81
N PHE C 169 29.72 1.69 1.85
CA PHE C 169 30.81 2.36 2.56
C PHE C 169 30.69 2.17 4.07
N LEU C 170 29.46 2.12 4.59
CA LEU C 170 29.28 1.89 6.02
CA LEU C 170 29.27 1.89 6.03
C LEU C 170 29.89 0.56 6.43
N GLU C 171 29.79 -0.45 5.57
CA GLU C 171 30.39 -1.74 5.87
C GLU C 171 31.91 -1.68 5.74
N TYR C 172 32.40 -1.09 4.64
CA TYR C 172 33.85 -0.97 4.44
C TYR C 172 34.51 -0.36 5.67
N GLY C 173 33.96 0.73 6.19
CA GLY C 173 34.56 1.42 7.31
C GLY C 173 33.86 1.21 8.64
N LYS C 174 33.24 0.04 8.84
CA LYS C 174 32.46 -0.17 10.05
C LYS C 174 33.27 -0.03 11.32
N ASP C 175 34.55 -0.45 11.30
CA ASP C 175 35.36 -0.34 12.51
C ASP C 175 35.59 1.10 12.92
N THR C 176 35.48 2.04 11.99
CA THR C 176 35.55 3.46 12.29
C THR C 176 34.15 4.04 12.54
N LEU C 177 33.23 3.81 11.60
CA LEU C 177 31.98 4.56 11.57
C LEU C 177 30.98 4.08 12.62
N GLN C 178 31.02 2.80 13.01
CA GLN C 178 30.01 2.24 13.89
C GLN C 178 30.55 1.98 15.29
N ARG C 179 31.72 2.52 15.62
CA ARG C 179 32.25 2.35 16.96
C ARG C 179 31.64 3.40 17.88
N THR C 180 31.80 3.18 19.18
CA THR C 180 31.40 4.17 20.18
C THR C 180 32.56 4.40 21.12
N GLU C 181 32.97 5.66 21.26
CA GLU C 181 33.87 6.03 22.35
C GLU C 181 33.11 6.95 23.28
N PRO C 182 32.81 6.54 24.51
CA PRO C 182 31.94 7.33 25.37
C PRO C 182 32.63 8.60 25.83
N PRO C 183 31.88 9.63 26.19
CA PRO C 183 32.51 10.89 26.63
C PRO C 183 33.11 10.79 28.02
N LEU C 184 34.22 11.50 28.20
CA LEU C 184 34.70 11.88 29.53
C LEU C 184 34.11 13.24 29.83
N VAL C 185 33.42 13.35 30.95
CA VAL C 185 32.67 14.56 31.27
C VAL C 185 33.02 14.98 32.68
N ARG C 186 33.23 16.29 32.87
CA ARG C 186 33.53 16.86 34.17
C ARG C 186 32.79 18.19 34.27
N VAL C 187 32.56 18.62 35.51
CA VAL C 187 31.98 19.91 35.81
C VAL C 187 33.00 20.74 36.57
N ASN C 188 33.13 22.01 36.20
CA ASN C 188 34.00 22.95 36.87
C ASN C 188 33.21 24.15 37.33
N ARG C 189 33.48 24.62 38.55
CA ARG C 189 32.90 25.84 39.07
C ARG C 189 33.99 26.83 39.46
N LYS C 190 33.66 28.11 39.34
CA LYS C 190 34.60 29.17 39.66
C LYS C 190 33.81 30.47 39.82
N GLU C 191 34.20 31.27 40.82
CA GLU C 191 33.68 32.63 40.92
C GLU C 191 34.39 33.50 39.89
N THR C 192 33.62 34.12 39.00
CA THR C 192 34.22 34.95 37.96
C THR C 192 34.16 36.42 38.36
N PHE C 193 33.28 37.19 37.72
CA PHE C 193 32.96 38.52 38.24
C PHE C 193 32.47 38.38 39.67
N PRO C 194 32.78 39.36 40.54
CA PRO C 194 32.36 39.24 41.94
C PRO C 194 30.88 38.94 42.08
N GLY C 195 30.56 37.84 42.76
CA GLY C 195 29.19 37.40 42.93
C GLY C 195 28.63 36.59 41.79
N VAL C 196 29.43 36.25 40.78
CA VAL C 196 28.96 35.54 39.60
C VAL C 196 29.75 34.24 39.50
N THR C 197 29.08 33.11 39.70
CA THR C 197 29.72 31.81 39.65
C THR C 197 29.41 31.12 38.33
N ALA C 198 30.45 30.67 37.64
CA ALA C 198 30.31 30.02 36.34
C ALA C 198 30.43 28.51 36.52
N LEU C 199 29.48 27.78 35.93
CA LEU C 199 29.49 26.33 35.90
C LEU C 199 29.77 25.88 34.46
N PHE C 200 30.86 25.15 34.26
CA PHE C 200 31.21 24.60 32.96
C PHE C 200 31.09 23.09 33.01
N CYS C 201 30.38 22.51 32.04
CA CYS C 201 30.27 21.06 31.87
C CYS C 201 31.01 20.73 30.58
N LYS C 202 32.13 20.02 30.69
CA LYS C 202 33.02 19.81 29.56
C LYS C 202 33.15 18.33 29.24
N ALA C 203 32.98 17.99 27.97
CA ALA C 203 33.10 16.62 27.49
C ALA C 203 34.24 16.55 26.49
N HIS C 204 34.93 15.41 26.47
CA HIS C 204 35.94 15.17 25.44
C HIS C 204 36.14 13.67 25.28
N GLY C 205 36.84 13.31 24.21
CA GLY C 205 37.18 11.93 23.97
C GLY C 205 36.08 11.08 23.38
N PHE C 206 35.04 11.68 22.82
CA PHE C 206 33.87 10.92 22.41
C PHE C 206 33.76 10.82 20.89
N TYR C 207 33.22 9.70 20.44
CA TYR C 207 32.87 9.43 19.05
C TYR C 207 31.63 8.55 19.08
N PRO C 208 30.61 8.81 18.25
CA PRO C 208 30.48 9.84 17.20
C PRO C 208 30.43 11.26 17.76
N PRO C 209 30.59 12.28 16.89
CA PRO C 209 30.56 13.67 17.36
C PRO C 209 29.21 14.10 17.90
N GLU C 210 28.12 13.45 17.50
CA GLU C 210 26.79 13.87 17.93
C GLU C 210 26.63 13.62 19.43
N ILE C 211 26.31 14.68 20.17
CA ILE C 211 26.20 14.61 21.63
C ILE C 211 25.21 15.67 22.06
N TYR C 212 24.44 15.36 23.11
CA TYR C 212 23.48 16.27 23.70
CA TYR C 212 23.48 16.29 23.70
C TYR C 212 23.92 16.63 25.11
N MET C 213 24.01 17.93 25.39
CA MET C 213 24.44 18.42 26.70
C MET C 213 23.50 19.53 27.12
N THR C 214 23.10 19.54 28.39
CA THR C 214 22.26 20.63 28.88
C THR C 214 22.42 20.75 30.39
N TRP C 215 21.95 21.88 30.91
CA TRP C 215 21.97 22.17 32.34
C TRP C 215 20.55 22.23 32.87
N MET C 216 20.33 21.59 34.02
CA MET C 216 19.02 21.55 34.64
C MET C 216 19.11 22.06 36.08
N LYS C 217 18.00 22.65 36.54
CA LYS C 217 17.86 23.12 37.92
C LYS C 217 16.71 22.36 38.56
N ASN C 218 16.98 21.74 39.71
CA ASN C 218 15.97 20.98 40.46
C ASN C 218 15.36 19.87 39.60
N GLY C 219 16.10 19.38 38.61
CA GLY C 219 15.60 18.35 37.74
C GLY C 219 14.69 18.82 36.62
N GLU C 220 14.43 20.12 36.52
CA GLU C 220 13.66 20.69 35.41
C GLU C 220 14.55 21.61 34.59
N GLU C 221 14.13 21.87 33.36
CA GLU C 221 14.95 22.63 32.44
C GLU C 221 15.16 24.06 32.95
N ILE C 222 16.36 24.58 32.70
CA ILE C 222 16.67 25.98 32.98
C ILE C 222 15.91 26.89 32.02
N VAL C 223 15.81 28.17 32.38
CA VAL C 223 15.32 29.18 31.45
C VAL C 223 16.32 30.35 31.50
N GLN C 224 17.43 30.13 32.18
CA GLN C 224 18.52 31.09 32.11
C GLN C 224 19.31 30.87 30.82
N GLU C 225 20.37 31.66 30.65
CA GLU C 225 21.20 31.56 29.45
C GLU C 225 22.16 30.39 29.60
N ILE C 226 22.12 29.45 28.66
CA ILE C 226 23.16 28.44 28.53
C ILE C 226 24.06 28.84 27.37
N ASP C 227 25.37 28.88 27.62
CA ASP C 227 26.34 29.04 26.56
C ASP C 227 26.82 27.66 26.10
N TYR C 228 26.96 27.49 24.78
CA TYR C 228 27.36 26.22 24.21
C TYR C 228 28.65 26.36 23.42
N GLY C 229 29.62 25.49 23.71
CA GLY C 229 30.78 25.37 22.86
C GLY C 229 30.50 24.47 21.67
N ASP C 230 31.19 24.75 20.57
CA ASP C 230 31.07 23.90 19.40
C ASP C 230 31.60 22.49 19.66
N ILE C 231 31.12 21.54 18.87
CA ILE C 231 31.67 20.19 18.88
C ILE C 231 32.91 20.22 18.00
N LEU C 232 34.08 20.11 18.62
CA LEU C 232 35.34 20.35 17.91
C LEU C 232 36.15 19.06 17.80
N PRO C 233 36.80 18.83 16.66
CA PRO C 233 37.66 17.64 16.53
C PRO C 233 38.91 17.79 17.39
N SER C 234 39.22 16.73 18.14
CA SER C 234 40.41 16.76 18.99
C SER C 234 41.68 16.40 18.23
N GLY C 235 41.56 15.88 17.01
CA GLY C 235 42.70 15.53 16.18
C GLY C 235 43.02 14.05 16.17
N ASP C 236 42.50 13.28 17.13
CA ASP C 236 42.75 11.85 17.21
C ASP C 236 41.53 11.01 16.84
N GLY C 237 40.57 11.60 16.13
CA GLY C 237 39.35 10.89 15.77
C GLY C 237 38.19 11.07 16.74
N THR C 238 38.40 11.74 17.88
CA THR C 238 37.36 12.01 18.85
C THR C 238 37.06 13.51 18.91
N TYR C 239 36.08 13.87 19.73
CA TYR C 239 35.52 15.22 19.74
C TYR C 239 35.37 15.70 21.17
N GLN C 240 35.17 17.02 21.30
CA GLN C 240 35.01 17.67 22.59
C GLN C 240 33.99 18.80 22.46
N ALA C 241 33.31 19.09 23.56
CA ALA C 241 32.27 20.11 23.57
C ALA C 241 32.03 20.52 25.02
N TRP C 242 31.24 21.58 25.21
CA TRP C 242 30.95 22.03 26.56
C TRP C 242 29.67 22.85 26.56
N ALA C 243 29.12 23.05 27.76
CA ALA C 243 27.98 23.92 28.00
C ALA C 243 28.15 24.54 29.38
N SER C 244 27.74 25.80 29.52
CA SER C 244 28.02 26.55 30.73
C SER C 244 26.83 27.44 31.10
N ILE C 245 26.73 27.77 32.39
CA ILE C 245 25.68 28.61 32.95
C ILE C 245 26.25 29.40 34.13
N GLU C 246 25.46 30.33 34.65
CA GLU C 246 25.77 31.07 35.87
C GLU C 246 24.80 30.69 36.98
N LEU C 247 25.17 31.04 38.20
CA LEU C 247 24.33 30.70 39.36
C LEU C 247 23.53 31.91 39.86
N LEU C 254 19.93 23.51 43.20
CA LEU C 254 20.56 22.26 42.76
C LEU C 254 20.68 22.19 41.24
N TYR C 255 21.90 22.28 40.73
CA TYR C 255 22.17 22.24 39.30
C TYR C 255 22.81 20.92 38.93
N SER C 256 22.46 20.41 37.75
CA SER C 256 23.06 19.19 37.25
C SER C 256 23.23 19.30 35.75
N CYS C 257 24.35 18.75 35.26
CA CYS C 257 24.63 18.66 33.83
C CYS C 257 24.15 17.31 33.31
N HIS C 258 23.42 17.34 32.21
CA HIS C 258 22.88 16.13 31.60
C HIS C 258 23.52 15.94 30.24
N VAL C 259 24.01 14.74 29.98
CA VAL C 259 24.74 14.44 28.75
C VAL C 259 24.15 13.16 28.17
N GLU C 260 23.78 13.19 26.90
CA GLU C 260 23.27 12.01 26.21
C GLU C 260 24.20 11.69 25.05
N HIS C 261 24.74 10.48 25.04
CA HIS C 261 25.65 10.07 23.96
C HIS C 261 25.45 8.60 23.61
N SER C 262 25.10 8.36 22.35
CA SER C 262 24.97 7.01 21.79
CA SER C 262 24.98 7.01 21.79
C SER C 262 24.24 6.07 22.75
N GLY C 263 23.03 6.49 23.13
CA GLY C 263 22.16 5.65 23.93
C GLY C 263 22.49 5.55 25.40
N VAL C 264 23.40 6.37 25.90
CA VAL C 264 23.78 6.37 27.31
C VAL C 264 23.54 7.76 27.85
N HIS C 265 22.83 7.85 28.98
CA HIS C 265 22.57 9.13 29.63
C HIS C 265 23.46 9.24 30.85
N MET C 266 23.93 10.45 31.11
CA MET C 266 24.86 10.70 32.21
C MET C 266 24.42 11.98 32.90
N VAL C 267 24.49 12.00 34.23
CA VAL C 267 24.10 13.15 35.04
C VAL C 267 25.23 13.48 35.98
N LEU C 268 25.58 14.76 36.08
CA LEU C 268 26.60 15.24 36.99
C LEU C 268 26.00 16.31 37.88
N GLN C 269 25.73 15.97 39.14
CA GLN C 269 25.17 16.90 40.11
CA GLN C 269 25.17 16.91 40.10
C GLN C 269 26.25 17.81 40.67
N VAL C 270 25.94 19.11 40.75
CA VAL C 270 26.87 20.08 41.31
C VAL C 270 26.63 20.13 42.82
N PRO C 271 27.65 19.84 43.64
CA PRO C 271 27.58 19.76 45.12
C PRO C 271 26.88 20.94 45.78
N GLN D 3 28.10 -9.02 -14.13
CA GLN D 3 27.20 -8.12 -14.82
C GLN D 3 26.82 -8.63 -16.19
N ASN D 4 25.52 -8.82 -16.44
CA ASN D 4 25.03 -9.37 -17.70
CA ASN D 4 25.10 -9.28 -17.75
C ASN D 4 23.71 -8.72 -18.07
N ILE D 5 23.43 -8.70 -19.37
CA ILE D 5 22.18 -8.19 -19.92
C ILE D 5 21.69 -9.23 -20.91
N ASP D 6 20.41 -9.61 -20.81
CA ASP D 6 19.88 -10.71 -21.60
C ASP D 6 18.59 -10.27 -22.28
N GLN D 7 18.58 -10.37 -23.61
CA GLN D 7 17.40 -10.18 -24.43
C GLN D 7 17.41 -11.29 -25.47
N PRO D 8 16.25 -11.71 -25.95
CA PRO D 8 16.22 -12.81 -26.92
C PRO D 8 17.00 -12.47 -28.17
N THR D 9 17.62 -13.50 -28.76
CA THR D 9 18.38 -13.33 -29.99
C THR D 9 17.47 -12.86 -31.12
N GLU D 10 16.30 -13.47 -31.26
CA GLU D 10 15.44 -13.19 -32.39
C GLU D 10 13.99 -13.38 -31.96
N MET D 11 13.11 -12.56 -32.54
CA MET D 11 11.67 -12.69 -32.35
C MET D 11 10.96 -12.49 -33.69
N THR D 12 9.88 -13.24 -33.90
CA THR D 12 9.09 -13.13 -35.12
C THR D 12 7.64 -12.94 -34.73
N ALA D 13 6.96 -11.99 -35.38
CA ALA D 13 5.55 -11.73 -35.17
C ALA D 13 4.92 -11.28 -36.47
N THR D 14 3.60 -11.14 -36.46
CA THR D 14 2.82 -10.90 -37.67
C THR D 14 2.53 -9.40 -37.84
N GLU D 15 2.58 -8.95 -39.09
CA GLU D 15 2.19 -7.58 -39.44
C GLU D 15 0.81 -7.24 -38.89
N GLY D 16 0.71 -6.08 -38.26
CA GLY D 16 -0.52 -5.63 -37.65
C GLY D 16 -0.72 -6.11 -36.22
N ALA D 17 0.09 -7.05 -35.75
CA ALA D 17 -0.06 -7.57 -34.40
C ALA D 17 0.83 -6.80 -33.43
N ILE D 18 1.19 -7.45 -32.32
CA ILE D 18 1.93 -6.85 -31.23
C ILE D 18 3.14 -7.73 -30.91
N VAL D 19 4.23 -7.11 -30.47
CA VAL D 19 5.38 -7.85 -29.98
C VAL D 19 5.94 -7.15 -28.75
N GLN D 20 6.31 -7.95 -27.75
CA GLN D 20 6.97 -7.48 -26.53
C GLN D 20 8.37 -8.08 -26.49
N ILE D 21 9.39 -7.21 -26.44
CA ILE D 21 10.78 -7.62 -26.44
C ILE D 21 11.32 -7.40 -25.04
N ASN D 22 11.64 -8.48 -24.34
CA ASN D 22 12.08 -8.39 -22.96
C ASN D 22 13.60 -8.17 -22.87
N CYS D 23 13.99 -7.44 -21.84
CA CYS D 23 15.40 -7.25 -21.49
C CYS D 23 15.54 -7.39 -19.99
N THR D 24 16.33 -8.37 -19.55
CA THR D 24 16.64 -8.54 -18.13
CA THR D 24 16.64 -8.57 -18.13
C THR D 24 18.09 -8.15 -17.88
N TYR D 25 18.35 -7.53 -16.73
CA TYR D 25 19.70 -7.10 -16.39
C TYR D 25 20.03 -7.45 -14.95
N GLN D 26 21.27 -7.86 -14.74
CA GLN D 26 21.87 -8.07 -13.43
C GLN D 26 23.14 -7.22 -13.43
N THR D 27 23.11 -6.08 -12.76
CA THR D 27 24.23 -5.14 -12.80
C THR D 27 24.62 -4.72 -11.38
N SER D 28 25.85 -4.23 -11.27
CA SER D 28 26.28 -3.58 -10.03
C SER D 28 25.79 -2.14 -10.12
N GLY D 29 24.57 -1.91 -9.61
CA GLY D 29 23.95 -0.61 -9.62
C GLY D 29 23.15 -0.34 -10.89
N PHE D 30 22.39 0.76 -10.86
CA PHE D 30 21.44 1.04 -11.93
C PHE D 30 21.24 2.54 -12.07
N ASN D 31 21.52 3.08 -13.25
CA ASN D 31 21.27 4.51 -13.50
C ASN D 31 20.39 4.70 -14.73
N GLY D 32 19.69 3.67 -15.18
CA GLY D 32 18.78 3.81 -16.30
C GLY D 32 18.96 2.72 -17.33
N LEU D 33 17.94 2.51 -18.14
CA LEU D 33 17.92 1.49 -19.18
C LEU D 33 17.48 2.14 -20.48
N PHE D 34 18.24 1.93 -21.55
CA PHE D 34 17.98 2.49 -22.86
C PHE D 34 17.54 1.40 -23.82
N TRP D 35 16.71 1.79 -24.79
CA TRP D 35 16.42 0.98 -25.96
C TRP D 35 16.86 1.74 -27.20
N TYR D 36 17.42 0.99 -28.16
CA TYR D 36 17.86 1.53 -29.44
C TYR D 36 17.31 0.66 -30.56
N GLN D 37 16.98 1.30 -31.67
CA GLN D 37 16.62 0.59 -32.90
C GLN D 37 17.79 0.65 -33.88
N GLN D 38 18.08 -0.48 -34.53
CA GLN D 38 19.15 -0.53 -35.52
C GLN D 38 18.64 -1.32 -36.73
N HIS D 39 18.30 -0.60 -37.79
CA HIS D 39 17.99 -1.26 -39.05
C HIS D 39 19.24 -1.90 -39.64
N ALA D 40 19.02 -2.92 -40.46
CA ALA D 40 20.14 -3.68 -41.03
C ALA D 40 21.06 -2.76 -41.81
N GLY D 41 22.36 -2.82 -41.50
CA GLY D 41 23.34 -1.98 -42.16
C GLY D 41 23.32 -0.52 -41.77
N GLU D 42 22.51 -0.13 -40.79
CA GLU D 42 22.39 1.25 -40.35
C GLU D 42 22.95 1.42 -38.95
N ALA D 43 22.96 2.67 -38.47
CA ALA D 43 23.39 3.01 -37.14
C ALA D 43 22.24 2.86 -36.13
N PRO D 44 22.55 2.54 -34.88
CA PRO D 44 21.52 2.56 -33.84
C PRO D 44 21.01 3.96 -33.60
N THR D 45 19.70 4.06 -33.36
CA THR D 45 19.07 5.33 -33.01
C THR D 45 18.30 5.18 -31.70
N PHE D 46 18.34 6.22 -30.88
CA PHE D 46 17.71 6.17 -29.57
C PHE D 46 16.20 6.00 -29.70
N LEU D 47 15.64 5.11 -28.89
CA LEU D 47 14.20 4.92 -28.79
C LEU D 47 13.63 5.37 -27.45
N SER D 48 14.20 4.90 -26.33
CA SER D 48 13.57 5.13 -25.04
C SER D 48 14.61 5.11 -23.93
N TYR D 49 14.23 5.71 -22.81
CA TYR D 49 14.98 5.66 -21.56
C TYR D 49 13.99 5.55 -20.41
N ASN D 50 14.21 4.57 -19.53
CA ASN D 50 13.48 4.42 -18.27
C ASN D 50 14.49 4.35 -17.14
N VAL D 51 14.15 4.94 -15.98
CA VAL D 51 14.96 4.77 -14.78
C VAL D 51 14.11 4.54 -13.54
N LEU D 52 12.87 5.05 -13.52
CA LEU D 52 11.91 4.72 -12.46
C LEU D 52 10.87 3.75 -13.01
N ASP D 53 10.03 3.24 -12.11
CA ASP D 53 9.06 2.21 -12.48
C ASP D 53 7.90 2.80 -13.27
N GLY D 54 7.49 2.11 -14.33
CA GLY D 54 6.33 2.51 -15.07
C GLY D 54 6.49 2.25 -16.55
N LEU D 55 5.49 2.73 -17.29
CA LEU D 55 5.38 2.50 -18.73
C LEU D 55 5.28 3.85 -19.42
N GLU D 56 6.14 4.06 -20.41
CA GLU D 56 6.20 5.31 -21.15
C GLU D 56 5.97 5.02 -22.62
N GLU D 57 5.04 5.75 -23.24
CA GLU D 57 4.57 5.47 -24.58
C GLU D 57 5.03 6.57 -25.53
N LYS D 58 5.65 6.18 -26.64
CA LYS D 58 6.11 7.10 -27.68
C LYS D 58 5.59 6.56 -29.02
N GLY D 59 4.44 7.07 -29.45
CA GLY D 59 3.87 6.59 -30.70
C GLY D 59 3.37 5.16 -30.55
N ARG D 60 3.79 4.30 -31.49
CA ARG D 60 3.47 2.88 -31.44
C ARG D 60 4.40 2.10 -30.51
N PHE D 61 5.37 2.76 -29.88
CA PHE D 61 6.37 2.11 -29.04
C PHE D 61 6.15 2.51 -27.59
N SER D 62 6.13 1.52 -26.70
CA SER D 62 6.11 1.78 -25.27
C SER D 62 7.26 1.02 -24.62
N SER D 63 7.82 1.60 -23.56
CA SER D 63 8.89 0.94 -22.83
C SER D 63 8.53 0.92 -21.35
N PHE D 64 8.67 -0.26 -20.74
CA PHE D 64 8.29 -0.51 -19.36
C PHE D 64 9.54 -0.84 -18.57
N LEU D 65 9.59 -0.41 -17.31
CA LEU D 65 10.66 -0.79 -16.40
C LEU D 65 10.09 -1.21 -15.06
N SER D 66 10.62 -2.32 -14.53
CA SER D 66 10.40 -2.71 -13.14
C SER D 66 11.77 -2.88 -12.49
N ARG D 67 12.10 -1.97 -11.56
CA ARG D 67 13.42 -2.01 -10.94
CA ARG D 67 13.42 -2.01 -10.94
C ARG D 67 13.57 -3.21 -10.02
N SER D 68 12.51 -3.59 -9.32
CA SER D 68 12.62 -4.69 -8.36
C SER D 68 12.81 -6.04 -9.06
N LYS D 69 12.23 -6.22 -10.24
CA LYS D 69 12.41 -7.45 -11.00
C LYS D 69 13.61 -7.38 -11.95
N GLY D 70 14.26 -6.22 -12.07
CA GLY D 70 15.41 -6.05 -12.94
C GLY D 70 15.07 -6.33 -14.39
N TYR D 71 13.97 -5.76 -14.86
CA TYR D 71 13.44 -6.16 -16.15
C TYR D 71 12.75 -4.98 -16.83
N SER D 72 12.89 -4.93 -18.15
CA SER D 72 12.21 -3.95 -18.97
C SER D 72 11.66 -4.68 -20.19
N TYR D 73 10.69 -4.06 -20.84
CA TYR D 73 10.30 -4.54 -22.16
C TYR D 73 10.02 -3.36 -23.07
N LEU D 74 10.21 -3.60 -24.37
CA LEU D 74 9.85 -2.67 -25.43
C LEU D 74 8.63 -3.24 -26.14
N LEU D 75 7.52 -2.50 -26.13
CA LEU D 75 6.27 -2.96 -26.71
C LEU D 75 6.00 -2.24 -28.02
N LEU D 76 5.78 -2.99 -29.08
CA LEU D 76 5.51 -2.45 -30.40
C LEU D 76 4.11 -2.86 -30.81
N LYS D 77 3.23 -1.89 -31.04
CA LYS D 77 1.86 -2.16 -31.43
C LYS D 77 1.67 -1.88 -32.92
N GLU D 78 0.67 -2.52 -33.52
CA GLU D 78 0.33 -2.35 -34.93
C GLU D 78 1.57 -2.51 -35.81
N LEU D 79 2.19 -3.68 -35.68
CA LEU D 79 3.47 -3.95 -36.32
C LEU D 79 3.42 -3.69 -37.81
N GLN D 80 4.43 -2.97 -38.33
CA GLN D 80 4.60 -2.75 -39.75
C GLN D 80 5.87 -3.42 -40.23
N MET D 81 5.97 -3.60 -41.55
CA MET D 81 7.15 -4.23 -42.13
C MET D 81 8.41 -3.43 -41.80
N LYS D 82 8.31 -2.10 -41.77
CA LYS D 82 9.49 -1.28 -41.48
C LYS D 82 9.98 -1.46 -40.05
N ASP D 83 9.20 -2.11 -39.18
CA ASP D 83 9.67 -2.39 -37.83
C ASP D 83 10.70 -3.50 -37.78
N SER D 84 10.88 -4.24 -38.88
CA SER D 84 11.97 -5.22 -38.95
C SER D 84 13.29 -4.52 -38.76
N ALA D 85 14.00 -4.91 -37.70
CA ALA D 85 15.22 -4.24 -37.27
C ALA D 85 15.71 -5.00 -36.04
N SER D 86 16.92 -4.68 -35.61
CA SER D 86 17.41 -5.13 -34.31
C SER D 86 17.12 -4.09 -33.25
N TYR D 87 16.86 -4.57 -32.04
CA TYR D 87 16.50 -3.72 -30.90
C TYR D 87 17.48 -4.02 -29.78
N LEU D 88 18.24 -3.00 -29.39
CA LEU D 88 19.32 -3.14 -28.43
C LEU D 88 18.91 -2.53 -27.11
N CYS D 89 19.10 -3.29 -26.03
CA CYS D 89 18.86 -2.81 -24.68
CA CYS D 89 18.87 -2.76 -24.69
C CYS D 89 20.21 -2.54 -24.00
N ALA D 90 20.29 -1.47 -23.22
CA ALA D 90 21.55 -1.08 -22.61
C ALA D 90 21.27 -0.44 -21.26
N VAL D 91 22.02 -0.86 -20.25
CA VAL D 91 21.85 -0.39 -18.88
C VAL D 91 23.11 0.35 -18.45
N LYS D 92 22.94 1.51 -17.82
CA LYS D 92 24.02 2.23 -17.19
C LYS D 92 24.17 1.76 -15.75
N ASP D 93 25.37 1.34 -15.36
CA ASP D 93 25.56 0.75 -14.05
C ASP D 93 26.01 1.81 -13.04
N SER D 94 26.46 1.35 -11.86
CA SER D 94 26.79 2.28 -10.79
CA SER D 94 26.80 2.27 -10.77
C SER D 94 27.97 3.17 -11.14
N ASN D 95 28.85 2.71 -12.04
CA ASN D 95 29.98 3.49 -12.51
C ASN D 95 29.69 4.21 -13.82
N TYR D 96 28.41 4.28 -14.20
CA TYR D 96 27.95 4.96 -15.40
C TYR D 96 28.48 4.31 -16.67
N GLN D 97 28.95 3.07 -16.56
CA GLN D 97 29.31 2.30 -17.74
C GLN D 97 28.05 1.81 -18.44
N LEU D 98 28.01 1.94 -19.76
CA LEU D 98 26.91 1.44 -20.57
CA LEU D 98 26.91 1.43 -20.56
C LEU D 98 27.17 -0.03 -20.91
N ILE D 99 26.32 -0.92 -20.42
CA ILE D 99 26.40 -2.36 -20.71
C ILE D 99 25.36 -2.69 -21.77
N TRP D 100 25.80 -3.23 -22.89
CA TRP D 100 24.93 -3.45 -24.05
C TRP D 100 24.50 -4.91 -24.13
N GLY D 101 23.20 -5.12 -24.32
CA GLY D 101 22.73 -6.43 -24.69
C GLY D 101 23.13 -6.78 -26.11
N ALA D 102 23.05 -8.07 -26.43
CA ALA D 102 23.46 -8.56 -27.75
C ALA D 102 22.46 -8.24 -28.84
N GLY D 103 21.30 -7.68 -28.52
CA GLY D 103 20.34 -7.30 -29.55
C GLY D 103 19.32 -8.38 -29.82
N THR D 104 18.11 -7.94 -30.15
CA THR D 104 17.03 -8.81 -30.60
C THR D 104 16.66 -8.44 -32.03
N LYS D 105 16.84 -9.38 -32.96
CA LYS D 105 16.41 -9.17 -34.34
C LYS D 105 14.92 -9.46 -34.44
N LEU D 106 14.15 -8.46 -34.87
CA LEU D 106 12.70 -8.60 -35.00
C LEU D 106 12.34 -8.83 -36.47
N ILE D 107 11.74 -9.99 -36.74
CA ILE D 107 11.28 -10.35 -38.08
C ILE D 107 9.76 -10.22 -38.11
N ILE D 108 9.25 -9.47 -39.08
CA ILE D 108 7.82 -9.23 -39.23
C ILE D 108 7.31 -10.07 -40.40
N LYS D 109 6.26 -10.85 -40.17
CA LYS D 109 5.64 -11.62 -41.23
C LYS D 109 4.55 -10.82 -41.90
N PRO D 110 4.57 -10.69 -43.23
CA PRO D 110 3.45 -10.02 -43.91
C PRO D 110 2.24 -10.92 -43.93
N ASP D 111 1.06 -10.31 -43.87
CA ASP D 111 -0.18 -11.08 -43.98
C ASP D 111 -0.51 -11.23 -45.47
N ILE D 112 -0.27 -12.42 -46.00
CA ILE D 112 -0.43 -12.67 -47.43
C ILE D 112 -1.93 -12.77 -47.74
N GLN D 113 -2.46 -11.76 -48.42
CA GLN D 113 -3.90 -11.69 -48.66
C GLN D 113 -4.39 -12.91 -49.44
N ASN D 114 -3.77 -13.20 -50.57
CA ASN D 114 -4.17 -14.31 -51.42
C ASN D 114 -2.92 -15.06 -51.86
N PRO D 115 -2.54 -16.11 -51.14
CA PRO D 115 -1.36 -16.89 -51.52
C PRO D 115 -1.54 -17.54 -52.88
N ASP D 116 -0.43 -17.63 -53.61
CA ASP D 116 -0.39 -18.23 -54.94
C ASP D 116 0.96 -18.92 -55.12
N PRO D 117 1.28 -19.92 -54.30
CA PRO D 117 2.65 -20.47 -54.32
C PRO D 117 3.01 -21.07 -55.67
N ALA D 118 4.16 -20.64 -56.21
CA ALA D 118 4.62 -21.06 -57.51
C ALA D 118 6.13 -20.95 -57.58
N VAL D 119 6.75 -21.78 -58.42
CA VAL D 119 8.18 -21.77 -58.64
C VAL D 119 8.41 -21.58 -60.13
N TYR D 120 8.93 -20.41 -60.50
CA TYR D 120 9.16 -20.07 -61.89
C TYR D 120 10.64 -20.25 -62.27
N GLN D 121 10.91 -20.15 -63.56
CA GLN D 121 12.26 -20.21 -64.11
C GLN D 121 12.51 -18.98 -64.96
N LEU D 122 13.64 -18.32 -64.74
CA LEU D 122 14.03 -17.13 -65.47
C LEU D 122 15.22 -17.44 -66.37
N ARG D 123 15.57 -16.47 -67.22
CA ARG D 123 16.68 -16.64 -68.15
C ARG D 123 17.45 -15.33 -68.26
N ASP D 124 18.70 -15.43 -68.72
CA ASP D 124 19.59 -14.29 -68.85
C ASP D 124 19.01 -13.20 -69.75
N SER D 131 18.15 -19.47 -65.78
CA SER D 131 19.16 -20.20 -65.02
C SER D 131 18.97 -19.95 -63.53
N VAL D 132 17.84 -19.36 -63.17
CA VAL D 132 17.51 -18.99 -61.80
C VAL D 132 16.07 -19.41 -61.51
N CYS D 133 15.87 -20.08 -60.38
CA CYS D 133 14.55 -20.52 -59.94
C CYS D 133 13.98 -19.53 -58.94
N LEU D 134 12.72 -19.15 -59.13
CA LEU D 134 12.05 -18.17 -58.29
C LEU D 134 10.86 -18.83 -57.60
N PHE D 135 10.95 -18.94 -56.27
CA PHE D 135 9.84 -19.38 -55.44
C PHE D 135 9.17 -18.15 -54.86
N THR D 136 7.89 -17.95 -55.17
CA THR D 136 7.25 -16.69 -54.83
C THR D 136 5.78 -16.92 -54.48
N ASP D 137 5.17 -15.87 -53.91
CA ASP D 137 3.73 -15.80 -53.66
C ASP D 137 3.26 -16.89 -52.70
N PHE D 138 4.13 -17.35 -51.81
CA PHE D 138 3.72 -18.31 -50.78
C PHE D 138 3.36 -17.58 -49.50
N ASP D 139 2.53 -18.24 -48.69
CA ASP D 139 2.10 -17.70 -47.41
C ASP D 139 3.27 -17.59 -46.44
N SER D 140 3.16 -16.65 -45.50
CA SER D 140 4.26 -16.36 -44.59
C SER D 140 4.53 -17.49 -43.59
N GLN D 141 3.69 -18.51 -43.54
CA GLN D 141 3.93 -19.60 -42.62
C GLN D 141 5.04 -20.53 -43.09
N THR D 142 5.31 -20.60 -44.39
CA THR D 142 6.32 -21.52 -44.91
C THR D 142 7.72 -20.97 -44.66
N ASN D 143 8.65 -21.89 -44.40
CA ASN D 143 10.05 -21.55 -44.14
C ASN D 143 10.91 -22.17 -45.24
N VAL D 144 11.77 -21.36 -45.85
CA VAL D 144 12.66 -21.82 -46.91
C VAL D 144 13.91 -22.42 -46.27
N SER D 145 14.17 -23.69 -46.58
CA SER D 145 15.29 -24.38 -45.98
C SER D 145 16.60 -24.05 -46.71
N GLN D 146 17.70 -24.14 -45.97
CA GLN D 146 19.00 -23.81 -46.51
C GLN D 146 19.46 -24.87 -47.52
N SER D 147 20.35 -24.45 -48.40
CA SER D 147 20.86 -25.33 -49.46
C SER D 147 21.84 -26.35 -48.90
N LYS D 148 22.00 -27.47 -49.65
CA LYS D 148 22.89 -28.56 -49.26
C LYS D 148 23.59 -29.10 -50.51
N ASP D 149 24.55 -28.33 -51.03
CA ASP D 149 25.40 -28.74 -52.14
C ASP D 149 26.46 -27.68 -52.38
N SER D 150 27.58 -28.12 -52.94
CA SER D 150 28.67 -27.22 -53.30
C SER D 150 28.42 -26.46 -54.60
N ASP D 151 27.24 -26.64 -55.20
CA ASP D 151 26.89 -26.02 -56.46
C ASP D 151 25.58 -25.26 -56.42
N VAL D 152 24.81 -25.37 -55.34
CA VAL D 152 23.45 -24.85 -55.26
C VAL D 152 23.38 -23.78 -54.19
N TYR D 153 22.74 -22.66 -54.52
CA TYR D 153 22.62 -21.52 -53.62
C TYR D 153 21.16 -21.12 -53.53
N ILE D 154 20.64 -21.07 -52.30
CA ILE D 154 19.28 -20.64 -52.03
C ILE D 154 19.34 -19.51 -51.01
N THR D 155 18.62 -18.43 -51.28
CA THR D 155 18.61 -17.27 -50.41
C THR D 155 17.50 -17.39 -49.36
N ASP D 156 17.53 -16.50 -48.38
CA ASP D 156 16.45 -16.44 -47.42
C ASP D 156 15.24 -15.73 -48.03
N LYS D 157 14.08 -15.91 -47.40
CA LYS D 157 12.86 -15.32 -47.92
C LYS D 157 12.93 -13.79 -47.84
N CYS D 158 12.37 -13.15 -48.86
CA CYS D 158 12.36 -11.70 -48.97
CA CYS D 158 12.36 -11.70 -48.97
C CYS D 158 10.93 -11.22 -49.19
N VAL D 159 10.57 -10.10 -48.58
CA VAL D 159 9.25 -9.51 -48.73
C VAL D 159 9.39 -8.20 -49.51
N LEU D 160 8.72 -8.09 -50.64
CA LEU D 160 8.70 -6.86 -51.40
C LEU D 160 7.31 -6.24 -51.36
N ASP D 161 7.28 -4.92 -51.55
CA ASP D 161 6.08 -4.12 -51.34
C ASP D 161 5.82 -3.28 -52.59
N MET D 162 4.86 -3.69 -53.40
CA MET D 162 4.43 -2.88 -54.54
C MET D 162 3.47 -1.83 -54.02
N ARG D 163 4.01 -0.66 -53.68
CA ARG D 163 3.23 0.37 -53.00
C ARG D 163 2.05 0.83 -53.84
N SER D 164 2.20 0.83 -55.17
CA SER D 164 1.12 1.31 -56.05
C SER D 164 -0.10 0.40 -55.95
N MET D 165 0.10 -0.90 -56.06
CA MET D 165 -1.00 -1.86 -56.06
C MET D 165 -1.38 -2.33 -54.66
N ASP D 166 -0.76 -1.79 -53.61
CA ASP D 166 -1.04 -2.17 -52.22
C ASP D 166 -0.93 -3.68 -52.04
N PHE D 167 0.20 -4.24 -52.51
CA PHE D 167 0.41 -5.67 -52.56
C PHE D 167 1.80 -6.01 -52.01
N LYS D 168 1.86 -7.09 -51.24
CA LYS D 168 3.12 -7.62 -50.74
C LYS D 168 3.24 -9.09 -51.13
N SER D 169 4.49 -9.56 -51.26
CA SER D 169 4.74 -10.93 -51.67
C SER D 169 6.05 -11.42 -51.09
N ASN D 170 6.09 -12.72 -50.78
CA ASN D 170 7.30 -13.40 -50.37
C ASN D 170 8.01 -14.00 -51.58
N SER D 171 9.33 -14.09 -51.51
CA SER D 171 10.06 -14.79 -52.54
C SER D 171 11.39 -15.28 -52.00
N ALA D 172 11.89 -16.36 -52.61
CA ALA D 172 13.22 -16.86 -52.38
C ALA D 172 13.81 -17.28 -53.72
N VAL D 173 15.11 -17.08 -53.87
CA VAL D 173 15.81 -17.35 -55.12
C VAL D 173 16.75 -18.54 -54.92
N ALA D 174 16.82 -19.40 -55.94
CA ALA D 174 17.75 -20.51 -55.97
C ALA D 174 18.39 -20.58 -57.35
N TRP D 175 19.69 -20.78 -57.39
CA TRP D 175 20.41 -20.89 -58.65
C TRP D 175 21.58 -21.83 -58.47
N SER D 176 21.92 -22.53 -59.56
CA SER D 176 22.91 -23.58 -59.53
C SER D 176 23.73 -23.51 -60.81
N ASN D 177 24.98 -23.94 -60.73
CA ASN D 177 25.83 -24.05 -61.92
C ASN D 177 26.09 -25.49 -62.33
N LYS D 178 25.64 -26.40 -61.49
CA LYS D 178 25.77 -27.82 -61.86
C LYS D 178 24.55 -28.15 -62.69
N ALA D 182 17.94 -27.83 -62.02
CA ALA D 182 16.53 -28.14 -62.27
C ALA D 182 15.62 -27.50 -61.22
N CYS D 183 14.77 -26.57 -61.69
CA CYS D 183 13.88 -25.84 -60.77
C CYS D 183 12.84 -26.75 -60.15
N ALA D 184 12.46 -27.82 -60.83
CA ALA D 184 11.49 -28.76 -60.26
C ALA D 184 11.99 -29.37 -58.95
N ASN D 185 13.31 -29.43 -58.77
CA ASN D 185 13.90 -30.00 -57.56
C ASN D 185 14.66 -28.98 -56.73
N ALA D 186 14.50 -27.69 -57.02
CA ALA D 186 15.33 -26.67 -56.39
C ALA D 186 15.04 -26.55 -54.89
N PHE D 187 13.76 -26.52 -54.51
CA PHE D 187 13.35 -26.32 -53.13
C PHE D 187 12.84 -27.60 -52.49
N ASN D 188 13.52 -28.72 -52.78
CA ASN D 188 13.09 -30.00 -52.22
C ASN D 188 13.39 -30.09 -50.74
N ASN D 189 14.51 -29.51 -50.30
CA ASN D 189 14.88 -29.56 -48.88
C ASN D 189 13.95 -28.74 -48.00
N SER D 190 13.03 -27.97 -48.58
CA SER D 190 12.06 -27.18 -47.83
C SER D 190 10.67 -27.79 -47.95
N ILE D 191 9.86 -27.58 -46.91
CA ILE D 191 8.49 -28.09 -46.87
C ILE D 191 7.62 -27.07 -47.58
N ILE D 192 7.39 -27.29 -48.88
CA ILE D 192 6.68 -26.36 -49.74
C ILE D 192 5.18 -26.54 -49.59
N PRO D 193 4.36 -25.57 -49.98
CA PRO D 193 2.91 -25.80 -50.01
C PRO D 193 2.54 -26.87 -51.03
N GLU D 194 1.47 -27.61 -50.72
CA GLU D 194 1.06 -28.72 -51.58
C GLU D 194 0.57 -28.22 -52.93
N ASP D 195 -0.12 -27.08 -52.96
CA ASP D 195 -0.67 -26.52 -54.20
C ASP D 195 0.34 -25.63 -54.93
N THR D 196 1.63 -25.93 -54.81
CA THR D 196 2.64 -25.12 -55.50
C THR D 196 2.57 -25.37 -57.01
N PHE D 197 2.58 -24.27 -57.77
CA PHE D 197 2.41 -24.32 -59.22
C PHE D 197 3.78 -24.43 -59.88
N PHE D 198 4.03 -25.56 -60.55
CA PHE D 198 5.29 -25.80 -61.25
C PHE D 198 5.05 -25.82 -62.75
N PRO D 199 5.29 -24.71 -63.46
CA PRO D 199 5.14 -24.68 -64.92
C PRO D 199 6.13 -25.61 -65.64
N GLY E 4 24.67 14.95 -37.82
CA GLY E 4 25.06 14.85 -36.42
C GLY E 4 26.48 14.39 -36.22
N VAL E 5 26.69 13.08 -36.38
CA VAL E 5 28.00 12.45 -36.22
C VAL E 5 28.49 12.00 -37.58
N THR E 6 29.60 12.56 -38.03
CA THR E 6 30.19 12.27 -39.33
C THR E 6 31.45 11.45 -39.12
N GLN E 7 31.43 10.19 -39.54
CA GLN E 7 32.61 9.34 -39.48
C GLN E 7 32.98 8.82 -40.86
N THR E 8 34.27 8.59 -41.07
CA THR E 8 34.83 8.14 -42.33
C THR E 8 35.98 7.20 -42.03
N PRO E 9 36.28 6.25 -42.93
CA PRO E 9 35.57 5.97 -44.19
C PRO E 9 34.41 5.01 -43.96
N LYS E 10 33.48 4.92 -44.91
CA LYS E 10 32.37 3.98 -44.76
C LYS E 10 32.80 2.54 -45.04
N PHE E 11 33.80 2.34 -45.90
CA PHE E 11 34.33 1.03 -46.22
C PHE E 11 35.86 1.14 -46.34
N GLN E 12 36.55 0.08 -45.95
CA GLN E 12 38.00 0.07 -46.07
C GLN E 12 38.48 -1.37 -46.08
N VAL E 13 39.40 -1.68 -47.01
CA VAL E 13 40.10 -2.95 -47.03
C VAL E 13 41.53 -2.70 -46.55
N LEU E 14 42.03 -3.59 -45.71
CA LEU E 14 43.37 -3.46 -45.17
C LEU E 14 44.11 -4.78 -45.24
N LYS E 15 45.40 -4.71 -45.52
CA LYS E 15 46.28 -5.86 -45.36
C LYS E 15 46.89 -5.86 -43.96
N THR E 16 47.10 -7.05 -43.42
CA THR E 16 47.73 -7.21 -42.12
C THR E 16 48.98 -6.33 -42.00
N GLY E 17 49.14 -5.70 -40.84
CA GLY E 17 50.28 -4.84 -40.58
C GLY E 17 50.12 -3.42 -41.05
N GLN E 18 49.13 -3.14 -41.91
CA GLN E 18 48.85 -1.78 -42.33
C GLN E 18 48.36 -0.95 -41.15
N SER E 19 48.62 0.35 -41.22
CA SER E 19 48.09 1.30 -40.25
CA SER E 19 48.09 1.30 -40.25
C SER E 19 46.85 1.99 -40.83
N MET E 20 46.01 2.50 -39.93
CA MET E 20 44.74 3.06 -40.36
C MET E 20 44.22 4.02 -39.30
N THR E 21 43.68 5.15 -39.74
CA THR E 21 43.00 6.09 -38.87
C THR E 21 41.56 6.28 -39.32
N LEU E 22 40.63 6.14 -38.38
CA LEU E 22 39.22 6.43 -38.61
C LEU E 22 38.87 7.80 -38.01
N GLN E 23 38.19 8.62 -38.79
CA GLN E 23 37.83 9.97 -38.39
C GLN E 23 36.40 10.01 -37.89
N CYS E 24 36.16 10.88 -36.90
CA CYS E 24 34.81 11.13 -36.42
C CYS E 24 34.72 12.56 -35.89
N ALA E 25 33.75 13.30 -36.41
CA ALA E 25 33.48 14.66 -35.96
C ALA E 25 32.00 14.80 -35.64
N GLN E 26 31.69 15.58 -34.61
CA GLN E 26 30.31 15.93 -34.31
C GLN E 26 30.20 17.45 -34.20
N ASP E 27 29.09 17.98 -34.71
CA ASP E 27 28.81 19.41 -34.70
C ASP E 27 27.66 19.77 -33.77
N MET E 28 27.48 18.99 -32.69
CA MET E 28 26.39 19.20 -31.74
C MET E 28 26.87 19.80 -30.43
N ASN E 29 28.14 20.19 -30.35
CA ASN E 29 28.76 20.70 -29.12
C ASN E 29 28.65 19.70 -27.99
N HIS E 30 28.74 18.41 -28.32
CA HIS E 30 28.78 17.38 -27.31
C HIS E 30 30.14 17.34 -26.63
N ASN E 31 30.17 16.83 -25.40
CA ASN E 31 31.43 16.76 -24.67
C ASN E 31 32.05 15.37 -24.65
N SER E 32 31.25 14.32 -24.82
CA SER E 32 31.71 12.94 -24.70
C SER E 32 31.63 12.24 -26.04
N MET E 33 32.67 11.48 -26.37
CA MET E 33 32.75 10.77 -27.64
C MET E 33 33.25 9.35 -27.37
N TYR E 34 32.87 8.44 -28.26
CA TYR E 34 33.04 7.01 -28.04
C TYR E 34 33.37 6.31 -29.35
N TRP E 35 34.20 5.28 -29.27
CA TRP E 35 34.44 4.38 -30.39
C TRP E 35 34.02 2.98 -29.99
N TYR E 36 33.12 2.39 -30.76
CA TYR E 36 32.59 1.05 -30.52
C TYR E 36 32.92 0.16 -31.70
N ARG E 37 33.02 -1.14 -31.45
CA ARG E 37 33.00 -2.11 -32.54
C ARG E 37 31.82 -3.05 -32.34
N GLN E 38 31.18 -3.43 -33.44
CA GLN E 38 30.00 -4.29 -33.41
C GLN E 38 30.33 -5.57 -34.16
N ASP E 39 30.22 -6.70 -33.49
CA ASP E 39 30.52 -8.00 -34.05
C ASP E 39 29.35 -8.94 -33.84
N PRO E 40 29.17 -9.92 -34.73
CA PRO E 40 27.97 -10.78 -34.66
C PRO E 40 27.87 -11.54 -33.35
N GLY E 41 26.67 -11.51 -32.76
CA GLY E 41 26.38 -12.32 -31.59
C GLY E 41 26.81 -11.74 -30.26
N MET E 42 27.14 -10.46 -30.20
CA MET E 42 27.53 -9.83 -28.94
C MET E 42 27.10 -8.37 -28.95
N GLY E 43 27.01 -7.79 -27.77
CA GLY E 43 26.69 -6.38 -27.66
C GLY E 43 27.85 -5.50 -28.09
N LEU E 44 27.53 -4.24 -28.36
CA LEU E 44 28.56 -3.25 -28.67
C LEU E 44 29.67 -3.32 -27.62
N ARG E 45 30.92 -3.32 -28.08
CA ARG E 45 32.08 -3.31 -27.19
C ARG E 45 32.83 -2.00 -27.34
N LEU E 46 33.02 -1.31 -26.22
CA LEU E 46 33.71 -0.03 -26.23
C LEU E 46 35.21 -0.23 -26.43
N ILE E 47 35.79 0.50 -27.37
CA ILE E 47 37.22 0.45 -27.62
C ILE E 47 37.91 1.48 -26.75
N TYR E 48 37.59 2.74 -27.00
CA TYR E 48 38.07 3.88 -26.22
C TYR E 48 36.95 4.90 -26.17
N TYR E 49 37.04 5.81 -25.20
CA TYR E 49 36.10 6.92 -25.10
C TYR E 49 36.81 8.14 -24.55
N SER E 50 36.15 9.29 -24.66
CA SER E 50 36.70 10.56 -24.19
C SER E 50 35.57 11.29 -23.48
N ALA E 51 35.59 11.26 -22.14
CA ALA E 51 34.46 11.81 -21.40
C ALA E 51 34.32 13.32 -21.57
N SER E 52 35.39 13.97 -22.03
CA SER E 52 35.43 15.42 -22.17
C SER E 52 36.66 15.74 -23.01
N GLU E 53 36.65 16.94 -23.60
CA GLU E 53 37.84 17.43 -24.26
C GLU E 53 38.99 17.45 -23.26
N GLY E 54 40.11 16.86 -23.65
CA GLY E 54 41.28 16.83 -22.79
C GLY E 54 41.51 15.55 -22.02
N THR E 55 40.64 14.56 -22.17
CA THR E 55 40.91 13.27 -21.54
C THR E 55 40.35 12.15 -22.39
N THR E 56 40.99 11.00 -22.30
CA THR E 56 40.54 9.78 -22.96
C THR E 56 40.85 8.61 -22.05
N ASP E 57 40.16 7.49 -22.26
CA ASP E 57 40.47 6.29 -21.49
C ASP E 57 40.09 5.06 -22.28
N LYS E 58 40.75 3.95 -21.95
CA LYS E 58 40.46 2.68 -22.60
C LYS E 58 39.04 2.23 -22.28
N GLY E 59 38.44 1.54 -23.25
CA GLY E 59 37.15 0.92 -23.01
C GLY E 59 37.33 -0.52 -22.59
N GLU E 60 36.56 -1.42 -23.20
CA GLU E 60 36.66 -2.84 -22.88
C GLU E 60 37.70 -3.55 -23.72
N VAL E 61 37.88 -3.16 -24.97
CA VAL E 61 38.77 -3.88 -25.88
C VAL E 61 39.78 -2.93 -26.51
N PRO E 62 40.66 -2.29 -25.72
CA PRO E 62 41.57 -1.29 -26.30
C PRO E 62 42.79 -1.85 -27.02
N ASN E 63 43.14 -3.12 -26.83
CA ASN E 63 44.40 -3.63 -27.35
C ASN E 63 44.39 -3.65 -28.87
N GLY E 64 45.44 -3.12 -29.48
CA GLY E 64 45.52 -2.97 -30.92
C GLY E 64 45.00 -1.65 -31.44
N TYR E 65 44.56 -0.76 -30.56
CA TYR E 65 44.01 0.52 -30.96
C TYR E 65 44.62 1.62 -30.11
N ASN E 66 44.47 2.85 -30.57
CA ASN E 66 44.65 4.03 -29.74
C ASN E 66 43.78 5.13 -30.33
N VAL E 67 43.57 6.18 -29.54
CA VAL E 67 42.69 7.26 -29.93
C VAL E 67 43.33 8.61 -29.67
N SER E 68 42.77 9.62 -30.31
CA SER E 68 43.18 11.00 -30.09
CA SER E 68 43.17 11.01 -30.11
C SER E 68 41.93 11.87 -30.08
N ARG E 69 41.69 12.54 -28.96
CA ARG E 69 40.63 13.54 -28.85
C ARG E 69 41.25 14.86 -29.32
N LEU E 70 41.16 15.11 -30.62
CA LEU E 70 41.93 16.21 -31.21
C LEU E 70 41.42 17.56 -30.73
N ASN E 71 40.11 17.72 -30.68
CA ASN E 71 39.47 18.93 -30.18
C ASN E 71 38.12 18.51 -29.64
N LYS E 72 37.25 19.49 -29.37
CA LYS E 72 35.92 19.14 -28.88
C LYS E 72 35.12 18.39 -29.94
N ARG E 73 35.36 18.68 -31.23
CA ARG E 73 34.56 18.10 -32.30
C ARG E 73 35.02 16.71 -32.72
N GLU E 74 36.32 16.41 -32.63
CA GLU E 74 36.89 15.27 -33.34
C GLU E 74 37.54 14.26 -32.41
N PHE E 75 37.34 12.98 -32.72
CA PHE E 75 37.80 11.85 -31.93
C PHE E 75 38.22 10.77 -32.94
N SER E 76 39.52 10.66 -33.19
CA SER E 76 40.01 9.74 -34.21
C SER E 76 40.44 8.42 -33.56
N LEU E 77 40.28 7.34 -34.31
CA LEU E 77 40.60 6.00 -33.85
C LEU E 77 41.69 5.44 -34.76
N ARG E 78 42.75 4.92 -34.16
CA ARG E 78 43.91 4.43 -34.90
C ARG E 78 44.04 2.93 -34.75
N LEU E 79 44.32 2.25 -35.86
CA LEU E 79 44.72 0.85 -35.85
C LEU E 79 46.22 0.82 -36.07
N GLU E 80 46.97 0.40 -35.04
CA GLU E 80 48.42 0.48 -35.06
C GLU E 80 48.99 -0.41 -36.15
N SER E 81 48.77 -1.72 -36.05
CA SER E 81 49.20 -2.70 -37.04
C SER E 81 48.00 -3.63 -37.26
N ALA E 82 47.22 -3.36 -38.31
CA ALA E 82 45.93 -4.02 -38.50
C ALA E 82 46.06 -5.53 -38.48
N ALA E 83 45.08 -6.19 -37.86
CA ALA E 83 45.07 -7.64 -37.75
C ALA E 83 43.72 -8.16 -38.21
N PRO E 84 43.68 -9.37 -38.77
CA PRO E 84 42.40 -9.93 -39.25
C PRO E 84 41.29 -9.92 -38.22
N SER E 85 41.61 -10.11 -36.93
CA SER E 85 40.57 -10.07 -35.90
C SER E 85 39.92 -8.70 -35.77
N GLN E 86 40.57 -7.64 -36.25
CA GLN E 86 39.99 -6.32 -36.21
C GLN E 86 38.98 -6.07 -37.32
N THR E 87 38.78 -7.05 -38.22
CA THR E 87 37.69 -7.01 -39.20
C THR E 87 36.37 -6.85 -38.47
N SER E 88 35.70 -5.72 -38.65
CA SER E 88 34.51 -5.45 -37.85
C SER E 88 33.79 -4.23 -38.42
N VAL E 89 32.71 -3.84 -37.75
CA VAL E 89 31.98 -2.62 -38.04
C VAL E 89 32.22 -1.68 -36.88
N TYR E 90 32.78 -0.50 -37.19
CA TYR E 90 33.18 0.47 -36.18
C TYR E 90 32.19 1.62 -36.17
N PHE E 91 31.70 1.96 -34.97
CA PHE E 91 30.75 3.05 -34.78
C PHE E 91 31.35 4.09 -33.85
N CYS E 92 31.34 5.34 -34.30
CA CYS E 92 31.61 6.48 -33.43
C CYS E 92 30.30 7.01 -32.86
N ALA E 93 30.35 7.50 -31.62
CA ALA E 93 29.15 8.06 -31.00
C ALA E 93 29.55 9.24 -30.12
N SER E 94 28.56 10.08 -29.84
CA SER E 94 28.74 11.26 -29.00
C SER E 94 27.53 11.43 -28.09
N SER E 95 27.76 12.09 -26.96
CA SER E 95 26.70 12.42 -26.02
CA SER E 95 26.73 12.40 -25.98
C SER E 95 27.00 13.78 -25.41
N VAL E 96 25.94 14.42 -24.92
CA VAL E 96 26.11 15.74 -24.31
C VAL E 96 27.14 15.67 -23.18
N TRP E 97 27.01 14.67 -22.30
CA TRP E 97 28.00 14.40 -21.27
C TRP E 97 28.00 12.91 -20.94
N THR E 98 29.07 12.48 -20.29
CA THR E 98 29.13 11.22 -19.57
C THR E 98 28.85 11.52 -18.09
N GLY E 99 28.48 10.49 -17.33
CA GLY E 99 28.23 10.75 -15.92
C GLY E 99 26.95 11.50 -15.65
N GLU E 100 26.13 11.68 -16.67
CA GLU E 100 24.74 12.05 -16.52
C GLU E 100 23.89 10.85 -16.92
N GLY E 101 22.73 10.71 -16.30
CA GLY E 101 21.99 9.48 -16.43
C GLY E 101 21.32 9.26 -17.76
N SER E 102 20.46 10.19 -18.16
CA SER E 102 19.52 9.94 -19.24
C SER E 102 20.04 10.32 -20.61
N GLY E 103 21.17 11.02 -20.71
CA GLY E 103 21.70 11.42 -22.00
C GLY E 103 21.96 10.24 -22.92
N GLU E 104 21.35 10.24 -24.09
CA GLU E 104 21.51 9.13 -25.02
C GLU E 104 22.73 9.33 -25.92
N LEU E 105 23.07 8.27 -26.65
CA LEU E 105 24.15 8.31 -27.63
C LEU E 105 23.60 8.67 -29.01
N PHE E 106 24.39 9.45 -29.74
CA PHE E 106 24.14 9.74 -31.15
C PHE E 106 25.24 9.06 -31.96
N PHE E 107 24.86 8.14 -32.85
CA PHE E 107 25.81 7.28 -33.53
C PHE E 107 26.10 7.78 -34.93
N GLY E 108 27.35 7.59 -35.36
CA GLY E 108 27.71 7.80 -36.75
C GLY E 108 27.24 6.65 -37.63
N GLU E 109 27.50 6.77 -38.92
CA GLU E 109 26.95 5.83 -39.90
C GLU E 109 27.67 4.49 -39.92
N GLY E 110 28.83 4.37 -39.30
CA GLY E 110 29.53 3.10 -39.23
C GLY E 110 30.63 2.98 -40.28
N SER E 111 31.68 2.24 -39.92
CA SER E 111 32.83 2.02 -40.80
C SER E 111 33.10 0.53 -40.90
N ARG E 112 32.90 -0.04 -42.09
CA ARG E 112 33.11 -1.46 -42.32
C ARG E 112 34.55 -1.70 -42.76
N LEU E 113 35.34 -2.32 -41.89
CA LEU E 113 36.76 -2.57 -42.11
C LEU E 113 37.00 -4.06 -42.25
N THR E 114 37.72 -4.46 -43.29
CA THR E 114 38.08 -5.85 -43.52
C THR E 114 39.60 -5.95 -43.62
N VAL E 115 40.21 -6.73 -42.73
CA VAL E 115 41.65 -6.94 -42.72
C VAL E 115 41.95 -8.32 -43.30
N LEU E 116 42.85 -8.37 -44.28
CA LEU E 116 43.18 -9.60 -44.98
C LEU E 116 44.69 -9.82 -44.97
N GLU E 117 45.09 -11.09 -45.02
CA GLU E 117 46.51 -11.43 -45.10
C GLU E 117 47.14 -10.86 -46.36
N ASP E 118 46.47 -10.99 -47.50
CA ASP E 118 46.89 -10.34 -48.73
C ASP E 118 45.63 -9.83 -49.43
N LEU E 119 45.83 -9.15 -50.57
CA LEU E 119 44.72 -8.57 -51.30
C LEU E 119 44.33 -9.39 -52.53
N LYS E 120 44.94 -10.55 -52.73
CA LYS E 120 44.76 -11.29 -53.98
C LYS E 120 43.39 -11.96 -54.09
N ASN E 121 42.66 -12.11 -52.99
CA ASN E 121 41.32 -12.68 -53.03
C ASN E 121 40.23 -11.64 -53.21
N VAL E 122 40.58 -10.36 -53.36
CA VAL E 122 39.58 -9.32 -53.53
C VAL E 122 39.08 -9.32 -54.97
N PHE E 123 37.78 -9.52 -55.15
CA PHE E 123 37.17 -9.60 -56.47
C PHE E 123 35.92 -8.73 -56.52
N PRO E 124 35.70 -8.01 -57.61
CA PRO E 124 34.45 -7.29 -57.80
C PRO E 124 33.34 -8.27 -58.13
N PRO E 125 32.08 -7.85 -58.03
CA PRO E 125 30.98 -8.74 -58.39
C PRO E 125 30.77 -8.84 -59.90
N GLU E 126 30.33 -10.03 -60.32
CA GLU E 126 29.69 -10.20 -61.61
C GLU E 126 28.19 -10.04 -61.43
N VAL E 127 27.58 -9.21 -62.27
CA VAL E 127 26.16 -8.87 -62.15
C VAL E 127 25.43 -9.40 -63.37
N ALA E 128 24.23 -9.92 -63.15
CA ALA E 128 23.41 -10.43 -64.24
C ALA E 128 21.94 -10.28 -63.88
N VAL E 129 21.17 -9.68 -64.79
CA VAL E 129 19.73 -9.56 -64.63
C VAL E 129 19.05 -10.74 -65.29
N PHE E 130 17.98 -11.23 -64.67
CA PHE E 130 17.20 -12.34 -65.19
C PHE E 130 15.78 -11.85 -65.44
N GLU E 131 15.32 -11.99 -66.68
CA GLU E 131 14.04 -11.44 -67.10
C GLU E 131 12.89 -12.28 -66.58
N PRO E 132 11.71 -11.67 -66.38
CA PRO E 132 10.59 -12.40 -65.80
C PRO E 132 10.15 -13.59 -66.65
N SER E 133 9.71 -14.64 -65.97
CA SER E 133 9.20 -15.83 -66.64
C SER E 133 7.82 -15.55 -67.23
N GLU E 134 7.58 -16.09 -68.43
CA GLU E 134 6.28 -15.91 -69.07
C GLU E 134 5.16 -16.54 -68.25
N ALA E 135 5.45 -17.65 -67.57
CA ALA E 135 4.44 -18.31 -66.74
C ALA E 135 3.96 -17.40 -65.63
N GLU E 136 4.88 -16.66 -65.00
CA GLU E 136 4.47 -15.71 -63.96
C GLU E 136 3.63 -14.59 -64.56
N ILE E 137 3.99 -14.12 -65.76
CA ILE E 137 3.18 -13.12 -66.44
C ILE E 137 1.79 -13.68 -66.76
N SER E 138 1.73 -14.97 -67.09
CA SER E 138 0.46 -15.61 -67.42
C SER E 138 -0.36 -15.92 -66.18
N HIS E 139 0.29 -16.12 -65.03
CA HIS E 139 -0.38 -16.60 -63.83
C HIS E 139 -0.77 -15.48 -62.86
N THR E 140 -0.04 -14.38 -62.84
CA THR E 140 -0.25 -13.35 -61.84
C THR E 140 -0.38 -11.95 -62.41
N GLN E 141 -0.19 -11.74 -63.72
CA GLN E 141 -0.11 -10.42 -64.33
C GLN E 141 0.97 -9.56 -63.69
N LYS E 142 1.97 -10.19 -63.06
CA LYS E 142 3.08 -9.52 -62.44
C LYS E 142 4.38 -10.11 -62.97
N ALA E 143 5.39 -9.26 -63.14
CA ALA E 143 6.66 -9.65 -63.72
C ALA E 143 7.78 -9.37 -62.73
N THR E 144 8.58 -10.39 -62.43
CA THR E 144 9.66 -10.29 -61.45
C THR E 144 11.00 -10.37 -62.16
N LEU E 145 11.80 -9.31 -62.00
CA LEU E 145 13.18 -9.30 -62.44
C LEU E 145 14.09 -9.61 -61.25
N VAL E 146 15.10 -10.45 -61.48
CA VAL E 146 15.98 -10.92 -60.41
C VAL E 146 17.41 -10.53 -60.73
N CYS E 147 18.06 -9.86 -59.79
CA CYS E 147 19.47 -9.51 -59.95
C CYS E 147 20.34 -10.48 -59.16
N LEU E 148 21.50 -10.80 -59.72
CA LEU E 148 22.47 -11.67 -59.07
C LEU E 148 23.85 -11.03 -59.17
N ALA E 149 24.39 -10.64 -58.02
CA ALA E 149 25.79 -10.25 -57.90
C ALA E 149 26.55 -11.41 -57.28
N THR E 150 27.55 -11.91 -57.99
CA THR E 150 28.22 -13.15 -57.61
C THR E 150 29.74 -12.97 -57.63
N GLY E 151 30.41 -13.76 -56.79
CA GLY E 151 31.85 -13.87 -56.82
C GLY E 151 32.61 -12.73 -56.19
N PHE E 152 31.96 -11.85 -55.43
CA PHE E 152 32.68 -10.69 -54.93
C PHE E 152 33.29 -10.97 -53.56
N TYR E 153 34.30 -10.18 -53.23
CA TYR E 153 35.05 -10.27 -51.99
C TYR E 153 35.86 -9.00 -51.78
N PRO E 154 35.80 -8.38 -50.59
CA PRO E 154 34.99 -8.80 -49.42
C PRO E 154 33.52 -8.43 -49.57
N ASP E 155 32.78 -8.51 -48.47
CA ASP E 155 31.33 -8.30 -48.47
C ASP E 155 31.04 -6.80 -48.35
N HIS E 156 31.40 -6.07 -49.40
CA HIS E 156 31.28 -4.60 -49.45
C HIS E 156 30.53 -4.22 -50.74
N VAL E 157 29.20 -4.42 -50.75
CA VAL E 157 28.40 -4.05 -51.91
C VAL E 157 27.10 -3.36 -51.49
N GLU E 158 26.54 -2.60 -52.42
CA GLU E 158 25.23 -1.99 -52.27
C GLU E 158 24.49 -2.12 -53.60
N LEU E 159 23.36 -2.81 -53.59
CA LEU E 159 22.57 -3.08 -54.78
C LEU E 159 21.40 -2.10 -54.88
N SER E 160 21.14 -1.63 -56.09
CA SER E 160 20.05 -0.69 -56.34
C SER E 160 19.45 -0.97 -57.71
N TRP E 161 18.18 -0.62 -57.86
CA TRP E 161 17.45 -0.78 -59.12
C TRP E 161 17.20 0.57 -59.75
N TRP E 162 17.23 0.61 -61.08
CA TRP E 162 17.04 1.84 -61.85
C TRP E 162 16.15 1.55 -63.04
N VAL E 163 15.01 2.24 -63.13
CA VAL E 163 14.16 2.21 -64.31
C VAL E 163 14.17 3.59 -64.95
N ASN E 164 14.29 3.60 -66.30
CA ASN E 164 14.28 4.83 -67.08
C ASN E 164 15.25 5.87 -66.55
N GLY E 165 16.39 5.40 -66.02
CA GLY E 165 17.38 6.29 -65.46
C GLY E 165 17.10 6.79 -64.06
N LYS E 166 16.04 6.30 -63.40
CA LYS E 166 15.67 6.73 -62.07
C LYS E 166 15.61 5.53 -61.13
N GLU E 167 16.10 5.72 -59.90
CA GLU E 167 16.18 4.63 -58.92
C GLU E 167 14.80 4.34 -58.33
N VAL E 168 14.49 3.05 -58.22
CA VAL E 168 13.20 2.57 -57.72
C VAL E 168 13.41 1.93 -56.35
N HIS E 169 12.42 2.12 -55.46
CA HIS E 169 12.38 1.40 -54.19
C HIS E 169 11.11 0.58 -54.00
N SER E 170 10.07 0.83 -54.80
CA SER E 170 8.84 0.06 -54.70
C SER E 170 8.96 -1.23 -55.51
N GLY E 171 8.48 -2.33 -54.93
CA GLY E 171 8.61 -3.61 -55.59
C GLY E 171 10.00 -4.20 -55.57
N VAL E 172 10.87 -3.70 -54.68
CA VAL E 172 12.25 -4.18 -54.56
C VAL E 172 12.39 -4.97 -53.26
N CYS E 173 13.12 -6.08 -53.32
CA CYS E 173 13.61 -6.73 -52.11
C CYS E 173 14.99 -7.30 -52.40
N THR E 174 16.00 -6.76 -51.72
CA THR E 174 17.37 -7.28 -51.78
C THR E 174 17.66 -8.06 -50.51
N ASP E 175 18.44 -9.14 -50.64
CA ASP E 175 18.83 -9.92 -49.47
C ASP E 175 19.52 -9.00 -48.46
N PRO E 176 19.22 -9.15 -47.17
CA PRO E 176 19.91 -8.30 -46.18
C PRO E 176 21.37 -8.67 -45.99
N GLN E 177 21.74 -9.92 -46.24
CA GLN E 177 23.12 -10.37 -46.15
C GLN E 177 23.44 -11.27 -47.32
N PRO E 178 24.62 -11.11 -47.92
CA PRO E 178 25.06 -12.07 -48.94
C PRO E 178 25.26 -13.46 -48.35
N LEU E 179 25.33 -14.44 -49.23
CA LEU E 179 25.64 -15.80 -48.82
C LEU E 179 27.04 -16.20 -49.29
N LYS E 180 27.59 -17.22 -48.64
CA LYS E 180 28.94 -17.69 -48.93
C LYS E 180 28.89 -18.70 -50.07
N GLU E 181 29.64 -18.43 -51.14
CA GLU E 181 29.68 -19.36 -52.27
C GLU E 181 30.45 -20.62 -51.91
N GLN E 182 31.42 -20.54 -51.00
CA GLN E 182 32.18 -21.69 -50.51
C GLN E 182 32.16 -21.67 -48.99
N PRO E 183 31.06 -22.14 -48.38
CA PRO E 183 30.92 -21.97 -46.92
C PRO E 183 32.03 -22.62 -46.11
N ALA E 184 32.67 -23.66 -46.64
CA ALA E 184 33.73 -24.34 -45.90
C ALA E 184 35.01 -23.52 -45.82
N LEU E 185 35.18 -22.52 -46.67
CA LEU E 185 36.44 -21.78 -46.74
C LEU E 185 36.41 -20.54 -45.85
N ASN E 186 37.58 -20.19 -45.31
CA ASN E 186 37.68 -19.02 -44.45
C ASN E 186 37.56 -17.73 -45.26
N ASP E 187 37.96 -17.73 -46.53
CA ASP E 187 37.91 -16.55 -47.38
C ASP E 187 36.95 -16.73 -48.54
N SER E 188 35.82 -17.40 -48.28
CA SER E 188 34.81 -17.61 -49.31
C SER E 188 34.39 -16.28 -49.93
N ARG E 189 34.09 -16.31 -51.22
CA ARG E 189 33.48 -15.17 -51.87
C ARG E 189 31.97 -15.21 -51.65
N TYR E 190 31.28 -14.18 -52.11
CA TYR E 190 29.89 -13.94 -51.71
C TYR E 190 28.99 -13.77 -52.92
N ALA E 191 27.71 -14.06 -52.71
CA ALA E 191 26.67 -13.82 -53.71
C ALA E 191 25.50 -13.10 -53.06
N LEU E 192 24.86 -12.22 -53.83
CA LEU E 192 23.75 -11.41 -53.35
C LEU E 192 22.68 -11.35 -54.43
N SER E 193 21.42 -11.52 -54.03
CA SER E 193 20.29 -11.51 -54.94
C SER E 193 19.31 -10.38 -54.58
N SER E 194 18.54 -9.97 -55.58
CA SER E 194 17.51 -8.96 -55.37
C SER E 194 16.43 -9.13 -56.43
N ARG E 195 15.20 -8.79 -56.07
CA ARG E 195 14.06 -8.93 -56.96
C ARG E 195 13.44 -7.55 -57.20
N LEU E 196 13.00 -7.33 -58.44
CA LEU E 196 12.26 -6.12 -58.81
C LEU E 196 11.00 -6.59 -59.52
N ARG E 197 9.86 -6.54 -58.83
CA ARG E 197 8.60 -6.97 -59.41
C ARG E 197 7.81 -5.76 -59.87
N VAL E 198 7.36 -5.77 -61.13
CA VAL E 198 6.59 -4.68 -61.67
C VAL E 198 5.28 -5.22 -62.20
N SER E 199 4.49 -4.35 -62.81
CA SER E 199 3.38 -4.79 -63.64
C SER E 199 3.83 -5.82 -64.68
N ALA E 200 2.85 -6.49 -65.26
CA ALA E 200 3.09 -7.07 -66.57
C ALA E 200 3.15 -5.97 -67.62
N THR E 201 2.31 -4.93 -67.44
CA THR E 201 2.26 -3.77 -68.33
C THR E 201 3.64 -3.14 -68.55
N PHE E 202 4.22 -2.57 -67.48
CA PHE E 202 5.53 -1.92 -67.58
C PHE E 202 6.55 -2.80 -68.27
N TRP E 203 6.55 -4.08 -67.93
CA TRP E 203 7.54 -4.99 -68.48
C TRP E 203 7.38 -5.16 -69.99
N GLN E 204 6.17 -4.99 -70.50
CA GLN E 204 5.92 -5.22 -71.92
C GLN E 204 6.24 -4.00 -72.79
N ASN E 205 6.21 -2.80 -72.24
CA ASN E 205 6.61 -1.61 -73.00
C ASN E 205 8.12 -1.62 -73.21
N PRO E 206 8.61 -1.67 -74.45
CA PRO E 206 10.06 -1.66 -74.68
C PRO E 206 10.71 -0.30 -74.50
N ARG E 207 9.96 0.74 -74.14
CA ARG E 207 10.53 2.04 -73.83
C ARG E 207 10.91 2.16 -72.35
N ASN E 208 10.83 1.07 -71.60
CA ASN E 208 11.22 1.04 -70.20
C ASN E 208 12.55 0.30 -70.07
N HIS E 209 13.53 0.93 -69.43
CA HIS E 209 14.87 0.38 -69.28
C HIS E 209 15.10 0.00 -67.82
N PHE E 210 15.24 -1.30 -67.56
CA PHE E 210 15.57 -1.79 -66.24
C PHE E 210 17.07 -1.99 -66.12
N ARG E 211 17.62 -1.67 -64.95
CA ARG E 211 19.05 -1.83 -64.74
C ARG E 211 19.32 -2.10 -63.27
N CYS E 212 20.02 -3.21 -63.01
CA CYS E 212 20.49 -3.52 -61.67
C CYS E 212 21.90 -2.97 -61.49
N GLN E 213 22.10 -2.16 -60.46
CA GLN E 213 23.38 -1.53 -60.19
C GLN E 213 23.93 -2.04 -58.87
N VAL E 214 25.21 -2.41 -58.87
CA VAL E 214 25.87 -2.89 -57.66
C VAL E 214 27.16 -2.09 -57.47
N GLN E 215 27.15 -1.19 -56.49
CA GLN E 215 28.37 -0.51 -56.07
C GLN E 215 29.21 -1.46 -55.24
N PHE E 216 30.49 -1.58 -55.58
CA PHE E 216 31.43 -2.44 -54.86
C PHE E 216 32.53 -1.57 -54.27
N TYR E 217 32.86 -1.82 -53.01
CA TYR E 217 33.94 -1.11 -52.33
C TYR E 217 35.10 -2.09 -52.18
N GLY E 218 36.21 -1.78 -52.85
CA GLY E 218 37.37 -2.63 -52.81
C GLY E 218 38.66 -1.87 -52.52
N LEU E 219 39.62 -1.97 -53.43
CA LEU E 219 40.94 -1.38 -53.22
C LEU E 219 40.96 0.09 -53.64
N SER E 220 41.89 0.84 -53.05
CA SER E 220 42.12 2.24 -53.37
C SER E 220 43.28 2.37 -54.36
N GLU E 221 43.57 3.61 -54.76
CA GLU E 221 44.65 3.85 -55.71
C GLU E 221 46.01 3.52 -55.10
N ASN E 222 46.18 3.79 -53.81
CA ASN E 222 47.47 3.55 -53.15
C ASN E 222 47.76 2.08 -52.94
N ASP E 223 46.78 1.19 -53.14
CA ASP E 223 47.01 -0.23 -52.99
C ASP E 223 47.84 -0.75 -54.16
N GLU E 224 48.79 -1.64 -53.86
CA GLU E 224 49.63 -2.21 -54.89
C GLU E 224 48.91 -3.33 -55.63
N TRP E 225 49.19 -3.46 -56.91
CA TRP E 225 48.60 -4.53 -57.72
C TRP E 225 49.55 -4.87 -58.86
N THR E 226 49.86 -6.16 -58.99
CA THR E 226 50.75 -6.65 -60.04
C THR E 226 50.18 -7.83 -60.81
N GLN E 227 48.94 -8.23 -60.54
CA GLN E 227 48.37 -9.39 -61.19
C GLN E 227 47.91 -9.04 -62.61
N ASP E 228 47.75 -10.08 -63.43
CA ASP E 228 47.34 -9.83 -64.80
C ASP E 228 45.87 -9.42 -64.89
N ARG E 229 45.03 -9.92 -63.98
CA ARG E 229 43.65 -9.46 -63.95
C ARG E 229 43.58 -8.03 -63.43
N ALA E 230 42.54 -7.32 -63.86
CA ALA E 230 42.38 -5.91 -63.50
C ALA E 230 42.39 -5.73 -61.99
N LYS E 231 42.96 -4.61 -61.56
CA LYS E 231 43.00 -4.24 -60.15
C LYS E 231 41.58 -4.08 -59.61
N PRO E 232 41.20 -4.79 -58.54
CA PRO E 232 39.80 -4.77 -58.05
C PRO E 232 39.48 -3.52 -57.22
N VAL E 233 39.45 -2.38 -57.91
CA VAL E 233 39.16 -1.12 -57.25
C VAL E 233 37.67 -0.99 -56.97
N THR E 234 37.34 -0.08 -56.05
CA THR E 234 35.97 0.36 -55.88
C THR E 234 35.38 0.75 -57.24
N GLN E 235 34.18 0.26 -57.51
CA GLN E 235 33.63 0.38 -58.86
C GLN E 235 32.16 -0.02 -58.83
N ILE E 236 31.44 0.38 -59.88
CA ILE E 236 30.07 -0.02 -60.11
C ILE E 236 30.07 -1.08 -61.20
N VAL E 237 29.28 -2.14 -61.00
CA VAL E 237 29.01 -3.13 -62.02
C VAL E 237 27.50 -3.23 -62.19
N SER E 238 27.04 -3.18 -63.44
CA SER E 238 25.62 -3.16 -63.73
C SER E 238 25.27 -4.24 -64.73
N ALA E 239 23.98 -4.58 -64.76
CA ALA E 239 23.38 -5.40 -65.80
C ALA E 239 21.97 -4.85 -66.06
N GLU E 240 21.48 -5.03 -67.28
CA GLU E 240 20.25 -4.37 -67.68
C GLU E 240 19.39 -5.31 -68.53
N ALA E 241 18.15 -4.87 -68.77
CA ALA E 241 17.19 -5.59 -69.59
C ALA E 241 16.09 -4.62 -70.00
N TRP E 242 15.62 -4.75 -71.24
CA TRP E 242 14.59 -3.88 -71.80
C TRP E 242 13.23 -4.56 -71.78
N GLY E 243 12.20 -3.79 -72.13
CA GLY E 243 10.85 -4.30 -72.20
C GLY E 243 10.54 -5.06 -73.48
N MET F 1 27.74 40.42 -3.05
CA MET F 1 28.65 39.34 -2.68
C MET F 1 28.89 39.31 -1.18
N ILE F 2 28.68 38.15 -0.57
CA ILE F 2 28.75 38.00 0.88
C ILE F 2 29.97 37.13 1.18
N GLN F 3 30.96 37.73 1.84
CA GLN F 3 32.12 37.01 2.33
C GLN F 3 31.99 36.83 3.83
N ARG F 4 32.51 35.70 4.31
CA ARG F 4 32.39 35.35 5.73
C ARG F 4 33.78 35.09 6.28
N THR F 5 34.09 35.78 7.37
CA THR F 5 35.42 35.72 7.94
C THR F 5 35.58 34.49 8.83
N PRO F 6 36.76 33.90 8.88
CA PRO F 6 36.91 32.62 9.58
C PRO F 6 36.69 32.74 11.08
N LYS F 7 35.96 31.78 11.62
CA LYS F 7 36.00 31.53 13.05
C LYS F 7 37.26 30.73 13.35
N ILE F 8 37.93 31.09 14.45
CA ILE F 8 39.25 30.56 14.76
C ILE F 8 39.25 30.12 16.23
N GLN F 9 39.48 28.83 16.47
CA GLN F 9 39.37 28.25 17.79
C GLN F 9 40.62 27.44 18.08
N VAL F 10 41.27 27.74 19.21
CA VAL F 10 42.55 27.17 19.56
C VAL F 10 42.40 26.43 20.88
N TYR F 11 42.75 25.15 20.90
CA TYR F 11 42.45 24.33 22.06
C TYR F 11 43.34 23.10 22.08
N SER F 12 43.56 22.57 23.29
CA SER F 12 44.35 21.36 23.45
C SER F 12 43.51 20.13 23.13
N ARG F 13 44.18 19.11 22.58
CA ARG F 13 43.52 17.84 22.34
C ARG F 13 42.98 17.24 23.63
N HIS F 14 43.81 17.22 24.67
CA HIS F 14 43.47 16.73 26.00
C HIS F 14 43.51 17.90 26.97
N PRO F 15 42.82 17.80 28.10
CA PRO F 15 42.97 18.83 29.14
C PRO F 15 44.45 19.05 29.45
N ALA F 16 44.86 20.30 29.40
CA ALA F 16 46.28 20.64 29.41
C ALA F 16 46.83 20.70 30.83
N GLU F 17 48.09 20.30 30.96
CA GLU F 17 48.85 20.44 32.19
C GLU F 17 50.31 20.70 31.81
N ASN F 18 50.93 21.69 32.45
CA ASN F 18 52.30 22.04 32.10
C ASN F 18 53.24 20.87 32.30
N GLY F 19 54.06 20.58 31.29
CA GLY F 19 55.03 19.52 31.38
C GLY F 19 54.59 18.19 30.79
N LYS F 20 53.32 18.06 30.43
CA LYS F 20 52.82 16.81 29.85
C LYS F 20 52.56 17.03 28.37
N SER F 21 53.04 16.08 27.55
CA SER F 21 52.87 16.15 26.11
C SER F 21 51.39 16.17 25.75
N ASN F 22 51.09 16.89 24.66
CA ASN F 22 49.71 17.16 24.26
C ASN F 22 49.71 17.49 22.76
N PHE F 23 48.57 17.89 22.25
CA PHE F 23 48.47 18.39 20.88
C PHE F 23 47.71 19.69 20.91
N LEU F 24 48.20 20.66 20.14
CA LEU F 24 47.55 21.98 20.05
C LEU F 24 46.79 22.04 18.72
N ASN F 25 45.49 22.27 18.81
CA ASN F 25 44.61 22.34 17.66
C ASN F 25 44.25 23.79 17.35
N CYS F 26 44.10 24.08 16.05
CA CYS F 26 43.51 25.31 15.57
C CYS F 26 42.46 24.91 14.55
N TYR F 27 41.18 25.16 14.88
CA TYR F 27 40.04 24.84 14.00
C TYR F 27 39.56 26.14 13.37
N VAL F 28 39.57 26.20 12.05
CA VAL F 28 39.28 27.41 11.30
C VAL F 28 38.09 27.12 10.41
N SER F 29 36.97 27.81 10.65
CA SER F 29 35.70 27.33 10.10
C SER F 29 34.80 28.50 9.75
N GLY F 30 33.78 28.20 8.94
CA GLY F 30 32.76 29.16 8.62
C GLY F 30 33.16 30.24 7.64
N PHE F 31 34.30 30.12 6.98
CA PHE F 31 34.76 31.17 6.09
C PHE F 31 34.35 30.92 4.64
N HIS F 32 34.27 32.00 3.89
CA HIS F 32 33.97 31.99 2.46
C HIS F 32 34.53 33.29 1.89
N PRO F 33 35.29 33.26 0.79
CA PRO F 33 35.68 32.11 -0.04
C PRO F 33 36.78 31.23 0.56
N SER F 34 37.34 30.32 -0.25
CA SER F 34 38.09 29.18 0.27
C SER F 34 39.57 29.46 0.51
N ASP F 35 40.17 30.42 -0.19
CA ASP F 35 41.59 30.70 0.01
C ASP F 35 41.86 31.20 1.41
N ILE F 36 42.79 30.54 2.11
CA ILE F 36 43.11 30.87 3.49
C ILE F 36 44.53 30.43 3.77
N GLU F 37 45.16 31.10 4.73
CA GLU F 37 46.51 30.75 5.18
C GLU F 37 46.48 30.62 6.69
N VAL F 38 47.08 29.55 7.20
CA VAL F 38 47.05 29.24 8.63
C VAL F 38 48.45 28.81 9.06
N ASP F 39 48.92 29.39 10.15
CA ASP F 39 50.17 28.99 10.79
C ASP F 39 49.95 28.88 12.29
N LEU F 40 50.66 27.94 12.92
CA LEU F 40 50.72 27.86 14.37
C LEU F 40 52.02 28.50 14.83
N LEU F 41 51.92 29.31 15.89
CA LEU F 41 53.04 30.10 16.41
C LEU F 41 53.41 29.61 17.80
N LYS F 42 54.70 29.63 18.11
CA LYS F 42 55.19 29.47 19.47
C LYS F 42 56.04 30.69 19.81
N ASN F 43 55.62 31.45 20.81
CA ASN F 43 56.31 32.69 21.20
C ASN F 43 56.55 33.61 20.01
N GLY F 44 55.58 33.65 19.10
CA GLY F 44 55.62 34.54 17.96
C GLY F 44 56.24 33.96 16.70
N GLU F 45 56.94 32.82 16.80
CA GLU F 45 57.63 32.22 15.66
C GLU F 45 56.82 31.06 15.11
N ARG F 46 56.79 30.95 13.78
CA ARG F 46 56.06 29.88 13.12
C ARG F 46 56.63 28.52 13.47
N ILE F 47 55.75 27.57 13.79
CA ILE F 47 56.14 26.20 14.08
C ILE F 47 56.21 25.43 12.77
N GLU F 48 57.28 24.66 12.57
CA GLU F 48 57.49 24.05 11.27
C GLU F 48 56.78 22.70 11.12
N LYS F 49 56.72 21.88 12.17
CA LYS F 49 56.12 20.55 12.07
C LYS F 49 54.63 20.64 12.44
N VAL F 50 53.83 21.05 11.46
CA VAL F 50 52.39 21.25 11.67
C VAL F 50 51.63 20.41 10.66
N GLU F 51 50.71 19.58 11.15
CA GLU F 51 49.80 18.83 10.31
C GLU F 51 48.52 19.63 10.10
N HIS F 52 47.86 19.38 8.97
CA HIS F 52 46.55 19.99 8.75
C HIS F 52 45.67 19.08 7.89
N SER F 53 44.37 19.17 8.15
CA SER F 53 43.35 18.54 7.34
C SER F 53 43.31 19.16 5.95
N ASP F 54 42.69 18.44 5.02
CA ASP F 54 42.35 19.04 3.74
C ASP F 54 41.18 19.99 3.93
N LEU F 55 41.09 21.00 3.07
CA LEU F 55 39.93 21.88 3.04
C LEU F 55 38.65 21.05 3.03
N SER F 56 37.71 21.40 3.92
CA SER F 56 36.46 20.66 4.06
C SER F 56 35.24 21.56 3.88
N PHE F 57 34.13 20.92 3.53
CA PHE F 57 32.93 21.60 3.06
C PHE F 57 31.78 21.41 4.05
N SER F 58 31.17 22.53 4.45
CA SER F 58 29.98 22.52 5.30
C SER F 58 28.72 22.71 4.47
N LYS F 59 27.61 22.18 4.99
CA LYS F 59 26.31 22.26 4.32
C LYS F 59 25.86 23.69 4.09
N ASP F 60 26.39 24.67 4.83
CA ASP F 60 26.03 26.07 4.62
C ASP F 60 26.95 26.75 3.62
N TRP F 61 27.69 25.98 2.83
CA TRP F 61 28.60 26.41 1.76
C TRP F 61 29.89 27.05 2.28
N SER F 62 30.07 27.17 3.59
CA SER F 62 31.35 27.62 4.13
C SER F 62 32.33 26.45 4.19
N PHE F 63 33.57 26.75 4.58
CA PHE F 63 34.67 25.79 4.62
C PHE F 63 35.28 25.73 6.02
N TYR F 64 35.97 24.62 6.28
CA TYR F 64 36.66 24.48 7.57
C TYR F 64 37.92 23.65 7.40
N LEU F 65 38.85 23.83 8.34
CA LEU F 65 40.14 23.18 8.37
C LEU F 65 40.58 22.98 9.81
N LEU F 66 41.42 21.96 10.02
CA LEU F 66 42.05 21.71 11.31
C LEU F 66 43.57 21.68 11.13
N TYR F 67 44.27 22.52 11.89
CA TYR F 67 45.72 22.52 11.96
C TYR F 67 46.12 22.09 13.36
N TYR F 68 47.20 21.32 13.47
CA TYR F 68 47.60 20.87 14.81
C TYR F 68 49.06 20.47 14.83
N THR F 69 49.64 20.53 16.02
CA THR F 69 51.02 20.13 16.22
C THR F 69 51.17 19.54 17.60
N GLU F 70 52.11 18.61 17.74
CA GLU F 70 52.44 18.06 19.05
C GLU F 70 53.17 19.11 19.87
N PHE F 71 52.89 19.15 21.17
CA PHE F 71 53.57 20.15 22.00
C PHE F 71 53.43 19.76 23.47
N THR F 72 54.30 20.35 24.27
CA THR F 72 54.25 20.22 25.72
C THR F 72 54.07 21.60 26.31
N PRO F 73 52.89 21.94 26.84
CA PRO F 73 52.67 23.29 27.37
C PRO F 73 53.58 23.58 28.56
N THR F 74 54.05 24.82 28.64
CA THR F 74 54.79 25.33 29.78
C THR F 74 54.19 26.65 30.19
N GLU F 75 54.44 27.04 31.45
CA GLU F 75 53.91 28.31 31.94
C GLU F 75 54.49 29.49 31.16
N LYS F 76 55.68 29.33 30.58
CA LYS F 76 56.37 30.43 29.91
C LYS F 76 56.01 30.55 28.44
N ASP F 77 55.72 29.43 27.77
CA ASP F 77 55.52 29.45 26.33
C ASP F 77 54.12 29.91 25.97
N GLU F 78 54.02 30.81 24.98
CA GLU F 78 52.75 31.33 24.49
C GLU F 78 52.54 30.84 23.06
N TYR F 79 51.43 30.15 22.83
CA TYR F 79 51.08 29.60 21.53
C TYR F 79 49.92 30.37 20.92
N ALA F 80 49.90 30.41 19.60
CA ALA F 80 48.84 31.11 18.88
C ALA F 80 48.64 30.48 17.51
N CYS F 81 47.54 30.88 16.88
CA CYS F 81 47.16 30.49 15.53
C CYS F 81 46.99 31.76 14.72
N ARG F 82 47.75 31.88 13.62
CA ARG F 82 47.74 33.07 12.76
C ARG F 82 47.04 32.71 11.46
N VAL F 83 46.03 33.50 11.10
CA VAL F 83 45.16 33.19 9.97
C VAL F 83 45.04 34.42 9.09
N ASN F 84 45.13 34.22 7.77
CA ASN F 84 44.86 35.29 6.82
C ASN F 84 43.77 34.84 5.85
N HIS F 85 42.91 35.79 5.48
CA HIS F 85 41.73 35.55 4.67
C HIS F 85 41.40 36.86 3.97
N VAL F 86 40.69 36.77 2.84
CA VAL F 86 40.40 37.98 2.07
C VAL F 86 39.62 38.98 2.89
N THR F 87 38.84 38.52 3.88
CA THR F 87 38.07 39.39 4.75
C THR F 87 38.92 40.11 5.78
N LEU F 88 40.18 39.76 5.91
CA LEU F 88 41.07 40.35 6.92
C LEU F 88 42.08 41.25 6.24
N SER F 89 42.21 42.48 6.74
CA SER F 89 43.18 43.42 6.17
CA SER F 89 43.18 43.42 6.17
C SER F 89 44.61 43.04 6.54
N GLN F 90 44.80 42.38 7.67
CA GLN F 90 46.09 41.89 8.12
CA GLN F 90 46.10 41.88 8.08
C GLN F 90 45.87 40.52 8.74
N PRO F 91 46.92 39.70 8.85
CA PRO F 91 46.73 38.40 9.50
C PRO F 91 46.26 38.56 10.94
N LYS F 92 45.34 37.69 11.34
CA LYS F 92 44.82 37.69 12.70
C LYS F 92 45.57 36.65 13.52
N ILE F 93 46.11 37.09 14.66
CA ILE F 93 46.84 36.22 15.57
C ILE F 93 45.93 35.91 16.76
N VAL F 94 45.53 34.65 16.89
CA VAL F 94 44.59 34.23 17.92
C VAL F 94 45.35 33.45 18.97
N LYS F 95 45.35 33.95 20.21
CA LYS F 95 46.14 33.35 21.29
C LYS F 95 45.39 32.17 21.92
N TRP F 96 46.14 31.09 22.19
CA TRP F 96 45.61 29.99 22.97
C TRP F 96 45.37 30.43 24.40
N ASP F 97 44.15 30.19 24.92
CA ASP F 97 43.76 30.57 26.26
C ASP F 97 44.30 29.63 27.35
N ARG F 98 45.24 28.75 27.02
CA ARG F 98 45.89 27.87 27.98
C ARG F 98 44.89 26.94 28.67
N ASP F 99 43.82 26.58 27.96
CA ASP F 99 42.78 25.68 28.49
C ASP F 99 42.06 26.29 29.70
N MET F 100 41.92 27.61 29.72
CA MET F 100 41.19 28.30 30.79
C MET F 100 39.71 27.95 30.77
N GLN G 3 -37.63 2.85 10.80
CA GLN G 3 -36.69 2.80 11.93
C GLN G 3 -35.62 3.88 11.81
N ASN G 4 -35.61 4.84 12.73
CA ASN G 4 -34.66 5.96 12.68
CA ASN G 4 -34.59 5.88 12.66
C ASN G 4 -34.02 6.15 14.05
N ILE G 5 -32.74 6.55 14.04
CA ILE G 5 -32.01 6.95 15.23
C ILE G 5 -31.51 8.36 14.97
N ASP G 6 -31.81 9.30 15.86
CA ASP G 6 -31.46 10.68 15.64
C ASP G 6 -30.63 11.22 16.81
N GLN G 7 -29.55 11.91 16.48
CA GLN G 7 -28.72 12.60 17.46
C GLN G 7 -28.13 13.81 16.77
N PRO G 8 -27.81 14.87 17.52
CA PRO G 8 -27.29 16.08 16.88
C PRO G 8 -25.95 15.81 16.22
N THR G 9 -25.70 16.50 15.11
CA THR G 9 -24.48 16.31 14.36
C THR G 9 -23.25 16.72 15.15
N GLU G 10 -23.35 17.83 15.89
CA GLU G 10 -22.19 18.40 16.55
C GLU G 10 -22.63 19.16 17.79
N MET G 11 -21.79 19.14 18.81
CA MET G 11 -22.00 19.95 20.00
C MET G 11 -20.66 20.53 20.43
N THR G 12 -20.69 21.74 20.96
CA THR G 12 -19.49 22.42 21.45
C THR G 12 -19.73 22.90 22.86
N ALA G 13 -18.83 22.54 23.76
CA ALA G 13 -18.89 22.92 25.16
C ALA G 13 -17.49 23.29 25.65
N THR G 14 -17.43 23.92 26.81
CA THR G 14 -16.18 24.40 27.38
CA THR G 14 -16.19 24.40 27.39
C THR G 14 -15.62 23.39 28.37
N GLU G 15 -14.29 23.36 28.46
CA GLU G 15 -13.60 22.48 29.40
C GLU G 15 -14.10 22.72 30.82
N GLY G 16 -14.31 21.63 31.56
CA GLY G 16 -14.77 21.72 32.93
C GLY G 16 -16.27 21.76 33.10
N ALA G 17 -17.03 21.96 32.02
CA ALA G 17 -18.47 22.09 32.10
C ALA G 17 -19.13 20.72 31.92
N ILE G 18 -20.43 20.72 31.71
CA ILE G 18 -21.25 19.53 31.57
C ILE G 18 -21.96 19.60 30.23
N VAL G 19 -22.12 18.46 29.56
CA VAL G 19 -22.82 18.41 28.28
C VAL G 19 -23.70 17.16 28.24
N GLN G 20 -24.84 17.30 27.59
CA GLN G 20 -25.81 16.23 27.49
C GLN G 20 -26.06 15.94 26.01
N ILE G 21 -25.70 14.74 25.58
CA ILE G 21 -25.85 14.33 24.19
C ILE G 21 -27.10 13.48 24.07
N ASN G 22 -28.07 13.95 23.29
CA ASN G 22 -29.37 13.31 23.16
C ASN G 22 -29.39 12.29 22.04
N CYS G 23 -30.19 11.23 22.24
CA CYS G 23 -30.45 10.22 21.22
C CYS G 23 -31.92 9.86 21.29
N THR G 24 -32.66 10.05 20.20
CA THR G 24 -34.03 9.57 20.13
C THR G 24 -34.13 8.48 19.07
N TYR G 25 -34.97 7.48 19.33
CA TYR G 25 -35.08 6.36 18.44
C TYR G 25 -36.54 6.02 18.18
N GLN G 26 -36.81 5.57 16.95
CA GLN G 26 -38.09 5.00 16.55
C GLN G 26 -37.76 3.68 15.88
N THR G 27 -38.11 2.57 16.54
CA THR G 27 -37.67 1.26 16.07
C THR G 27 -38.82 0.28 16.22
N SER G 28 -38.72 -0.83 15.50
CA SER G 28 -39.67 -1.93 15.67
C SER G 28 -39.16 -2.79 16.81
N GLY G 29 -39.67 -2.51 18.02
CA GLY G 29 -39.23 -3.21 19.21
C GLY G 29 -37.95 -2.63 19.79
N PHE G 30 -37.59 -3.11 20.98
CA PHE G 30 -36.49 -2.51 21.72
C PHE G 30 -35.84 -3.55 22.62
N ASN G 31 -34.54 -3.78 22.41
CA ASN G 31 -33.77 -4.70 23.24
C ASN G 31 -32.56 -4.01 23.85
N GLY G 32 -32.54 -2.68 23.89
CA GLY G 32 -31.47 -1.97 24.56
C GLY G 32 -30.82 -0.89 23.72
N LEU G 33 -30.19 0.07 24.39
CA LEU G 33 -29.57 1.21 23.73
C LEU G 33 -28.10 1.29 24.17
N PHE G 34 -27.22 1.48 23.20
CA PHE G 34 -25.77 1.50 23.44
C PHE G 34 -25.22 2.89 23.18
N TRP G 35 -24.24 3.32 23.96
CA TRP G 35 -23.40 4.45 23.58
C TRP G 35 -21.97 3.96 23.36
N TYR G 36 -21.32 4.52 22.33
CA TYR G 36 -19.95 4.22 21.96
C TYR G 36 -19.20 5.53 21.79
N GLN G 37 -17.92 5.54 22.18
CA GLN G 37 -17.02 6.66 21.94
C GLN G 37 -16.09 6.31 20.79
N GLN G 38 -15.92 7.24 19.86
CA GLN G 38 -15.01 7.04 18.73
C GLN G 38 -14.15 8.28 18.58
N HIS G 39 -12.89 8.18 18.99
CA HIS G 39 -11.96 9.25 18.71
C HIS G 39 -11.66 9.30 17.21
N ALA G 40 -11.36 10.49 16.72
CA ALA G 40 -11.09 10.67 15.30
C ALA G 40 -9.94 9.76 14.85
N GLY G 41 -10.19 9.03 13.77
CA GLY G 41 -9.23 8.08 13.26
C GLY G 41 -9.11 6.78 14.04
N GLU G 42 -9.97 6.54 15.02
CA GLU G 42 -9.81 5.36 15.86
C GLU G 42 -11.10 4.54 15.83
N ALA G 43 -11.06 3.40 16.52
CA ALA G 43 -12.17 2.47 16.62
C ALA G 43 -13.19 2.97 17.64
N PRO G 44 -14.48 2.75 17.41
CA PRO G 44 -15.45 2.96 18.49
C PRO G 44 -15.13 2.03 19.65
N THR G 45 -15.33 2.52 20.88
CA THR G 45 -15.28 1.67 22.06
C THR G 45 -16.58 1.81 22.85
N PHE G 46 -16.94 0.73 23.52
CA PHE G 46 -18.20 0.66 24.25
C PHE G 46 -18.19 1.57 25.47
N LEU G 47 -19.24 2.37 25.63
CA LEU G 47 -19.42 3.24 26.79
C LEU G 47 -20.49 2.74 27.75
N SER G 48 -21.72 2.49 27.28
CA SER G 48 -22.82 2.25 28.19
C SER G 48 -23.89 1.40 27.50
N TYR G 49 -24.70 0.75 28.34
CA TYR G 49 -25.88 0.00 27.90
C TYR G 49 -27.02 0.32 28.84
N ASN G 50 -28.18 0.68 28.28
CA ASN G 50 -29.42 0.88 29.04
C ASN G 50 -30.53 0.10 28.37
N VAL G 51 -31.43 -0.48 29.18
CA VAL G 51 -32.56 -1.22 28.62
C VAL G 51 -33.80 -1.02 29.48
N LEU G 52 -33.61 -0.82 30.79
CA LEU G 52 -34.69 -0.36 31.65
C LEU G 52 -34.59 1.16 31.82
N ASP G 53 -35.64 1.75 32.38
CA ASP G 53 -35.69 3.19 32.51
C ASP G 53 -34.81 3.67 33.66
N GLY G 54 -34.20 4.83 33.47
CA GLY G 54 -33.49 5.49 34.54
C GLY G 54 -32.08 5.87 34.12
N LEU G 55 -31.28 6.20 35.12
CA LEU G 55 -29.94 6.75 34.95
C LEU G 55 -28.92 5.77 35.51
N GLU G 56 -27.88 5.47 34.74
CA GLU G 56 -26.76 4.65 35.21
C GLU G 56 -25.48 5.47 35.15
N GLU G 57 -24.66 5.34 36.19
CA GLU G 57 -23.44 6.13 36.32
C GLU G 57 -22.21 5.26 36.06
N LYS G 58 -21.23 5.83 35.35
CA LYS G 58 -19.94 5.16 35.14
C LYS G 58 -18.88 6.27 35.08
N GLY G 59 -18.23 6.53 36.21
CA GLY G 59 -17.23 7.57 36.25
C GLY G 59 -17.85 8.92 35.98
N ARG G 60 -17.20 9.72 35.13
CA ARG G 60 -17.71 11.02 34.75
C ARG G 60 -18.89 10.93 33.79
N PHE G 61 -19.15 9.76 33.23
CA PHE G 61 -20.23 9.58 32.26
C PHE G 61 -21.44 8.92 32.92
N SER G 62 -22.62 9.41 32.58
CA SER G 62 -23.86 8.74 32.95
CA SER G 62 -23.87 8.76 32.96
C SER G 62 -24.76 8.65 31.73
N SER G 63 -25.55 7.59 31.67
CA SER G 63 -26.47 7.40 30.55
C SER G 63 -27.89 7.16 31.08
N PHE G 64 -28.84 7.87 30.50
CA PHE G 64 -30.24 7.86 30.89
C PHE G 64 -31.06 7.21 29.79
N LEU G 65 -32.15 6.54 30.17
CA LEU G 65 -33.05 5.95 29.20
C LEU G 65 -34.50 6.17 29.62
N SER G 66 -35.34 6.57 28.66
CA SER G 66 -36.79 6.56 28.82
C SER G 66 -37.39 5.74 27.68
N ARG G 67 -37.81 4.51 27.97
CA ARG G 67 -38.41 3.67 26.94
C ARG G 67 -39.69 4.27 26.37
N SER G 68 -40.54 4.85 27.23
CA SER G 68 -41.81 5.39 26.77
C SER G 68 -41.62 6.63 25.90
N LYS G 69 -40.58 7.41 26.16
CA LYS G 69 -40.29 8.57 25.33
C LYS G 69 -39.38 8.24 24.16
N GLY G 70 -38.81 7.03 24.12
CA GLY G 70 -37.87 6.63 23.08
C GLY G 70 -36.69 7.58 23.01
N TYR G 71 -36.00 7.73 24.14
CA TYR G 71 -35.04 8.81 24.30
C TYR G 71 -33.97 8.38 25.29
N SER G 72 -32.71 8.70 24.95
CA SER G 72 -31.61 8.51 25.86
C SER G 72 -30.71 9.72 25.76
N TYR G 73 -29.95 9.96 26.82
CA TYR G 73 -28.87 10.93 26.75
C TYR G 73 -27.63 10.35 27.41
N LEU G 74 -26.49 10.75 26.87
CA LEU G 74 -25.19 10.52 27.48
C LEU G 74 -24.77 11.83 28.14
N LEU G 75 -24.49 11.78 29.44
CA LEU G 75 -24.11 12.96 30.21
C LEU G 75 -22.64 12.87 30.54
N LEU G 76 -21.87 13.87 30.10
CA LEU G 76 -20.45 13.96 30.41
C LEU G 76 -20.25 15.13 31.37
N LYS G 77 -19.72 14.83 32.55
CA LYS G 77 -19.44 15.84 33.57
C LYS G 77 -17.95 16.20 33.59
N GLU G 78 -17.65 17.43 33.99
CA GLU G 78 -16.29 17.94 34.13
C GLU G 78 -15.46 17.66 32.88
N LEU G 79 -15.93 18.23 31.77
CA LEU G 79 -15.34 17.96 30.47
C LEU G 79 -13.84 18.24 30.46
N GLN G 80 -13.10 17.32 29.86
CA GLN G 80 -11.67 17.44 29.61
C GLN G 80 -11.43 17.39 28.11
N MET G 81 -10.26 17.88 27.67
CA MET G 81 -9.95 17.88 26.25
C MET G 81 -10.00 16.48 25.66
N LYS G 82 -9.64 15.47 26.45
CA LYS G 82 -9.61 14.10 25.94
C LYS G 82 -11.00 13.56 25.65
N ASP G 83 -12.06 14.25 26.10
CA ASP G 83 -13.42 13.88 25.74
C ASP G 83 -13.80 14.32 24.33
N SER G 84 -12.93 15.04 23.62
CA SER G 84 -13.23 15.40 22.23
C SER G 84 -13.23 14.15 21.38
N ALA G 85 -14.37 13.83 20.80
CA ALA G 85 -14.58 12.56 20.12
C ALA G 85 -15.97 12.61 19.49
N SER G 86 -16.30 11.56 18.75
CA SER G 86 -17.67 11.35 18.32
C SER G 86 -18.34 10.33 19.22
N TYR G 87 -19.60 10.55 19.51
CA TYR G 87 -20.38 9.69 20.40
C TYR G 87 -21.53 9.10 19.60
N LEU G 88 -21.51 7.78 19.45
CA LEU G 88 -22.48 7.05 18.64
C LEU G 88 -23.50 6.37 19.54
N CYS G 89 -24.77 6.56 19.22
CA CYS G 89 -25.87 5.87 19.87
CA CYS G 89 -25.81 5.81 19.90
C CYS G 89 -26.35 4.74 18.95
N ALA G 90 -26.75 3.62 19.54
CA ALA G 90 -27.18 2.48 18.74
C ALA G 90 -28.20 1.66 19.52
N VAL G 91 -29.20 1.15 18.81
CA VAL G 91 -30.35 0.50 19.43
C VAL G 91 -30.57 -0.85 18.79
N LYS G 92 -30.82 -1.88 19.61
CA LYS G 92 -31.20 -3.19 19.11
C LYS G 92 -32.71 -3.27 19.00
N ASP G 93 -33.21 -3.68 17.84
CA ASP G 93 -34.65 -3.72 17.61
C ASP G 93 -35.18 -5.11 17.97
N SER G 94 -36.43 -5.38 17.59
CA SER G 94 -37.05 -6.65 17.96
CA SER G 94 -37.07 -6.64 17.94
C SER G 94 -36.38 -7.85 17.32
N ASN G 95 -35.66 -7.68 16.22
CA ASN G 95 -34.92 -8.77 15.58
C ASN G 95 -33.44 -8.76 15.97
N TYR G 96 -33.08 -8.00 17.00
CA TYR G 96 -31.71 -7.90 17.48
C TYR G 96 -30.78 -7.30 16.44
N GLN G 97 -31.35 -6.56 15.47
CA GLN G 97 -30.54 -5.74 14.57
C GLN G 97 -30.10 -4.47 15.29
N LEU G 98 -28.80 -4.18 15.21
CA LEU G 98 -28.25 -2.95 15.78
C LEU G 98 -28.43 -1.83 14.78
N ILE G 99 -29.18 -0.79 15.15
CA ILE G 99 -29.38 0.39 14.32
C ILE G 99 -28.56 1.53 14.90
N TRP G 100 -27.65 2.07 14.09
CA TRP G 100 -26.68 3.08 14.52
C TRP G 100 -27.14 4.48 14.18
N GLY G 101 -27.07 5.39 15.16
CA GLY G 101 -27.18 6.80 14.84
C GLY G 101 -25.95 7.31 14.12
N ALA G 102 -26.08 8.47 13.49
CA ALA G 102 -24.99 9.02 12.71
C ALA G 102 -23.86 9.59 13.55
N GLY G 103 -24.04 9.73 14.86
CA GLY G 103 -22.94 10.16 15.70
C GLY G 103 -23.01 11.64 16.00
N THR G 104 -22.54 12.02 17.18
CA THR G 104 -22.41 13.42 17.56
C THR G 104 -20.95 13.73 17.83
N LYS G 105 -20.38 14.63 17.04
CA LYS G 105 -19.03 15.11 17.26
C LYS G 105 -19.04 16.13 18.40
N LEU G 106 -18.29 15.86 19.46
CA LEU G 106 -18.22 16.76 20.61
C LEU G 106 -16.92 17.55 20.54
N ILE G 107 -17.03 18.87 20.47
CA ILE G 107 -15.88 19.76 20.41
C ILE G 107 -15.76 20.46 21.75
N ILE G 108 -14.56 20.47 22.31
CA ILE G 108 -14.30 21.03 23.64
C ILE G 108 -13.43 22.26 23.51
N LYS G 109 -13.89 23.38 24.06
CA LYS G 109 -13.11 24.60 24.07
CA LYS G 109 -13.12 24.60 24.07
C LYS G 109 -12.20 24.61 25.29
N PRO G 110 -10.89 24.67 25.11
CA PRO G 110 -10.01 24.73 26.28
C PRO G 110 -10.20 26.04 27.03
N ASP G 111 -9.98 25.99 28.35
CA ASP G 111 -9.98 27.21 29.14
C ASP G 111 -8.59 27.82 29.06
N ILE G 112 -8.47 28.97 28.39
CA ILE G 112 -7.18 29.63 28.21
C ILE G 112 -7.01 30.63 29.37
N GLN G 113 -6.10 30.31 30.29
CA GLN G 113 -5.94 31.15 31.49
C GLN G 113 -5.40 32.53 31.15
N ASN G 114 -4.40 32.61 30.26
CA ASN G 114 -3.72 33.87 29.96
C ASN G 114 -3.65 34.07 28.45
N PRO G 115 -4.74 34.51 27.84
CA PRO G 115 -4.75 34.71 26.38
C PRO G 115 -3.72 35.75 25.98
N ASP G 116 -2.98 35.44 24.92
CA ASP G 116 -1.89 36.29 24.42
C ASP G 116 -1.92 36.24 22.89
N PRO G 117 -3.04 36.61 22.28
CA PRO G 117 -3.19 36.40 20.83
C PRO G 117 -2.11 37.12 20.04
N ALA G 118 -1.60 36.44 19.02
CA ALA G 118 -0.52 36.98 18.21
C ALA G 118 -0.49 36.26 16.86
N VAL G 119 0.03 36.95 15.86
CA VAL G 119 0.28 36.37 14.54
C VAL G 119 1.78 36.50 14.27
N TYR G 120 2.46 35.37 14.15
CA TYR G 120 3.91 35.32 13.98
C TYR G 120 4.26 34.83 12.59
N GLN G 121 5.37 35.32 12.07
CA GLN G 121 5.91 34.87 10.80
C GLN G 121 6.94 33.79 11.09
N LEU G 122 6.71 32.58 10.59
CA LEU G 122 7.73 31.56 10.78
C LEU G 122 8.87 31.78 9.80
N ARG G 123 10.01 31.18 10.11
CA ARG G 123 11.16 31.31 9.22
C ARG G 123 10.91 30.54 7.93
N ASP G 124 11.29 31.14 6.80
CA ASP G 124 11.25 30.42 5.53
C ASP G 124 12.12 29.18 5.59
N SER G 125 11.76 28.19 4.77
CA SER G 125 12.58 27.01 4.56
C SER G 125 13.26 27.11 3.20
N LYS G 126 14.56 26.81 3.15
CA LYS G 126 15.26 26.89 1.88
C LYS G 126 14.75 25.88 0.86
N SER G 127 13.98 24.89 1.30
CA SER G 127 13.42 23.88 0.41
C SER G 127 11.95 24.10 0.06
N SER G 128 11.39 25.28 0.35
CA SER G 128 10.00 25.51 0.00
C SER G 128 9.80 26.98 -0.35
N ASP G 129 8.87 27.24 -1.28
CA ASP G 129 8.54 28.61 -1.68
C ASP G 129 7.44 29.23 -0.84
N LYS G 130 6.98 28.54 0.21
CA LYS G 130 5.86 29.02 1.02
C LYS G 130 6.31 30.02 2.07
N SER G 131 5.47 31.02 2.30
CA SER G 131 5.54 31.82 3.52
C SER G 131 4.49 31.29 4.49
N VAL G 132 4.85 31.20 5.77
CA VAL G 132 4.01 30.52 6.74
C VAL G 132 3.76 31.46 7.93
N CYS G 133 2.49 31.60 8.30
CA CYS G 133 2.06 32.45 9.41
C CYS G 133 1.32 31.60 10.43
N LEU G 134 1.52 31.92 11.71
CA LEU G 134 0.93 31.19 12.83
C LEU G 134 0.13 32.17 13.68
N PHE G 135 -1.19 31.98 13.73
CA PHE G 135 -2.07 32.69 14.65
C PHE G 135 -2.23 31.82 15.88
N THR G 136 -1.85 32.34 17.06
CA THR G 136 -1.73 31.47 18.22
C THR G 136 -2.05 32.22 19.50
N ASP G 137 -2.36 31.44 20.55
CA ASP G 137 -2.49 31.88 21.93
C ASP G 137 -3.74 32.73 22.17
N PHE G 138 -4.73 32.63 21.30
CA PHE G 138 -5.98 33.35 21.50
C PHE G 138 -6.94 32.53 22.35
N ASP G 139 -7.91 33.22 22.94
CA ASP G 139 -8.96 32.59 23.72
CA ASP G 139 -8.93 32.56 23.72
C ASP G 139 -9.84 31.72 22.83
N SER G 140 -10.50 30.72 23.43
CA SER G 140 -11.24 29.73 22.66
C SER G 140 -12.52 30.26 22.03
N GLN G 141 -12.95 31.48 22.36
CA GLN G 141 -14.15 32.01 21.70
C GLN G 141 -13.86 32.46 20.28
N THR G 142 -12.59 32.64 19.92
CA THR G 142 -12.20 33.08 18.59
C THR G 142 -12.39 31.96 17.57
N ASN G 143 -12.93 32.31 16.41
CA ASN G 143 -13.14 31.37 15.31
C ASN G 143 -12.20 31.74 14.17
N VAL G 144 -11.60 30.72 13.56
CA VAL G 144 -10.67 30.91 12.45
C VAL G 144 -11.42 30.58 11.17
N SER G 145 -11.52 31.55 10.27
CA SER G 145 -12.24 31.36 9.02
C SER G 145 -11.32 30.85 7.92
N GLN G 146 -11.87 30.01 7.05
CA GLN G 146 -11.15 29.57 5.86
C GLN G 146 -10.81 30.79 4.98
N SER G 147 -9.80 30.62 4.14
CA SER G 147 -9.37 31.73 3.32
C SER G 147 -10.37 32.00 2.20
N LYS G 148 -10.44 33.26 1.78
CA LYS G 148 -11.22 33.67 0.62
C LYS G 148 -10.37 33.79 -0.63
N ASP G 149 -9.09 33.48 -0.54
CA ASP G 149 -8.14 33.55 -1.64
C ASP G 149 -7.72 32.12 -1.98
N SER G 150 -7.92 31.72 -3.24
CA SER G 150 -7.65 30.35 -3.63
C SER G 150 -6.18 29.96 -3.49
N ASP G 151 -5.27 30.93 -3.44
CA ASP G 151 -3.86 30.59 -3.27
C ASP G 151 -3.35 30.83 -1.85
N VAL G 152 -4.25 31.07 -0.90
CA VAL G 152 -3.92 31.10 0.51
C VAL G 152 -4.64 29.94 1.20
N TYR G 153 -3.92 29.23 2.04
CA TYR G 153 -4.43 28.05 2.71
C TYR G 153 -4.38 28.31 4.21
N ILE G 154 -5.53 28.12 4.87
CA ILE G 154 -5.70 28.38 6.30
C ILE G 154 -6.30 27.14 6.93
N THR G 155 -5.61 26.57 7.92
CA THR G 155 -6.14 25.42 8.61
C THR G 155 -6.94 25.88 9.84
N ASP G 156 -7.88 25.03 10.27
CA ASP G 156 -8.68 25.36 11.43
C ASP G 156 -7.83 25.31 12.70
N LYS G 157 -8.39 25.81 13.79
CA LYS G 157 -7.63 25.90 15.02
C LYS G 157 -7.42 24.52 15.64
N CYS G 158 -6.27 24.36 16.29
CA CYS G 158 -5.77 23.14 16.88
C CYS G 158 -5.38 23.45 18.32
N VAL G 159 -5.76 22.59 19.26
CA VAL G 159 -5.41 22.77 20.67
C VAL G 159 -4.20 21.89 20.96
N LEU G 160 -3.06 22.51 21.31
CA LEU G 160 -1.91 21.72 21.71
C LEU G 160 -1.68 21.83 23.22
N ASP G 161 -1.15 20.75 23.79
CA ASP G 161 -0.95 20.66 25.23
C ASP G 161 0.53 20.41 25.49
N MET G 162 1.18 21.35 26.16
CA MET G 162 2.56 21.16 26.61
C MET G 162 2.49 20.53 27.99
N ARG G 163 2.66 19.21 28.04
CA ARG G 163 2.46 18.46 29.29
C ARG G 163 3.40 18.96 30.39
N SER G 164 4.67 19.16 30.04
CA SER G 164 5.67 19.58 31.02
C SER G 164 5.23 20.81 31.80
N MET G 165 4.57 21.76 31.14
CA MET G 165 4.21 23.03 31.76
C MET G 165 2.71 23.14 32.04
N ASP G 166 1.94 22.07 31.83
CA ASP G 166 0.49 22.09 31.99
C ASP G 166 -0.11 23.34 31.33
N PHE G 167 0.23 23.50 30.05
CA PHE G 167 -0.08 24.70 29.28
C PHE G 167 -0.79 24.29 28.01
N LYS G 168 -1.91 24.96 27.70
CA LYS G 168 -2.66 24.68 26.48
C LYS G 168 -2.73 25.94 25.63
N SER G 169 -2.75 25.77 24.32
CA SER G 169 -2.86 26.94 23.45
C SER G 169 -3.56 26.57 22.15
N ASN G 170 -4.41 27.47 21.68
CA ASN G 170 -4.99 27.39 20.35
C ASN G 170 -4.01 27.93 19.32
N SER G 171 -4.05 27.36 18.12
CA SER G 171 -3.31 27.94 17.01
C SER G 171 -3.93 27.51 15.68
N ALA G 172 -3.71 28.35 14.67
CA ALA G 172 -4.08 28.06 13.29
C ALA G 172 -2.95 28.52 12.40
N VAL G 173 -2.81 27.88 11.24
CA VAL G 173 -1.66 28.11 10.36
C VAL G 173 -2.18 28.61 9.01
N ALA G 174 -1.47 29.57 8.43
CA ALA G 174 -1.78 30.10 7.11
C ALA G 174 -0.51 30.14 6.27
N TRP G 175 -0.63 29.79 5.00
CA TRP G 175 0.55 29.82 4.13
C TRP G 175 0.15 30.10 2.69
N SER G 176 1.14 30.59 1.92
CA SER G 176 0.93 30.89 0.51
C SER G 176 2.30 31.14 -0.10
N ASN G 177 2.39 30.97 -1.43
CA ASN G 177 3.60 31.33 -2.16
C ASN G 177 3.43 32.61 -2.97
N LYS G 178 2.32 33.32 -2.79
CA LYS G 178 2.09 34.55 -3.54
C LYS G 178 3.02 35.66 -3.05
N SER G 179 3.41 36.54 -3.99
CA SER G 179 4.36 37.59 -3.65
C SER G 179 3.75 38.61 -2.68
N ASP G 180 2.45 38.82 -2.73
CA ASP G 180 1.79 39.81 -1.89
C ASP G 180 1.25 39.24 -0.59
N PHE G 181 1.49 37.96 -0.31
CA PHE G 181 1.05 37.37 0.94
C PHE G 181 1.86 37.92 2.10
N ALA G 182 1.17 38.28 3.19
CA ALA G 182 1.84 38.85 4.35
C ALA G 182 1.08 38.43 5.60
N CYS G 183 1.82 38.07 6.65
CA CYS G 183 1.17 37.63 7.87
C CYS G 183 0.25 38.71 8.43
N ALA G 184 0.55 39.99 8.19
CA ALA G 184 -0.32 41.05 8.69
C ALA G 184 -1.72 40.99 8.08
N ASN G 185 -1.90 40.33 6.94
CA ASN G 185 -3.22 40.22 6.34
CA ASN G 185 -3.21 40.23 6.30
C ASN G 185 -3.65 38.78 6.12
N ALA G 186 -2.88 37.81 6.64
CA ALA G 186 -3.21 36.40 6.38
C ALA G 186 -4.57 36.03 6.94
N PHE G 187 -4.87 36.44 8.18
CA PHE G 187 -6.11 36.08 8.83
C PHE G 187 -7.14 37.21 8.76
N ASN G 188 -7.09 38.02 7.70
CA ASN G 188 -7.96 39.18 7.58
C ASN G 188 -9.42 38.79 7.48
N ASN G 189 -9.72 37.59 6.99
CA ASN G 189 -11.11 37.17 6.85
C ASN G 189 -11.70 36.62 8.14
N SER G 190 -10.88 36.38 9.16
CA SER G 190 -11.39 35.96 10.45
C SER G 190 -11.63 37.17 11.35
N ILE G 191 -12.47 36.99 12.36
CA ILE G 191 -12.66 37.99 13.41
C ILE G 191 -11.66 37.66 14.52
N ILE G 192 -10.57 38.41 14.58
CA ILE G 192 -9.49 38.12 15.52
C ILE G 192 -9.55 39.10 16.69
N PRO G 193 -9.00 38.77 17.84
CA PRO G 193 -9.06 39.69 19.00
C PRO G 193 -8.48 41.05 18.68
N GLU G 194 -9.08 42.08 19.28
CA GLU G 194 -8.63 43.45 19.06
C GLU G 194 -7.19 43.65 19.50
N ASP G 195 -6.76 42.93 20.53
CA ASP G 195 -5.43 43.10 21.10
C ASP G 195 -4.41 42.15 20.48
N THR G 196 -4.73 41.52 19.35
CA THR G 196 -3.79 40.60 18.71
C THR G 196 -2.48 41.31 18.41
N PHE G 197 -1.38 40.67 18.83
CA PHE G 197 -0.04 41.23 18.68
C PHE G 197 0.51 40.88 17.30
N PHE G 198 0.92 41.91 16.55
CA PHE G 198 1.50 41.75 15.23
C PHE G 198 2.93 42.26 15.25
N PRO G 199 3.92 41.40 15.53
CA PRO G 199 5.31 41.87 15.57
C PRO G 199 5.76 42.41 14.22
N SER G 200 6.60 43.45 14.28
CA SER G 200 6.94 44.18 13.07
C SER G 200 7.80 43.33 12.13
N PRO G 201 7.60 43.47 10.82
CA PRO G 201 8.42 42.69 9.87
C PRO G 201 9.86 43.17 9.82
N GLU G 202 10.70 42.49 9.03
CA GLU G 202 12.09 42.89 8.90
C GLU G 202 12.30 43.73 7.65
N ASN H 2 -3.85 -11.17 23.54
CA ASN H 2 -4.69 -10.07 24.01
C ASN H 2 -4.71 -8.91 23.01
N ALA H 3 -4.57 -9.24 21.72
CA ALA H 3 -4.58 -8.20 20.70
C ALA H 3 -5.98 -7.64 20.44
N GLY H 4 -7.03 -8.35 20.83
CA GLY H 4 -8.38 -7.92 20.51
C GLY H 4 -8.70 -8.25 19.06
N VAL H 5 -9.17 -7.25 18.32
CA VAL H 5 -9.53 -7.41 16.92
C VAL H 5 -8.43 -6.79 16.07
N THR H 6 -7.85 -7.58 15.17
CA THR H 6 -6.74 -7.16 14.31
C THR H 6 -7.21 -7.23 12.87
N GLN H 7 -7.33 -6.08 12.21
CA GLN H 7 -7.72 -6.06 10.81
C GLN H 7 -6.64 -5.35 9.98
N THR H 8 -6.52 -5.76 8.73
CA THR H 8 -5.55 -5.23 7.78
C THR H 8 -6.17 -5.17 6.39
N PRO H 9 -5.70 -4.27 5.53
CA PRO H 9 -4.68 -3.25 5.81
C PRO H 9 -5.25 -1.97 6.37
N LYS H 10 -4.40 -1.09 6.88
CA LYS H 10 -4.89 0.18 7.40
C LYS H 10 -5.31 1.11 6.28
N PHE H 11 -4.59 1.09 5.16
CA PHE H 11 -4.90 1.95 4.02
C PHE H 11 -4.73 1.16 2.74
N GLN H 12 -5.54 1.50 1.73
CA GLN H 12 -5.42 0.84 0.43
C GLN H 12 -6.03 1.73 -0.65
N VAL H 13 -5.25 1.98 -1.71
CA VAL H 13 -5.74 2.58 -2.95
C VAL H 13 -6.09 1.47 -3.91
N LEU H 14 -7.20 1.62 -4.62
CA LEU H 14 -7.64 0.64 -5.59
C LEU H 14 -8.10 1.36 -6.84
N LYS H 15 -7.88 0.72 -7.98
CA LYS H 15 -8.50 1.14 -9.22
C LYS H 15 -9.84 0.44 -9.36
N THR H 16 -10.79 1.12 -9.98
CA THR H 16 -12.06 0.50 -10.32
C THR H 16 -11.81 -0.82 -11.05
N GLY H 17 -12.46 -1.88 -10.57
CA GLY H 17 -12.31 -3.21 -11.13
C GLY H 17 -11.34 -4.10 -10.39
N GLN H 18 -10.48 -3.53 -9.56
CA GLN H 18 -9.47 -4.29 -8.84
C GLN H 18 -10.10 -5.07 -7.69
N SER H 19 -9.51 -6.22 -7.38
CA SER H 19 -9.97 -7.05 -6.28
C SER H 19 -9.21 -6.72 -4.99
N MET H 20 -9.89 -6.91 -3.87
CA MET H 20 -9.33 -6.63 -2.56
C MET H 20 -9.92 -7.59 -1.55
N THR H 21 -9.08 -8.07 -0.63
CA THR H 21 -9.54 -8.79 0.54
C THR H 21 -9.04 -8.08 1.79
N LEU H 22 -9.97 -7.82 2.72
CA LEU H 22 -9.63 -7.29 4.03
C LEU H 22 -9.62 -8.42 5.04
N GLN H 23 -8.58 -8.47 5.86
CA GLN H 23 -8.43 -9.52 6.86
C GLN H 23 -8.92 -9.02 8.21
N CYS H 24 -9.45 -9.94 9.00
CA CYS H 24 -9.81 -9.65 10.37
C CYS H 24 -9.70 -10.93 11.20
N ALA H 25 -9.03 -10.83 12.35
CA ALA H 25 -8.92 -11.92 13.30
C ALA H 25 -9.21 -11.37 14.70
N GLN H 26 -9.80 -12.20 15.55
CA GLN H 26 -9.95 -11.85 16.94
C GLN H 26 -9.40 -12.98 17.80
N ASP H 27 -8.77 -12.62 18.92
CA ASP H 27 -8.21 -13.57 19.87
C ASP H 27 -8.94 -13.53 21.20
N MET H 28 -10.23 -13.23 21.17
CA MET H 28 -11.03 -13.16 22.39
C MET H 28 -11.97 -14.34 22.53
N ASN H 29 -11.84 -15.34 21.64
CA ASN H 29 -12.72 -16.51 21.65
C ASN H 29 -14.18 -16.10 21.46
N HIS H 30 -14.40 -15.04 20.68
CA HIS H 30 -15.75 -14.58 20.39
C HIS H 30 -16.37 -15.48 19.33
N ASN H 31 -17.70 -15.52 19.32
CA ASN H 31 -18.42 -16.33 18.35
C ASN H 31 -18.97 -15.51 17.20
N SER H 32 -19.28 -14.24 17.41
CA SER H 32 -19.92 -13.40 16.42
C SER H 32 -18.93 -12.41 15.87
N MET H 33 -18.95 -12.22 14.54
CA MET H 33 -18.07 -11.28 13.86
C MET H 33 -18.86 -10.53 12.81
N TYR H 34 -18.42 -9.28 12.54
CA TYR H 34 -19.18 -8.33 11.74
C TYR H 34 -18.25 -7.51 10.85
N TRP H 35 -18.77 -7.05 9.72
CA TRP H 35 -18.04 -6.12 8.86
C TRP H 35 -18.96 -4.93 8.59
N TYR H 36 -18.51 -3.74 9.02
CA TYR H 36 -19.23 -2.49 8.86
C TYR H 36 -18.48 -1.58 7.91
N ARG H 37 -19.22 -0.65 7.31
CA ARG H 37 -18.61 0.50 6.65
C ARG H 37 -19.13 1.77 7.30
N GLN H 38 -18.24 2.74 7.46
CA GLN H 38 -18.55 4.03 8.07
C GLN H 38 -18.34 5.12 7.04
N ASP H 39 -19.37 5.93 6.84
CA ASP H 39 -19.32 6.98 5.84
C ASP H 39 -19.83 8.26 6.45
N PRO H 40 -19.37 9.42 5.96
CA PRO H 40 -19.81 10.70 6.53
C PRO H 40 -21.32 10.87 6.44
N GLY H 41 -21.89 11.42 7.51
CA GLY H 41 -23.29 11.77 7.51
C GLY H 41 -24.25 10.65 7.79
N MET H 42 -23.76 9.47 8.17
CA MET H 42 -24.66 8.35 8.41
C MET H 42 -24.05 7.38 9.41
N GLY H 43 -24.92 6.60 10.04
CA GLY H 43 -24.47 5.62 11.00
C GLY H 43 -23.81 4.44 10.32
N LEU H 44 -23.08 3.66 11.12
CA LEU H 44 -22.48 2.43 10.63
C LEU H 44 -23.51 1.57 9.92
N ARG H 45 -23.11 0.97 8.81
CA ARG H 45 -23.98 0.07 8.07
C ARG H 45 -23.33 -1.30 7.98
N LEU H 46 -24.10 -2.33 8.34
CA LEU H 46 -23.59 -3.69 8.35
C LEU H 46 -23.55 -4.23 6.91
N ILE H 47 -22.40 -4.78 6.53
CA ILE H 47 -22.23 -5.34 5.19
C ILE H 47 -22.58 -6.82 5.23
N TYR H 48 -21.90 -7.56 6.10
CA TYR H 48 -22.11 -8.99 6.31
C TYR H 48 -21.76 -9.31 7.74
N TYR H 49 -22.28 -10.43 8.25
CA TYR H 49 -21.95 -10.82 9.61
C TYR H 49 -21.95 -12.33 9.73
N SER H 50 -21.47 -12.80 10.88
CA SER H 50 -21.28 -14.22 11.12
C SER H 50 -21.67 -14.47 12.58
N ALA H 51 -22.91 -14.92 12.78
CA ALA H 51 -23.46 -15.10 14.12
C ALA H 51 -22.68 -16.15 14.90
N SER H 52 -22.09 -17.10 14.21
CA SER H 52 -21.39 -18.22 14.82
C SER H 52 -20.47 -18.82 13.78
N GLU H 53 -19.47 -19.55 14.25
CA GLU H 53 -18.61 -20.28 13.32
C GLU H 53 -19.49 -21.17 12.44
N GLY H 54 -19.19 -21.20 11.15
CA GLY H 54 -19.94 -22.02 10.23
C GLY H 54 -21.22 -21.42 9.68
N THR H 55 -21.51 -20.14 9.97
CA THR H 55 -22.65 -19.49 9.34
C THR H 55 -22.33 -18.02 9.12
N THR H 56 -22.85 -17.47 8.02
CA THR H 56 -22.73 -16.06 7.67
C THR H 56 -24.02 -15.64 6.97
N ASP H 57 -24.23 -14.33 6.88
CA ASP H 57 -25.43 -13.84 6.22
C ASP H 57 -25.25 -12.37 5.85
N LYS H 58 -25.99 -11.94 4.84
CA LYS H 58 -25.99 -10.56 4.40
C LYS H 58 -26.41 -9.65 5.54
N GLY H 59 -25.82 -8.46 5.56
CA GLY H 59 -26.27 -7.35 6.38
C GLY H 59 -27.20 -6.44 5.61
N GLU H 60 -27.05 -5.14 5.86
CA GLU H 60 -27.88 -4.15 5.16
C GLU H 60 -27.35 -3.80 3.78
N VAL H 61 -26.03 -3.83 3.56
CA VAL H 61 -25.48 -3.37 2.28
C VAL H 61 -24.53 -4.41 1.68
N PRO H 62 -25.00 -5.61 1.35
CA PRO H 62 -24.08 -6.69 0.95
C PRO H 62 -23.59 -6.60 -0.49
N ASN H 63 -24.23 -5.81 -1.34
CA ASN H 63 -23.96 -5.85 -2.78
C ASN H 63 -22.57 -5.32 -3.09
N GLY H 64 -21.81 -6.09 -3.88
CA GLY H 64 -20.44 -5.76 -4.17
C GLY H 64 -19.44 -6.37 -3.20
N TYR H 65 -19.90 -7.11 -2.20
CA TYR H 65 -19.03 -7.71 -1.20
C TYR H 65 -19.37 -9.18 -0.99
N ASN H 66 -18.39 -9.91 -0.47
CA ASN H 66 -18.56 -11.28 0.01
C ASN H 66 -17.67 -11.48 1.22
N VAL H 67 -18.01 -12.46 2.06
CA VAL H 67 -17.24 -12.73 3.26
C VAL H 67 -16.94 -14.22 3.36
N SER H 68 -16.00 -14.52 4.26
CA SER H 68 -15.65 -15.91 4.58
CA SER H 68 -15.64 -15.91 4.57
C SER H 68 -15.34 -15.98 6.07
N ARG H 69 -16.16 -16.70 6.81
CA ARG H 69 -15.83 -17.03 8.20
C ARG H 69 -14.93 -18.25 8.13
N LEU H 70 -13.63 -18.01 7.96
CA LEU H 70 -12.70 -19.10 7.70
C LEU H 70 -12.62 -20.05 8.89
N ASN H 71 -12.63 -19.52 10.10
CA ASN H 71 -12.60 -20.31 11.33
C ASN H 71 -13.21 -19.46 12.42
N LYS H 72 -13.08 -19.91 13.68
CA LYS H 72 -13.65 -19.15 14.77
C LYS H 72 -13.00 -17.77 14.91
N ARG H 73 -11.72 -17.67 14.57
CA ARG H 73 -11.00 -16.39 14.75
C ARG H 73 -11.09 -15.42 13.56
N GLU H 74 -11.31 -15.90 12.35
CA GLU H 74 -11.06 -15.08 11.18
C GLU H 74 -12.32 -14.86 10.36
N PHE H 75 -12.50 -13.62 9.89
CA PHE H 75 -13.66 -13.21 9.12
C PHE H 75 -13.19 -12.24 8.05
N SER H 76 -12.99 -12.72 6.83
CA SER H 76 -12.44 -11.89 5.76
C SER H 76 -13.56 -11.29 4.91
N LEU H 77 -13.29 -10.09 4.40
CA LEU H 77 -14.21 -9.35 3.55
C LEU H 77 -13.60 -9.20 2.15
N ARG H 78 -14.42 -9.45 1.14
CA ARG H 78 -13.94 -9.54 -0.24
C ARG H 78 -14.67 -8.52 -1.10
N LEU H 79 -13.90 -7.68 -1.79
CA LEU H 79 -14.37 -6.77 -2.83
C LEU H 79 -13.86 -7.33 -4.14
N GLU H 80 -14.72 -8.05 -4.86
CA GLU H 80 -14.26 -8.78 -6.03
C GLU H 80 -13.92 -7.83 -7.18
N SER H 81 -14.69 -6.75 -7.33
CA SER H 81 -14.51 -5.79 -8.42
C SER H 81 -14.85 -4.39 -7.89
N ALA H 82 -13.83 -3.69 -7.38
CA ALA H 82 -14.08 -2.48 -6.60
C ALA H 82 -14.75 -1.39 -7.44
N ALA H 83 -15.62 -0.62 -6.78
CA ALA H 83 -16.31 0.52 -7.35
C ALA H 83 -16.01 1.76 -6.52
N PRO H 84 -16.05 2.96 -7.12
CA PRO H 84 -15.82 4.18 -6.34
C PRO H 84 -16.77 4.33 -5.16
N SER H 85 -18.00 3.86 -5.29
CA SER H 85 -18.95 3.91 -4.18
C SER H 85 -18.44 3.18 -2.95
N GLN H 86 -17.53 2.24 -3.11
CA GLN H 86 -17.01 1.48 -1.98
C GLN H 86 -15.86 2.20 -1.29
N THR H 87 -15.53 3.41 -1.70
CA THR H 87 -14.63 4.26 -0.92
C THR H 87 -15.26 4.51 0.43
N SER H 88 -14.60 4.06 1.49
CA SER H 88 -15.18 4.08 2.82
C SER H 88 -14.11 3.70 3.82
N VAL H 89 -14.45 3.77 5.11
CA VAL H 89 -13.63 3.19 6.17
C VAL H 89 -14.36 1.95 6.66
N TYR H 90 -13.69 0.81 6.62
CA TYR H 90 -14.28 -0.47 6.94
C TYR H 90 -13.86 -0.91 8.33
N PHE H 91 -14.84 -1.30 9.14
CA PHE H 91 -14.59 -1.73 10.51
C PHE H 91 -15.04 -3.18 10.69
N CYS H 92 -14.14 -4.00 11.20
CA CYS H 92 -14.45 -5.33 11.68
CA CYS H 92 -14.51 -5.31 11.66
C CYS H 92 -14.78 -5.27 13.16
N ALA H 93 -15.72 -6.12 13.59
CA ALA H 93 -16.06 -6.14 15.01
C ALA H 93 -16.44 -7.55 15.43
N SER H 94 -16.41 -7.78 16.73
CA SER H 94 -16.76 -9.09 17.25
C SER H 94 -17.46 -8.92 18.59
N SER H 95 -18.25 -9.92 18.95
CA SER H 95 -18.97 -9.98 20.21
C SER H 95 -18.96 -11.42 20.68
N VAL H 96 -19.12 -11.61 21.99
CA VAL H 96 -19.05 -12.95 22.58
C VAL H 96 -20.10 -13.85 21.95
N TRP H 97 -21.34 -13.37 21.93
CA TRP H 97 -22.44 -14.08 21.27
C TRP H 97 -23.23 -13.06 20.46
N THR H 98 -24.34 -13.51 19.88
CA THR H 98 -25.30 -12.61 19.28
C THR H 98 -26.69 -13.10 19.63
N GLY H 99 -27.68 -12.25 19.42
CA GLY H 99 -28.99 -12.56 19.99
C GLY H 99 -29.01 -12.47 21.49
N GLU H 100 -28.09 -11.70 22.05
CA GLU H 100 -28.04 -11.41 23.49
C GLU H 100 -28.01 -9.90 23.61
N GLY H 101 -29.01 -9.34 24.29
CA GLY H 101 -29.26 -7.91 24.16
C GLY H 101 -28.11 -7.04 24.62
N SER H 102 -27.45 -7.42 25.71
CA SER H 102 -26.54 -6.49 26.36
C SER H 102 -25.08 -6.63 25.92
N GLY H 103 -24.75 -7.64 25.12
CA GLY H 103 -23.35 -7.84 24.74
C GLY H 103 -22.89 -6.78 23.77
N GLU H 104 -21.75 -6.14 24.09
CA GLU H 104 -21.24 -5.04 23.29
C GLU H 104 -20.32 -5.52 22.18
N LEU H 105 -20.04 -4.63 21.24
CA LEU H 105 -19.14 -4.91 20.12
C LEU H 105 -17.73 -4.45 20.45
N PHE H 106 -16.75 -5.20 19.97
CA PHE H 106 -15.34 -4.84 20.04
C PHE H 106 -14.85 -4.62 18.61
N PHE H 107 -14.30 -3.44 18.34
CA PHE H 107 -13.95 -3.02 16.99
C PHE H 107 -12.45 -3.14 16.71
N GLY H 108 -12.13 -3.48 15.45
CA GLY H 108 -10.77 -3.36 14.95
C GLY H 108 -10.45 -1.91 14.63
N GLU H 109 -9.20 -1.69 14.19
CA GLU H 109 -8.73 -0.32 14.00
C GLU H 109 -9.30 0.35 12.76
N GLY H 110 -9.92 -0.39 11.85
CA GLY H 110 -10.46 0.25 10.67
C GLY H 110 -9.53 0.15 9.49
N SER H 111 -10.11 0.15 8.28
CA SER H 111 -9.36 0.04 7.02
C SER H 111 -9.91 1.07 6.06
N ARG H 112 -9.06 2.02 5.64
CA ARG H 112 -9.52 3.10 4.76
C ARG H 112 -9.24 2.72 3.31
N LEU H 113 -10.30 2.51 2.56
CA LEU H 113 -10.23 2.20 1.14
C LEU H 113 -10.64 3.42 0.32
N THR H 114 -9.85 3.71 -0.71
CA THR H 114 -10.22 4.70 -1.72
C THR H 114 -10.15 4.02 -3.08
N VAL H 115 -11.26 4.00 -3.80
CA VAL H 115 -11.33 3.37 -5.12
C VAL H 115 -11.43 4.47 -6.17
N LEU H 116 -10.54 4.42 -7.16
CA LEU H 116 -10.41 5.50 -8.13
C LEU H 116 -10.54 4.97 -9.56
N GLU H 117 -11.18 5.76 -10.42
CA GLU H 117 -11.22 5.43 -11.84
C GLU H 117 -9.82 5.38 -12.43
N ASP H 118 -8.97 6.31 -12.03
CA ASP H 118 -7.65 6.48 -12.61
C ASP H 118 -6.67 6.73 -11.47
N LEU H 119 -5.53 6.03 -11.50
CA LEU H 119 -4.50 6.33 -10.50
C LEU H 119 -3.72 7.61 -10.82
N LYS H 120 -4.02 8.29 -11.93
CA LYS H 120 -3.22 9.46 -12.29
C LYS H 120 -3.45 10.65 -11.38
N ASN H 121 -4.40 10.58 -10.43
CA ASN H 121 -4.53 11.68 -9.47
C ASN H 121 -4.02 11.29 -8.09
N VAL H 122 -3.22 10.23 -7.99
CA VAL H 122 -2.56 9.84 -6.74
C VAL H 122 -1.24 10.61 -6.64
N PHE H 123 -1.00 11.25 -5.48
CA PHE H 123 0.15 12.13 -5.25
C PHE H 123 0.66 11.90 -3.83
N PRO H 124 1.98 11.78 -3.64
CA PRO H 124 2.53 11.79 -2.29
C PRO H 124 2.64 13.23 -1.80
N PRO H 125 2.88 13.44 -0.52
CA PRO H 125 2.99 14.82 -0.02
C PRO H 125 4.37 15.40 -0.28
N GLU H 126 4.39 16.72 -0.42
CA GLU H 126 5.58 17.52 -0.16
C GLU H 126 5.61 17.79 1.34
N VAL H 127 6.78 17.70 1.94
CA VAL H 127 6.92 17.91 3.38
C VAL H 127 7.96 18.98 3.62
N ALA H 128 7.62 19.99 4.43
CA ALA H 128 8.53 21.09 4.76
C ALA H 128 8.34 21.48 6.21
N VAL H 129 9.44 21.88 6.84
CA VAL H 129 9.44 22.29 8.25
C VAL H 129 9.86 23.75 8.30
N PHE H 130 9.15 24.54 9.11
CA PHE H 130 9.40 25.96 9.21
C PHE H 130 9.76 26.30 10.65
N GLU H 131 10.90 26.98 10.83
CA GLU H 131 11.50 27.21 12.13
C GLU H 131 10.77 28.32 12.89
N PRO H 132 10.85 28.30 14.23
CA PRO H 132 10.06 29.22 15.05
C PRO H 132 10.36 30.69 14.80
N SER H 133 9.35 31.52 15.03
CA SER H 133 9.48 32.96 14.96
C SER H 133 10.30 33.50 16.14
N GLU H 134 11.32 34.29 15.84
CA GLU H 134 12.09 34.96 16.89
C GLU H 134 11.19 35.88 17.73
N ALA H 135 10.21 36.51 17.10
CA ALA H 135 9.26 37.32 17.87
C ALA H 135 8.49 36.47 18.87
N GLU H 136 8.02 35.29 18.46
CA GLU H 136 7.35 34.39 19.41
C GLU H 136 8.27 34.02 20.56
N ILE H 137 9.53 33.70 20.26
CA ILE H 137 10.47 33.33 21.31
C ILE H 137 10.63 34.46 22.32
N SER H 138 10.82 35.69 21.85
CA SER H 138 11.03 36.76 22.80
C SER H 138 9.75 37.15 23.52
N HIS H 139 8.59 37.03 22.85
CA HIS H 139 7.35 37.43 23.48
C HIS H 139 6.79 36.39 24.45
N THR H 140 7.06 35.09 24.22
CA THR H 140 6.42 34.04 25.01
C THR H 140 7.36 33.08 25.71
N GLN H 141 8.65 33.07 25.37
CA GLN H 141 9.61 32.07 25.84
C GLN H 141 9.23 30.67 25.38
N LYS H 142 8.46 30.56 24.31
CA LYS H 142 8.14 29.29 23.69
C LYS H 142 8.43 29.39 22.19
N ALA H 143 8.57 28.25 21.55
CA ALA H 143 8.98 28.20 20.15
C ALA H 143 8.14 27.16 19.43
N THR H 144 7.40 27.59 18.42
CA THR H 144 6.50 26.70 17.67
C THR H 144 7.10 26.44 16.29
N LEU H 145 7.45 25.17 16.04
CA LEU H 145 7.75 24.70 14.68
C LEU H 145 6.48 24.27 13.98
N VAL H 146 6.46 24.41 12.65
CA VAL H 146 5.31 24.00 11.85
C VAL H 146 5.79 23.05 10.76
N CYS H 147 5.01 21.98 10.53
CA CYS H 147 5.23 21.06 9.43
C CYS H 147 4.04 21.14 8.48
N LEU H 148 4.33 21.27 7.20
CA LEU H 148 3.29 21.32 6.17
C LEU H 148 3.47 20.12 5.24
N ALA H 149 2.42 19.32 5.11
CA ALA H 149 2.39 18.23 4.14
C ALA H 149 1.32 18.58 3.13
N THR H 150 1.71 18.81 1.88
CA THR H 150 0.83 19.45 0.92
C THR H 150 0.80 18.71 -0.41
N GLY H 151 -0.37 18.78 -1.06
CA GLY H 151 -0.53 18.27 -2.40
C GLY H 151 -0.73 16.78 -2.49
N PHE H 152 -1.04 16.10 -1.39
CA PHE H 152 -1.14 14.65 -1.43
C PHE H 152 -2.58 14.21 -1.74
N TYR H 153 -2.70 12.99 -2.21
CA TYR H 153 -3.97 12.37 -2.53
C TYR H 153 -3.77 10.89 -2.77
N PRO H 154 -4.60 10.02 -2.19
CA PRO H 154 -5.73 10.40 -1.31
C PRO H 154 -5.27 10.69 0.11
N ASP H 155 -6.22 10.91 1.02
CA ASP H 155 -5.90 11.26 2.40
C ASP H 155 -5.52 9.99 3.17
N HIS H 156 -4.36 9.45 2.82
CA HIS H 156 -3.79 8.24 3.45
C HIS H 156 -2.41 8.60 3.98
N VAL H 157 -2.35 9.37 5.07
CA VAL H 157 -1.06 9.84 5.60
C VAL H 157 -1.00 9.68 7.11
N GLU H 158 0.21 9.50 7.60
CA GLU H 158 0.51 9.51 9.04
C GLU H 158 1.70 10.43 9.27
N LEU H 159 1.47 11.50 10.03
CA LEU H 159 2.50 12.48 10.32
C LEU H 159 3.01 12.28 11.74
N SER H 160 4.33 12.37 11.91
CA SER H 160 4.97 12.19 13.20
C SER H 160 6.11 13.18 13.36
N TRP H 161 6.38 13.56 14.61
CA TRP H 161 7.49 14.44 14.94
C TRP H 161 8.58 13.66 15.66
N TRP H 162 9.82 13.89 15.28
CA TRP H 162 10.95 13.18 15.86
C TRP H 162 11.93 14.21 16.40
N VAL H 163 12.25 14.10 17.69
CA VAL H 163 13.21 14.96 18.36
C VAL H 163 14.36 14.09 18.85
N ASN H 164 15.57 14.34 18.30
CA ASN H 164 16.77 13.61 18.71
C ASN H 164 16.61 12.12 18.51
N GLY H 165 16.01 11.72 17.39
CA GLY H 165 15.81 10.33 17.06
C GLY H 165 14.68 9.64 17.78
N LYS H 166 13.92 10.34 18.61
CA LYS H 166 12.82 9.76 19.36
C LYS H 166 11.52 10.45 18.96
N GLU H 167 10.48 9.66 18.69
CA GLU H 167 9.18 10.24 18.38
C GLU H 167 8.59 10.90 19.61
N VAL H 168 7.95 12.06 19.41
CA VAL H 168 7.34 12.80 20.50
C VAL H 168 5.86 13.05 20.19
N HIS H 169 5.09 13.27 21.25
CA HIS H 169 3.65 13.55 21.14
C HIS H 169 3.25 14.75 21.97
N SER H 170 3.93 14.97 23.09
CA SER H 170 3.62 16.13 23.91
C SER H 170 4.10 17.39 23.22
N GLY H 171 3.27 18.43 23.25
CA GLY H 171 3.57 19.65 22.53
C GLY H 171 3.20 19.62 21.06
N VAL H 172 2.61 18.53 20.57
CA VAL H 172 2.27 18.36 19.16
C VAL H 172 0.78 18.57 18.98
N CYS H 173 0.40 19.29 17.92
CA CYS H 173 -0.99 19.31 17.46
C CYS H 173 -1.00 19.19 15.95
N THR H 174 -1.55 18.08 15.45
CA THR H 174 -1.74 17.85 14.02
C THR H 174 -3.21 18.03 13.69
N ASP H 175 -3.50 18.74 12.59
CA ASP H 175 -4.88 18.95 12.17
C ASP H 175 -5.62 17.61 12.17
N PRO H 176 -6.79 17.52 12.82
CA PRO H 176 -7.53 16.25 12.81
C PRO H 176 -8.10 15.90 11.45
N GLN H 177 -8.35 16.89 10.59
CA GLN H 177 -8.75 16.58 9.23
C GLN H 177 -7.93 17.38 8.24
N PRO H 178 -7.68 16.84 7.06
CA PRO H 178 -6.89 17.58 6.07
C PRO H 178 -7.70 18.70 5.46
N LEU H 179 -6.96 19.65 4.88
CA LEU H 179 -7.53 20.76 4.14
C LEU H 179 -7.59 20.41 2.65
N LYS H 180 -8.76 20.54 2.03
CA LYS H 180 -8.85 20.41 0.58
C LYS H 180 -8.21 21.64 -0.06
N GLU H 181 -7.18 21.43 -0.89
CA GLU H 181 -6.49 22.58 -1.50
C GLU H 181 -7.39 23.31 -2.48
N GLN H 182 -8.29 22.59 -3.16
CA GLN H 182 -9.29 23.19 -4.04
C GLN H 182 -10.65 22.67 -3.58
N PRO H 183 -11.28 23.34 -2.62
CA PRO H 183 -12.47 22.75 -1.96
C PRO H 183 -13.60 22.39 -2.89
N ALA H 184 -13.67 23.00 -4.09
CA ALA H 184 -14.79 22.75 -4.99
C ALA H 184 -14.62 21.50 -5.84
N LEU H 185 -13.39 21.02 -6.04
CA LEU H 185 -13.14 19.86 -6.87
C LEU H 185 -13.29 18.57 -6.06
N ASN H 186 -13.85 17.55 -6.69
CA ASN H 186 -14.11 16.30 -5.97
C ASN H 186 -12.83 15.51 -5.73
N ASP H 187 -11.85 15.62 -6.62
CA ASP H 187 -10.59 14.90 -6.52
C ASP H 187 -9.47 15.78 -5.96
N SER H 188 -9.83 16.79 -5.16
CA SER H 188 -8.85 17.78 -4.72
C SER H 188 -7.72 17.13 -3.94
N ARG H 189 -6.50 17.60 -4.19
CA ARG H 189 -5.38 17.19 -3.36
C ARG H 189 -5.47 17.89 -2.00
N TYR H 190 -4.78 17.33 -1.02
CA TYR H 190 -4.97 17.70 0.38
C TYR H 190 -3.76 18.41 0.96
N ALA H 191 -3.99 19.18 2.02
CA ALA H 191 -2.94 19.77 2.82
C ALA H 191 -3.17 19.44 4.28
N LEU H 192 -2.08 19.34 5.05
CA LEU H 192 -2.15 18.98 6.45
C LEU H 192 -1.04 19.74 7.19
N SER H 193 -1.40 20.41 8.29
CA SER H 193 -0.42 21.12 9.08
C SER H 193 -0.28 20.50 10.46
N SER H 194 0.92 20.61 11.04
CA SER H 194 1.11 20.16 12.40
C SER H 194 2.07 21.13 13.07
N ARG H 195 1.93 21.27 14.39
CA ARG H 195 2.79 22.14 15.18
C ARG H 195 3.49 21.31 16.24
N LEU H 196 4.74 21.65 16.51
CA LEU H 196 5.45 21.18 17.70
C LEU H 196 5.92 22.40 18.46
N ARG H 197 5.47 22.55 19.70
CA ARG H 197 5.82 23.70 20.50
C ARG H 197 6.70 23.26 21.66
N VAL H 198 7.86 23.92 21.80
CA VAL H 198 8.82 23.59 22.84
C VAL H 198 9.15 24.87 23.59
N SER H 199 9.85 24.71 24.71
CA SER H 199 10.34 25.88 25.43
C SER H 199 11.41 26.58 24.61
N ALA H 200 11.55 27.89 24.82
CA ALA H 200 12.59 28.62 24.13
C ALA H 200 13.97 28.03 24.41
N THR H 201 14.22 27.62 25.66
CA THR H 201 15.52 27.05 25.99
C THR H 201 15.76 25.74 25.24
N PHE H 202 14.72 24.93 25.06
CA PHE H 202 14.90 23.70 24.30
C PHE H 202 15.25 24.00 22.85
N TRP H 203 14.56 24.96 22.23
CA TRP H 203 14.86 25.32 20.85
C TRP H 203 16.25 25.91 20.70
N GLN H 204 16.72 26.63 21.71
CA GLN H 204 18.00 27.33 21.64
C GLN H 204 19.19 26.42 21.89
N ASN H 205 18.97 25.13 22.15
CA ASN H 205 20.06 24.17 22.24
C ASN H 205 20.46 23.74 20.83
N PRO H 206 21.67 24.03 20.38
CA PRO H 206 22.04 23.74 18.98
C PRO H 206 22.19 22.26 18.66
N ARG H 207 22.27 21.38 19.65
CA ARG H 207 22.36 19.95 19.41
CA ARG H 207 22.37 19.95 19.39
C ARG H 207 21.00 19.27 19.32
N ASN H 208 19.91 20.01 19.53
CA ASN H 208 18.58 19.44 19.40
C ASN H 208 18.18 19.37 17.93
N HIS H 209 17.69 18.21 17.51
CA HIS H 209 17.38 17.94 16.12
C HIS H 209 15.89 17.64 16.00
N PHE H 210 15.21 18.34 15.10
CA PHE H 210 13.77 18.21 14.93
C PHE H 210 13.48 17.65 13.54
N ARG H 211 12.57 16.68 13.48
CA ARG H 211 12.21 16.13 12.18
C ARG H 211 10.72 15.81 12.15
N CYS H 212 10.09 16.19 11.04
CA CYS H 212 8.70 15.85 10.75
CA CYS H 212 8.70 15.85 10.75
CA CYS H 212 8.70 15.85 10.75
CA CYS H 212 8.72 15.81 10.79
C CYS H 212 8.70 14.82 9.63
N GLN H 213 8.03 13.70 9.84
CA GLN H 213 8.00 12.65 8.83
C GLN H 213 6.57 12.27 8.54
N VAL H 214 6.29 12.03 7.26
CA VAL H 214 4.94 11.70 6.80
C VAL H 214 5.03 10.40 6.03
N GLN H 215 4.38 9.36 6.55
CA GLN H 215 4.19 8.11 5.84
C GLN H 215 2.98 8.24 4.94
N PHE H 216 3.17 8.01 3.65
CA PHE H 216 2.10 8.07 2.66
C PHE H 216 1.85 6.65 2.15
N TYR H 217 0.58 6.26 2.08
CA TYR H 217 0.20 4.94 1.56
C TYR H 217 -0.34 5.15 0.16
N GLY H 218 0.38 4.62 -0.83
CA GLY H 218 -0.01 4.83 -2.21
C GLY H 218 0.04 3.57 -3.03
N LEU H 219 0.71 3.62 -4.17
CA LEU H 219 0.71 2.50 -5.09
C LEU H 219 1.78 1.49 -4.71
N SER H 220 1.67 0.31 -5.31
CA SER H 220 2.63 -0.77 -5.10
C SER H 220 3.11 -1.29 -6.44
N GLU H 221 3.99 -2.30 -6.39
CA GLU H 221 4.63 -2.83 -7.59
C GLU H 221 3.62 -3.19 -8.68
N ASN H 222 2.50 -3.81 -8.32
CA ASN H 222 1.61 -4.31 -9.35
C ASN H 222 0.63 -3.27 -9.88
N ASP H 223 0.50 -2.13 -9.22
CA ASP H 223 -0.28 -1.03 -9.80
C ASP H 223 0.40 -0.53 -11.06
N GLU H 224 -0.36 -0.39 -12.14
CA GLU H 224 0.17 0.09 -13.40
C GLU H 224 0.37 1.60 -13.36
N TRP H 225 1.48 2.07 -13.92
CA TRP H 225 1.75 3.49 -13.97
C TRP H 225 2.14 3.86 -15.39
N THR H 226 1.52 4.91 -15.93
CA THR H 226 1.78 5.35 -17.30
C THR H 226 2.04 6.85 -17.41
N GLN H 227 2.06 7.57 -16.30
CA GLN H 227 2.25 9.02 -16.33
C GLN H 227 3.73 9.38 -16.45
N ASP H 228 3.98 10.61 -16.89
CA ASP H 228 5.35 11.10 -17.02
C ASP H 228 6.02 11.29 -15.67
N ARG H 229 5.27 11.69 -14.65
CA ARG H 229 5.86 11.92 -13.34
C ARG H 229 6.15 10.57 -12.65
N ALA H 230 6.83 10.66 -11.50
CA ALA H 230 7.24 9.48 -10.76
C ALA H 230 6.04 8.74 -10.20
N LYS H 231 6.11 7.42 -10.23
CA LYS H 231 5.05 6.57 -9.69
C LYS H 231 4.85 6.87 -8.20
N PRO H 232 3.62 7.20 -7.76
CA PRO H 232 3.36 7.58 -6.35
C PRO H 232 3.21 6.39 -5.42
N VAL H 233 4.33 5.71 -5.18
CA VAL H 233 4.31 4.53 -4.33
C VAL H 233 4.23 4.93 -2.86
N THR H 234 3.85 3.96 -2.03
CA THR H 234 3.96 4.10 -0.58
C THR H 234 5.40 4.46 -0.22
N GLN H 235 5.55 5.46 0.65
CA GLN H 235 6.87 6.02 0.91
C GLN H 235 6.79 6.96 2.11
N ILE H 236 7.95 7.29 2.65
CA ILE H 236 8.09 8.29 3.70
C ILE H 236 8.72 9.53 3.10
N VAL H 237 8.11 10.68 3.35
CA VAL H 237 8.64 11.99 2.99
C VAL H 237 8.86 12.75 4.29
N SER H 238 10.06 13.34 4.45
CA SER H 238 10.34 14.02 5.71
C SER H 238 11.11 15.31 5.47
N ALA H 239 11.21 16.10 6.53
CA ALA H 239 11.96 17.35 6.55
C ALA H 239 12.47 17.57 7.96
N GLU H 240 13.51 18.39 8.11
CA GLU H 240 14.18 18.52 9.38
C GLU H 240 14.51 19.97 9.68
N ALA H 241 14.86 20.21 10.94
CA ALA H 241 15.42 21.48 11.41
C ALA H 241 16.28 21.20 12.64
N TRP H 242 17.28 22.06 12.85
CA TRP H 242 18.14 21.99 14.02
C TRP H 242 17.85 23.18 14.93
N GLY H 243 18.00 22.97 16.23
CA GLY H 243 17.92 24.08 17.17
C GLY H 243 18.96 25.14 16.87
N ARG H 244 18.60 26.39 17.11
CA ARG H 244 19.47 27.51 16.79
C ARG H 244 19.83 28.26 18.06
N ALA H 245 21.14 28.38 18.32
CA ALA H 245 21.61 29.11 19.49
C ALA H 245 21.53 30.62 19.28
N ASP H 246 21.69 31.08 18.05
CA ASP H 246 21.62 32.52 17.73
C ASP H 246 20.21 33.05 17.91
C4 2LJ I . -36.81 -19.36 19.09
C6 2LJ I . -37.94 -17.56 17.09
C7 2LJ I . -38.51 -16.67 16.08
C8 2LJ I . -39.12 -15.40 16.58
N1 2LJ I . -36.57 -18.01 21.54
N3 2LJ I . -36.36 -19.95 20.25
N5 2LJ I . -37.67 -17.10 18.25
C4A 2LJ I . -37.14 -17.93 19.23
O4 2LJ I . -36.94 -20.04 18.08
C2 2LJ I . -36.20 -19.33 21.47
O2 2LJ I . -35.72 -19.93 22.44
C8A 2LJ I . -37.04 -17.28 20.49
N8 2LJ I . -37.40 -15.95 20.68
C1' 2LJ I . -37.43 -15.34 22.00
C2' 2LJ I . -36.22 -14.52 22.41
O2' 2LJ I . -35.81 -13.64 21.36
C3' 2LJ I . -35.09 -15.45 22.84
O3' 2LJ I . -35.63 -16.47 23.67
C4' 2LJ I . -33.98 -14.72 23.60
O4' 2LJ I . -33.02 -15.67 24.04
C5' 2LJ I . -34.52 -13.95 24.78
C1 GOL J . -28.56 -19.57 4.95
O1 GOL J . -28.36 -20.97 4.96
C2 GOL J . -27.16 -18.88 4.80
O2 GOL J . -26.47 -18.77 6.01
C3 GOL J . -27.48 -17.50 4.20
O3 GOL J . -26.27 -16.95 3.74
C1 GOL K . -64.95 -31.17 12.70
O1 GOL K . -64.19 -32.32 12.54
C2 GOL K . -63.99 -29.96 12.60
O2 GOL K . -63.67 -29.66 11.28
C3 GOL K . -64.70 -28.79 13.32
O3 GOL K . -63.71 -27.98 13.88
C4 2LJ L . 32.44 12.83 -6.81
C6 2LJ L . 33.06 9.97 -6.66
C7 2LJ L . 33.40 8.54 -6.59
C8 2LJ L . 32.29 7.57 -6.30
N1 2LJ L . 29.65 13.17 -7.00
N3 2LJ L . 31.80 14.05 -6.81
N5 2LJ L . 31.85 10.33 -6.84
C4A 2LJ L . 31.51 11.68 -6.91
O4 2LJ L . 33.66 12.78 -6.69
C2 2LJ L . 30.45 14.29 -6.91
O2 2LJ L . 29.99 15.43 -6.94
C8A 2LJ L . 30.12 11.89 -6.97
N8 2LJ L . 29.20 10.84 -6.95
C1' 2LJ L . 27.76 10.93 -6.87
C2' 2LJ L . 26.96 10.93 -8.17
O2' 2LJ L . 27.31 9.82 -9.00
C3' 2LJ L . 27.12 12.25 -8.92
O3' 2LJ L . 26.96 13.33 -8.00
C4' 2LJ L . 26.09 12.41 -10.04
O4' 2LJ L . 26.30 13.66 -10.70
C5' 2LJ L . 24.67 12.30 -9.52
C1 GOL M . 35.83 26.80 22.93
O1 GOL M . 35.03 25.70 22.58
C2 GOL M . 37.27 26.46 22.50
O2 GOL M . 37.72 25.28 23.08
C3 GOL M . 38.13 27.69 22.94
O3 GOL M . 37.82 28.77 22.09
C1 GOL N . 36.94 34.04 16.62
O1 GOL N . 36.64 32.86 15.98
C2 GOL N . 38.42 34.20 16.40
O2 GOL N . 39.15 33.96 17.55
C3 GOL N . 38.54 35.62 15.82
O3 GOL N . 37.57 35.68 14.80
C1 GOL O . 40.32 32.15 21.06
O1 GOL O . 39.15 32.26 21.81
C2 GOL O . 40.96 30.74 21.27
O2 GOL O . 40.13 29.69 20.91
C3 GOL O . 41.41 30.66 22.75
O3 GOL O . 42.13 29.46 22.90
NA NA P . 43.77 39.26 3.84
C1 GOL Q . -23.15 0.67 0.15
O1 GOL Q . -22.41 -0.37 -0.41
C2 GOL Q . -23.91 1.38 -1.00
O2 GOL Q . -23.10 2.30 -1.67
C3 GOL Q . -25.13 2.01 -0.30
O3 GOL Q . -25.66 2.98 -1.13
NA NA R . -22.78 -9.53 -1.90
#